data_3QME
# 
_entry.id   3QME 
# 
_audit_conform.dict_name       mmcif_pdbx.dic 
_audit_conform.dict_version    5.397 
_audit_conform.dict_location   http://mmcif.pdb.org/dictionaries/ascii/mmcif_pdbx.dic 
# 
loop_
_database_2.database_id 
_database_2.database_code 
_database_2.pdbx_database_accession 
_database_2.pdbx_DOI 
PDB   3QME         pdb_00003qme 10.2210/pdb3qme/pdb 
RCSB  RCSB063827   ?            ?                   
WWPDB D_1000063827 ?            ?                   
# 
loop_
_pdbx_audit_revision_history.ordinal 
_pdbx_audit_revision_history.data_content_type 
_pdbx_audit_revision_history.major_revision 
_pdbx_audit_revision_history.minor_revision 
_pdbx_audit_revision_history.revision_date 
1 'Structure model' 1 0 2011-02-23 
2 'Structure model' 1 1 2011-07-13 
3 'Structure model' 1 2 2017-11-08 
4 'Structure model' 1 3 2018-03-07 
5 'Structure model' 1 4 2023-09-13 
6 'Structure model' 1 5 2024-10-09 
# 
_pdbx_audit_revision_details.ordinal             1 
_pdbx_audit_revision_details.revision_ordinal    1 
_pdbx_audit_revision_details.data_content_type   'Structure model' 
_pdbx_audit_revision_details.provider            repository 
_pdbx_audit_revision_details.type                'Initial release' 
_pdbx_audit_revision_details.description         ? 
_pdbx_audit_revision_details.details             ? 
# 
loop_
_pdbx_audit_revision_group.ordinal 
_pdbx_audit_revision_group.revision_ordinal 
_pdbx_audit_revision_group.data_content_type 
_pdbx_audit_revision_group.group 
1 2 'Structure model' 'Version format compliance' 
2 3 'Structure model' 'Refinement description'    
3 4 'Structure model' 'Data collection'           
4 5 'Structure model' 'Data collection'           
5 5 'Structure model' 'Database references'       
6 5 'Structure model' 'Derived calculations'      
7 5 'Structure model' 'Refinement description'    
8 6 'Structure model' 'Structure summary'         
# 
loop_
_pdbx_audit_revision_category.ordinal 
_pdbx_audit_revision_category.revision_ordinal 
_pdbx_audit_revision_category.data_content_type 
_pdbx_audit_revision_category.category 
1  3 'Structure model' software                      
2  4 'Structure model' diffrn_source                 
3  5 'Structure model' chem_comp_atom                
4  5 'Structure model' chem_comp_bond                
5  5 'Structure model' database_2                    
6  5 'Structure model' pdbx_initial_refinement_model 
7  5 'Structure model' struct_ref_seq_dif            
8  5 'Structure model' struct_site                   
9  6 'Structure model' pdbx_entry_details            
10 6 'Structure model' pdbx_modification_feature     
# 
loop_
_pdbx_audit_revision_item.ordinal 
_pdbx_audit_revision_item.revision_ordinal 
_pdbx_audit_revision_item.data_content_type 
_pdbx_audit_revision_item.item 
1 4 'Structure model' '_diffrn_source.source'               
2 5 'Structure model' '_database_2.pdbx_DOI'                
3 5 'Structure model' '_database_2.pdbx_database_accession' 
4 5 'Structure model' '_struct_ref_seq_dif.details'         
5 5 'Structure model' '_struct_site.pdbx_auth_asym_id'      
6 5 'Structure model' '_struct_site.pdbx_auth_comp_id'      
7 5 'Structure model' '_struct_site.pdbx_auth_seq_id'       
# 
_pdbx_database_PDB_obs_spr.id               SPRSDE 
_pdbx_database_PDB_obs_spr.date             2011-02-23 
_pdbx_database_PDB_obs_spr.pdb_id           3QME 
_pdbx_database_PDB_obs_spr.replace_pdb_id   3L5G 
_pdbx_database_PDB_obs_spr.details          ? 
# 
_pdbx_database_status.entry_id                        3QME 
_pdbx_database_status.status_code                     REL 
_pdbx_database_status.deposit_site                    RCSB 
_pdbx_database_status.process_site                    RCSB 
_pdbx_database_status.recvd_initial_deposition_date   2011-02-04 
_pdbx_database_status.status_code_sf                  REL 
_pdbx_database_status.status_code_mr                  ? 
_pdbx_database_status.SG_entry                        ? 
_pdbx_database_status.status_code_cs                  ? 
_pdbx_database_status.pdb_format_compatible           Y 
_pdbx_database_status.methods_development_category    ? 
_pdbx_database_status.status_code_nmr_data            ? 
# 
loop_
_pdbx_database_related.db_name 
_pdbx_database_related.db_id 
_pdbx_database_related.details 
_pdbx_database_related.content_type 
PDB 3L47 'AgamOBP22a with two Au ion'                    unspecified 
PDB 3L4A 'AgamOBP22a with a native Glycerol'             unspecified 
PDB 3L4L 'AgamOBP22a with a binding ligand Benzaldehyde' unspecified 
PDB 3PJI 'AgamOBP22a in its Open Status'                 unspecified 
# 
loop_
_audit_author.name 
_audit_author.pdbx_ordinal 
'Ren, H.'   1 
'Zhang, S.' 2 
# 
_citation.id                        primary 
_citation.title                     
'Crystal Structures of an Anopheles gambiae Odorant-binding Protein AgamOBP22a and Complexes with Bound Odorants' 
_citation.journal_abbrev            'To be Published' 
_citation.journal_volume            ? 
_citation.page_first                ? 
_citation.page_last                 ? 
_citation.year                      ? 
_citation.journal_id_ASTM           ? 
_citation.country                   ? 
_citation.journal_id_ISSN           ? 
_citation.journal_id_CSD            0353 
_citation.book_publisher            ? 
_citation.pdbx_database_id_PubMed   ? 
_citation.pdbx_database_id_DOI      ? 
# 
loop_
_citation_author.citation_id 
_citation_author.name 
_citation_author.ordinal 
_citation_author.identifier_ORCID 
primary 'Ren, H.'     1 ? 
primary 'Yang, G.'    2 ? 
primary 'Winberg, G.' 3 ? 
primary 'Turin, L.'   4 ? 
primary 'Zhang, S.'   5 ? 
# 
loop_
_entity.id 
_entity.type 
_entity.src_method 
_entity.pdbx_description 
_entity.formula_weight 
_entity.pdbx_number_of_molecules 
_entity.pdbx_ec 
_entity.pdbx_mutation 
_entity.pdbx_fragment 
_entity.details 
1 polymer     man 'Odorant binding protein (AGAP010409-PA)' 16043.329 1  ? ? 'AgamOBP22a, UNP residues 22-144' ? 
2 non-polymer syn CYCLOHEXANONE                             98.143    1  ? ? ?                                 ? 
3 non-polymer syn 'AMMONIUM ION'                            18.038    4  ? ? ?                                 ? 
4 water       nat water                                     18.015    69 ? ? ?                                 ? 
# 
_entity_name_com.entity_id   1 
_entity_name_com.name        'Odorant-binding protein OBPjj83b' 
# 
_entity_poly.entity_id                      1 
_entity_poly.type                           'polypeptide(L)' 
_entity_poly.nstd_linkage                   no 
_entity_poly.nstd_monomer                   no 
_entity_poly.pdbx_seq_one_letter_code       
;ADNNESVIESCSNAVQGAANDELKVHYRANEFPDDPVTHCFVRCIGLELNLYDDKYGVDLQANWENLGNSDDADEEFVAK
HRACLEAKNLETIEDLCERAYSAFQCLREDYEMYQNNNNATSELVPRGSSGELWSHPQFEK
;
_entity_poly.pdbx_seq_one_letter_code_can   
;ADNNESVIESCSNAVQGAANDELKVHYRANEFPDDPVTHCFVRCIGLELNLYDDKYGVDLQANWENLGNSDDADEEFVAK
HRACLEAKNLETIEDLCERAYSAFQCLREDYEMYQNNNNATSELVPRGSSGELWSHPQFEK
;
_entity_poly.pdbx_strand_id                 A 
_entity_poly.pdbx_target_identifier         ? 
# 
loop_
_pdbx_entity_nonpoly.entity_id 
_pdbx_entity_nonpoly.name 
_pdbx_entity_nonpoly.comp_id 
2 CYCLOHEXANONE  CYH 
3 'AMMONIUM ION' NH4 
4 water          HOH 
# 
loop_
_entity_poly_seq.entity_id 
_entity_poly_seq.num 
_entity_poly_seq.mon_id 
_entity_poly_seq.hetero 
1 1   ALA n 
1 2   ASP n 
1 3   ASN n 
1 4   ASN n 
1 5   GLU n 
1 6   SER n 
1 7   VAL n 
1 8   ILE n 
1 9   GLU n 
1 10  SER n 
1 11  CYS n 
1 12  SER n 
1 13  ASN n 
1 14  ALA n 
1 15  VAL n 
1 16  GLN n 
1 17  GLY n 
1 18  ALA n 
1 19  ALA n 
1 20  ASN n 
1 21  ASP n 
1 22  GLU n 
1 23  LEU n 
1 24  LYS n 
1 25  VAL n 
1 26  HIS n 
1 27  TYR n 
1 28  ARG n 
1 29  ALA n 
1 30  ASN n 
1 31  GLU n 
1 32  PHE n 
1 33  PRO n 
1 34  ASP n 
1 35  ASP n 
1 36  PRO n 
1 37  VAL n 
1 38  THR n 
1 39  HIS n 
1 40  CYS n 
1 41  PHE n 
1 42  VAL n 
1 43  ARG n 
1 44  CYS n 
1 45  ILE n 
1 46  GLY n 
1 47  LEU n 
1 48  GLU n 
1 49  LEU n 
1 50  ASN n 
1 51  LEU n 
1 52  TYR n 
1 53  ASP n 
1 54  ASP n 
1 55  LYS n 
1 56  TYR n 
1 57  GLY n 
1 58  VAL n 
1 59  ASP n 
1 60  LEU n 
1 61  GLN n 
1 62  ALA n 
1 63  ASN n 
1 64  TRP n 
1 65  GLU n 
1 66  ASN n 
1 67  LEU n 
1 68  GLY n 
1 69  ASN n 
1 70  SER n 
1 71  ASP n 
1 72  ASP n 
1 73  ALA n 
1 74  ASP n 
1 75  GLU n 
1 76  GLU n 
1 77  PHE n 
1 78  VAL n 
1 79  ALA n 
1 80  LYS n 
1 81  HIS n 
1 82  ARG n 
1 83  ALA n 
1 84  CYS n 
1 85  LEU n 
1 86  GLU n 
1 87  ALA n 
1 88  LYS n 
1 89  ASN n 
1 90  LEU n 
1 91  GLU n 
1 92  THR n 
1 93  ILE n 
1 94  GLU n 
1 95  ASP n 
1 96  LEU n 
1 97  CYS n 
1 98  GLU n 
1 99  ARG n 
1 100 ALA n 
1 101 TYR n 
1 102 SER n 
1 103 ALA n 
1 104 PHE n 
1 105 GLN n 
1 106 CYS n 
1 107 LEU n 
1 108 ARG n 
1 109 GLU n 
1 110 ASP n 
1 111 TYR n 
1 112 GLU n 
1 113 MET n 
1 114 TYR n 
1 115 GLN n 
1 116 ASN n 
1 117 ASN n 
1 118 ASN n 
1 119 ASN n 
1 120 ALA n 
1 121 THR n 
1 122 SER n 
1 123 GLU n 
1 124 LEU n 
1 125 VAL n 
1 126 PRO n 
1 127 ARG n 
1 128 GLY n 
1 129 SER n 
1 130 SER n 
1 131 GLY n 
1 132 GLU n 
1 133 LEU n 
1 134 TRP n 
1 135 SER n 
1 136 HIS n 
1 137 PRO n 
1 138 GLN n 
1 139 PHE n 
1 140 GLU n 
1 141 LYS n 
# 
_entity_src_gen.entity_id                          1 
_entity_src_gen.pdbx_src_id                        1 
_entity_src_gen.pdbx_alt_source_flag               sample 
_entity_src_gen.pdbx_seq_type                      ? 
_entity_src_gen.pdbx_beg_seq_num                   ? 
_entity_src_gen.pdbx_end_seq_num                   ? 
_entity_src_gen.gene_src_common_name               'African malaria mosquito' 
_entity_src_gen.gene_src_genus                     ? 
_entity_src_gen.pdbx_gene_src_gene                 'AgamOBP22a, AGAP010409, OBP22, OBPjj83b' 
_entity_src_gen.gene_src_species                   ? 
_entity_src_gen.gene_src_strain                    PEST 
_entity_src_gen.gene_src_tissue                    ? 
_entity_src_gen.gene_src_tissue_fraction           ? 
_entity_src_gen.gene_src_details                   ? 
_entity_src_gen.pdbx_gene_src_fragment             ? 
_entity_src_gen.pdbx_gene_src_scientific_name      'Anopheles gambiae' 
_entity_src_gen.pdbx_gene_src_ncbi_taxonomy_id     180454 
_entity_src_gen.pdbx_gene_src_variant              ? 
_entity_src_gen.pdbx_gene_src_cell_line            ? 
_entity_src_gen.pdbx_gene_src_atcc                 ? 
_entity_src_gen.pdbx_gene_src_organ                ? 
_entity_src_gen.pdbx_gene_src_organelle            ? 
_entity_src_gen.pdbx_gene_src_cell                 ? 
_entity_src_gen.pdbx_gene_src_cellular_location    ? 
_entity_src_gen.host_org_common_name               ? 
_entity_src_gen.pdbx_host_org_scientific_name      'Escherichia coli' 
_entity_src_gen.pdbx_host_org_ncbi_taxonomy_id     469008 
_entity_src_gen.host_org_genus                     ? 
_entity_src_gen.pdbx_host_org_gene                 ? 
_entity_src_gen.pdbx_host_org_organ                ? 
_entity_src_gen.host_org_species                   ? 
_entity_src_gen.pdbx_host_org_tissue               ? 
_entity_src_gen.pdbx_host_org_tissue_fraction      ? 
_entity_src_gen.pdbx_host_org_strain               'BL21(DE3)-STAR-pLysS' 
_entity_src_gen.pdbx_host_org_variant              ? 
_entity_src_gen.pdbx_host_org_cell_line            ? 
_entity_src_gen.pdbx_host_org_atcc                 ? 
_entity_src_gen.pdbx_host_org_culture_collection   ? 
_entity_src_gen.pdbx_host_org_cell                 ? 
_entity_src_gen.pdbx_host_org_organelle            ? 
_entity_src_gen.pdbx_host_org_cellular_location    ? 
_entity_src_gen.pdbx_host_org_vector_type          plasmid 
_entity_src_gen.pdbx_host_org_vector               ? 
_entity_src_gen.host_org_details                   ? 
_entity_src_gen.expression_system_id               ? 
_entity_src_gen.plasmid_name                       pET28a 
_entity_src_gen.plasmid_details                    ? 
_entity_src_gen.pdbx_description                   ? 
# 
loop_
_chem_comp.id 
_chem_comp.type 
_chem_comp.mon_nstd_flag 
_chem_comp.name 
_chem_comp.pdbx_synonyms 
_chem_comp.formula 
_chem_comp.formula_weight 
ALA 'L-peptide linking' y ALANINE         ? 'C3 H7 N O2'     89.093  
ARG 'L-peptide linking' y ARGININE        ? 'C6 H15 N4 O2 1' 175.209 
ASN 'L-peptide linking' y ASPARAGINE      ? 'C4 H8 N2 O3'    132.118 
ASP 'L-peptide linking' y 'ASPARTIC ACID' ? 'C4 H7 N O4'     133.103 
CYH non-polymer         . CYCLOHEXANONE   ? 'C6 H10 O'       98.143  
CYS 'L-peptide linking' y CYSTEINE        ? 'C3 H7 N O2 S'   121.158 
GLN 'L-peptide linking' y GLUTAMINE       ? 'C5 H10 N2 O3'   146.144 
GLU 'L-peptide linking' y 'GLUTAMIC ACID' ? 'C5 H9 N O4'     147.129 
GLY 'peptide linking'   y GLYCINE         ? 'C2 H5 N O2'     75.067  
HIS 'L-peptide linking' y HISTIDINE       ? 'C6 H10 N3 O2 1' 156.162 
HOH non-polymer         . WATER           ? 'H2 O'           18.015  
ILE 'L-peptide linking' y ISOLEUCINE      ? 'C6 H13 N O2'    131.173 
LEU 'L-peptide linking' y LEUCINE         ? 'C6 H13 N O2'    131.173 
LYS 'L-peptide linking' y LYSINE          ? 'C6 H15 N2 O2 1' 147.195 
MET 'L-peptide linking' y METHIONINE      ? 'C5 H11 N O2 S'  149.211 
NH4 non-polymer         . 'AMMONIUM ION'  ? 'H4 N 1'         18.038  
PHE 'L-peptide linking' y PHENYLALANINE   ? 'C9 H11 N O2'    165.189 
PRO 'L-peptide linking' y PROLINE         ? 'C5 H9 N O2'     115.130 
SER 'L-peptide linking' y SERINE          ? 'C3 H7 N O3'     105.093 
THR 'L-peptide linking' y THREONINE       ? 'C4 H9 N O3'     119.119 
TRP 'L-peptide linking' y TRYPTOPHAN      ? 'C11 H12 N2 O2'  204.225 
TYR 'L-peptide linking' y TYROSINE        ? 'C9 H11 N O3'    181.189 
VAL 'L-peptide linking' y VALINE          ? 'C5 H11 N O2'    117.146 
# 
loop_
_pdbx_poly_seq_scheme.asym_id 
_pdbx_poly_seq_scheme.entity_id 
_pdbx_poly_seq_scheme.seq_id 
_pdbx_poly_seq_scheme.mon_id 
_pdbx_poly_seq_scheme.ndb_seq_num 
_pdbx_poly_seq_scheme.pdb_seq_num 
_pdbx_poly_seq_scheme.auth_seq_num 
_pdbx_poly_seq_scheme.pdb_mon_id 
_pdbx_poly_seq_scheme.auth_mon_id 
_pdbx_poly_seq_scheme.pdb_strand_id 
_pdbx_poly_seq_scheme.pdb_ins_code 
_pdbx_poly_seq_scheme.hetero 
A 1 1   ALA 1   22  ?   ?   ?   A . n 
A 1 2   ASP 2   23  ?   ?   ?   A . n 
A 1 3   ASN 3   24  ?   ?   ?   A . n 
A 1 4   ASN 4   25  ?   ?   ?   A . n 
A 1 5   GLU 5   26  26  GLU GLU A . n 
A 1 6   SER 6   27  27  SER SER A . n 
A 1 7   VAL 7   28  28  VAL VAL A . n 
A 1 8   ILE 8   29  29  ILE ILE A . n 
A 1 9   GLU 9   30  30  GLU GLU A . n 
A 1 10  SER 10  31  31  SER SER A . n 
A 1 11  CYS 11  32  32  CYS CYS A . n 
A 1 12  SER 12  33  33  SER SER A . n 
A 1 13  ASN 13  34  34  ASN ASN A . n 
A 1 14  ALA 14  35  35  ALA ALA A . n 
A 1 15  VAL 15  36  36  VAL VAL A . n 
A 1 16  GLN 16  37  37  GLN GLN A . n 
A 1 17  GLY 17  38  38  GLY GLY A . n 
A 1 18  ALA 18  39  39  ALA ALA A . n 
A 1 19  ALA 19  40  40  ALA ALA A . n 
A 1 20  ASN 20  41  41  ASN ASN A . n 
A 1 21  ASP 21  42  42  ASP ASP A . n 
A 1 22  GLU 22  43  43  GLU GLU A . n 
A 1 23  LEU 23  44  44  LEU LEU A . n 
A 1 24  LYS 24  45  45  LYS LYS A . n 
A 1 25  VAL 25  46  46  VAL VAL A . n 
A 1 26  HIS 26  47  47  HIS HIS A . n 
A 1 27  TYR 27  48  48  TYR TYR A . n 
A 1 28  ARG 28  49  49  ARG ARG A . n 
A 1 29  ALA 29  50  50  ALA ALA A . n 
A 1 30  ASN 30  51  51  ASN ASN A . n 
A 1 31  GLU 31  52  52  GLU GLU A . n 
A 1 32  PHE 32  53  53  PHE PHE A . n 
A 1 33  PRO 33  54  54  PRO PRO A . n 
A 1 34  ASP 34  55  55  ASP ASP A . n 
A 1 35  ASP 35  56  56  ASP ASP A . n 
A 1 36  PRO 36  57  57  PRO PRO A . n 
A 1 37  VAL 37  58  58  VAL VAL A . n 
A 1 38  THR 38  59  59  THR THR A . n 
A 1 39  HIS 39  60  60  HIS HIS A . n 
A 1 40  CYS 40  61  61  CYS CYS A . n 
A 1 41  PHE 41  62  62  PHE PHE A . n 
A 1 42  VAL 42  63  63  VAL VAL A . n 
A 1 43  ARG 43  64  64  ARG ARG A . n 
A 1 44  CYS 44  65  65  CYS CYS A . n 
A 1 45  ILE 45  66  66  ILE ILE A . n 
A 1 46  GLY 46  67  67  GLY GLY A . n 
A 1 47  LEU 47  68  68  LEU LEU A . n 
A 1 48  GLU 48  69  69  GLU GLU A . n 
A 1 49  LEU 49  70  70  LEU LEU A . n 
A 1 50  ASN 50  71  71  ASN ASN A . n 
A 1 51  LEU 51  72  72  LEU LEU A . n 
A 1 52  TYR 52  73  73  TYR TYR A . n 
A 1 53  ASP 53  74  74  ASP ASP A . n 
A 1 54  ASP 54  75  75  ASP ASP A . n 
A 1 55  LYS 55  76  76  LYS LYS A . n 
A 1 56  TYR 56  77  77  TYR TYR A . n 
A 1 57  GLY 57  78  78  GLY GLY A . n 
A 1 58  VAL 58  79  79  VAL VAL A . n 
A 1 59  ASP 59  80  80  ASP ASP A . n 
A 1 60  LEU 60  81  81  LEU LEU A . n 
A 1 61  GLN 61  82  82  GLN GLN A . n 
A 1 62  ALA 62  83  83  ALA ALA A . n 
A 1 63  ASN 63  84  84  ASN ASN A . n 
A 1 64  TRP 64  85  85  TRP TRP A . n 
A 1 65  GLU 65  86  86  GLU GLU A . n 
A 1 66  ASN 66  87  87  ASN ASN A . n 
A 1 67  LEU 67  88  88  LEU LEU A . n 
A 1 68  GLY 68  89  89  GLY GLY A . n 
A 1 69  ASN 69  90  90  ASN ASN A . n 
A 1 70  SER 70  91  91  SER SER A . n 
A 1 71  ASP 71  92  92  ASP ASP A . n 
A 1 72  ASP 72  93  93  ASP ASP A . n 
A 1 73  ALA 73  94  94  ALA ALA A . n 
A 1 74  ASP 74  95  95  ASP ASP A . n 
A 1 75  GLU 75  96  96  GLU GLU A . n 
A 1 76  GLU 76  97  97  GLU GLU A . n 
A 1 77  PHE 77  98  98  PHE PHE A . n 
A 1 78  VAL 78  99  99  VAL VAL A . n 
A 1 79  ALA 79  100 100 ALA ALA A . n 
A 1 80  LYS 80  101 101 LYS LYS A . n 
A 1 81  HIS 81  102 102 HIS HIS A . n 
A 1 82  ARG 82  103 103 ARG ARG A . n 
A 1 83  ALA 83  104 104 ALA ALA A . n 
A 1 84  CYS 84  105 105 CYS CYS A . n 
A 1 85  LEU 85  106 106 LEU LEU A . n 
A 1 86  GLU 86  107 107 GLU GLU A . n 
A 1 87  ALA 87  108 108 ALA ALA A . n 
A 1 88  LYS 88  109 109 LYS LYS A . n 
A 1 89  ASN 89  110 110 ASN ASN A . n 
A 1 90  LEU 90  111 111 LEU LEU A . n 
A 1 91  GLU 91  112 112 GLU GLU A . n 
A 1 92  THR 92  113 113 THR THR A . n 
A 1 93  ILE 93  114 114 ILE ILE A . n 
A 1 94  GLU 94  115 115 GLU GLU A . n 
A 1 95  ASP 95  116 116 ASP ASP A . n 
A 1 96  LEU 96  117 117 LEU LEU A . n 
A 1 97  CYS 97  118 118 CYS CYS A . n 
A 1 98  GLU 98  119 119 GLU GLU A . n 
A 1 99  ARG 99  120 120 ARG ARG A . n 
A 1 100 ALA 100 121 121 ALA ALA A . n 
A 1 101 TYR 101 122 122 TYR TYR A . n 
A 1 102 SER 102 123 123 SER SER A . n 
A 1 103 ALA 103 124 124 ALA ALA A . n 
A 1 104 PHE 104 125 125 PHE PHE A . n 
A 1 105 GLN 105 126 126 GLN GLN A . n 
A 1 106 CYS 106 127 127 CYS CYS A . n 
A 1 107 LEU 107 128 128 LEU LEU A . n 
A 1 108 ARG 108 129 129 ARG ARG A . n 
A 1 109 GLU 109 130 130 GLU GLU A . n 
A 1 110 ASP 110 131 131 ASP ASP A . n 
A 1 111 TYR 111 132 132 TYR TYR A . n 
A 1 112 GLU 112 133 133 GLU GLU A . n 
A 1 113 MET 113 134 134 MET MET A . n 
A 1 114 TYR 114 135 135 TYR TYR A . n 
A 1 115 GLN 115 136 136 GLN GLN A . n 
A 1 116 ASN 116 137 137 ASN ASN A . n 
A 1 117 ASN 117 138 138 ASN ASN A . n 
A 1 118 ASN 118 139 ?   ?   ?   A . n 
A 1 119 ASN 119 140 ?   ?   ?   A . n 
A 1 120 ALA 120 141 ?   ?   ?   A . n 
A 1 121 THR 121 142 ?   ?   ?   A . n 
A 1 122 SER 122 143 ?   ?   ?   A . n 
A 1 123 GLU 123 144 ?   ?   ?   A . n 
A 1 124 LEU 124 145 ?   ?   ?   A . n 
A 1 125 VAL 125 146 ?   ?   ?   A . n 
A 1 126 PRO 126 147 ?   ?   ?   A . n 
A 1 127 ARG 127 148 ?   ?   ?   A . n 
A 1 128 GLY 128 149 ?   ?   ?   A . n 
A 1 129 SER 129 150 ?   ?   ?   A . n 
A 1 130 SER 130 151 ?   ?   ?   A . n 
A 1 131 GLY 131 152 ?   ?   ?   A . n 
A 1 132 GLU 132 153 153 GLU GLU A . n 
A 1 133 LEU 133 154 154 LEU LEU A . n 
A 1 134 TRP 134 155 155 TRP TRP A . n 
A 1 135 SER 135 156 156 SER SER A . n 
A 1 136 HIS 136 157 157 HIS HIS A . n 
A 1 137 PRO 137 158 158 PRO PRO A . n 
A 1 138 GLN 138 159 ?   ?   ?   A . n 
A 1 139 PHE 139 160 ?   ?   ?   A . n 
A 1 140 GLU 140 161 ?   ?   ?   A . n 
A 1 141 LYS 141 162 ?   ?   ?   A . n 
# 
loop_
_pdbx_nonpoly_scheme.asym_id 
_pdbx_nonpoly_scheme.entity_id 
_pdbx_nonpoly_scheme.mon_id 
_pdbx_nonpoly_scheme.ndb_seq_num 
_pdbx_nonpoly_scheme.pdb_seq_num 
_pdbx_nonpoly_scheme.auth_seq_num 
_pdbx_nonpoly_scheme.pdb_mon_id 
_pdbx_nonpoly_scheme.auth_mon_id 
_pdbx_nonpoly_scheme.pdb_strand_id 
_pdbx_nonpoly_scheme.pdb_ins_code 
B 2 CYH 1  200 200 CYH CYH A . 
C 3 NH4 1  201 201 NH4 NH4 A . 
D 3 NH4 1  202 202 NH4 NH4 A . 
E 3 NH4 1  203 203 NH4 NH4 A . 
F 3 NH4 1  204 204 NH4 NH4 A . 
G 4 HOH 1  205 205 HOH HOH A . 
G 4 HOH 2  206 206 HOH HOH A . 
G 4 HOH 3  207 207 HOH HOH A . 
G 4 HOH 4  208 208 HOH HOH A . 
G 4 HOH 5  209 209 HOH HOH A . 
G 4 HOH 6  210 210 HOH HOH A . 
G 4 HOH 7  211 211 HOH HOH A . 
G 4 HOH 8  212 212 HOH HOH A . 
G 4 HOH 9  213 213 HOH HOH A . 
G 4 HOH 10 214 214 HOH HOH A . 
G 4 HOH 11 215 215 HOH HOH A . 
G 4 HOH 12 216 216 HOH HOH A . 
G 4 HOH 13 217 217 HOH HOH A . 
G 4 HOH 14 218 218 HOH HOH A . 
G 4 HOH 15 219 219 HOH HOH A . 
G 4 HOH 16 220 220 HOH HOH A . 
G 4 HOH 17 221 221 HOH HOH A . 
G 4 HOH 18 222 222 HOH HOH A . 
G 4 HOH 19 223 223 HOH HOH A . 
G 4 HOH 20 224 224 HOH HOH A . 
G 4 HOH 21 225 225 HOH HOH A . 
G 4 HOH 22 226 226 HOH HOH A . 
G 4 HOH 23 227 227 HOH HOH A . 
G 4 HOH 24 228 228 HOH HOH A . 
G 4 HOH 25 229 229 HOH HOH A . 
G 4 HOH 26 230 230 HOH HOH A . 
G 4 HOH 27 231 231 HOH HOH A . 
G 4 HOH 28 232 232 HOH HOH A . 
G 4 HOH 29 233 233 HOH HOH A . 
G 4 HOH 30 234 234 HOH HOH A . 
G 4 HOH 31 235 235 HOH HOH A . 
G 4 HOH 32 236 236 HOH HOH A . 
G 4 HOH 33 237 237 HOH HOH A . 
G 4 HOH 34 238 238 HOH HOH A . 
G 4 HOH 35 239 239 HOH HOH A . 
G 4 HOH 36 240 240 HOH HOH A . 
G 4 HOH 37 241 241 HOH HOH A . 
G 4 HOH 38 242 242 HOH HOH A . 
G 4 HOH 39 243 243 HOH HOH A . 
G 4 HOH 40 244 244 HOH HOH A . 
G 4 HOH 41 245 245 HOH HOH A . 
G 4 HOH 42 246 246 HOH HOH A . 
G 4 HOH 43 247 247 HOH HOH A . 
G 4 HOH 44 248 248 HOH HOH A . 
G 4 HOH 45 249 249 HOH HOH A . 
G 4 HOH 46 250 250 HOH HOH A . 
G 4 HOH 47 251 251 HOH HOH A . 
G 4 HOH 48 252 252 HOH HOH A . 
G 4 HOH 49 253 253 HOH HOH A . 
G 4 HOH 50 254 254 HOH HOH A . 
G 4 HOH 51 255 255 HOH HOH A . 
G 4 HOH 52 256 256 HOH HOH A . 
G 4 HOH 53 257 257 HOH HOH A . 
G 4 HOH 54 258 258 HOH HOH A . 
G 4 HOH 55 259 259 HOH HOH A . 
G 4 HOH 56 260 260 HOH HOH A . 
G 4 HOH 57 261 261 HOH HOH A . 
G 4 HOH 58 262 262 HOH HOH A . 
G 4 HOH 59 263 263 HOH HOH A . 
G 4 HOH 60 264 264 HOH HOH A . 
G 4 HOH 61 265 265 HOH HOH A . 
G 4 HOH 62 266 266 HOH HOH A . 
G 4 HOH 63 267 267 HOH HOH A . 
G 4 HOH 64 268 268 HOH HOH A . 
G 4 HOH 65 269 269 HOH HOH A . 
G 4 HOH 66 270 270 HOH HOH A . 
G 4 HOH 67 271 271 HOH HOH A . 
G 4 HOH 68 272 272 HOH HOH A . 
G 4 HOH 69 273 273 HOH HOH A . 
# 
loop_
_software.pdbx_ordinal 
_software.name 
_software.version 
_software.date 
_software.type 
_software.contact_author 
_software.contact_author_email 
_software.classification 
_software.location 
_software.language 
_software.citation_id 
1 d*TREK       .         ?               package 'Jim W. Pflugrath'   Jim.Pflugrath@Rigaku.com 'data scaling'    
http://www.rigaku.com/software/dtrek.html ?   ? 
2 DENZO        .         ?               package 'Zbyszek Otwinowski' hkl@hkl-xray.com         'data reduction'  
http://www.hkl-xray.com/                  ?   ? 
3 SCALEPACK    .         ?               package 'Zbyszek Otwinowski' hkl@hkl-xray.com         'data scaling'    
http://www.hkl-xray.com/                  ?   ? 
4 PHENIX       1.6.4_486 ?               package 'Paul D. Adams'      PDAdams@lbl.gov          refinement        
http://www.phenix-online.org/             C++ ? 
5 PDB_EXTRACT  3.10      'June 10, 2010' package PDB                  deposit@deposit.rcsb.org 'data extraction' 
http://sw-tools.pdb.org/apps/PDB_EXTRACT/ C++ ? 
6 CrystalClear .         ?               ?       ?                    ?                        'data collection' ? ?   ? 
7 HKL-2000     .         ?               ?       ?                    ?                        'data reduction'  ? ?   ? 
8 HKL-2000     .         ?               ?       ?                    ?                        'data scaling'    ? ?   ? 
9 PHENIX       .         ?               ?       ?                    ?                        phasing           ? ?   ? 
# 
_cell.entry_id           3QME 
_cell.length_a           71.986 
_cell.length_b           37.593 
_cell.length_c           43.618 
_cell.angle_alpha        90.00 
_cell.angle_beta         99.17 
_cell.angle_gamma        90.00 
_cell.Z_PDB              4 
_cell.pdbx_unique_axis   ? 
_cell.length_a_esd       ? 
_cell.length_b_esd       ? 
_cell.length_c_esd       ? 
_cell.angle_alpha_esd    ? 
_cell.angle_beta_esd     ? 
_cell.angle_gamma_esd    ? 
# 
_symmetry.entry_id                         3QME 
_symmetry.space_group_name_H-M             'C 1 2 1' 
_symmetry.pdbx_full_space_group_name_H-M   ? 
_symmetry.cell_setting                     ? 
_symmetry.Int_Tables_number                5 
_symmetry.space_group_name_Hall            ? 
# 
_exptl.entry_id          3QME 
_exptl.method            'X-RAY DIFFRACTION' 
_exptl.crystals_number   1 
# 
_exptl_crystal.id                    1 
_exptl_crystal.density_meas          ? 
_exptl_crystal.density_Matthews      1.82 
_exptl_crystal.density_percent_sol   32.26 
_exptl_crystal.description           ? 
_exptl_crystal.F_000                 ? 
_exptl_crystal.preparation           ? 
# 
_exptl_crystal_grow.crystal_id      1 
_exptl_crystal_grow.method          'VAPOR DIFFUSION, HANGING DROP' 
_exptl_crystal_grow.temp            298 
_exptl_crystal_grow.temp_details    ? 
_exptl_crystal_grow.pH              7.0 
_exptl_crystal_grow.pdbx_pH_range   ? 
_exptl_crystal_grow.pdbx_details    'Ammonium citrate tribasic, MPD, pH 7.0, vapor diffusion, hanging drop, temperature 298K' 
# 
_diffrn.id                     1 
_diffrn.ambient_temp           100 
_diffrn.ambient_temp_details   ? 
_diffrn.crystal_id             1 
# 
_diffrn_detector.diffrn_id              1 
_diffrn_detector.detector               CCD 
_diffrn_detector.type                   'RIGAKU SATURN 944' 
_diffrn_detector.pdbx_collection_date   2009-07-09 
_diffrn_detector.details                ? 
# 
_diffrn_radiation.diffrn_id                        1 
_diffrn_radiation.wavelength_id                    1 
_diffrn_radiation.pdbx_monochromatic_or_laue_m_l   M 
_diffrn_radiation.monochromator                    ? 
_diffrn_radiation.pdbx_diffrn_protocol             'SINGLE WAVELENGTH' 
_diffrn_radiation.pdbx_scattering_type             x-ray 
# 
_diffrn_radiation_wavelength.id           1 
_diffrn_radiation_wavelength.wavelength   1.5418 
_diffrn_radiation_wavelength.wt           1.0 
# 
_diffrn_source.diffrn_id                   1 
_diffrn_source.source                      'ROTATING ANODE' 
_diffrn_source.type                        RIGAKU 
_diffrn_source.pdbx_synchrotron_site       ? 
_diffrn_source.pdbx_synchrotron_beamline   ? 
_diffrn_source.pdbx_wavelength             ? 
_diffrn_source.pdbx_wavelength_list        1.5418 
# 
_reflns.entry_id                     3QME 
_reflns.observed_criterion_sigma_I   ? 
_reflns.observed_criterion_sigma_F   ? 
_reflns.d_resolution_low             30.000 
_reflns.d_resolution_high            2.000 
_reflns.number_obs                   7597 
_reflns.number_all                   ? 
_reflns.percent_possible_obs         96.100 
_reflns.pdbx_Rmerge_I_obs            0.069 
_reflns.pdbx_Rsym_value              ? 
_reflns.pdbx_netI_over_sigmaI        14.800 
_reflns.B_iso_Wilson_estimate        ? 
_reflns.pdbx_redundancy              7.000 
_reflns.R_free_details               ? 
_reflns.limit_h_max                  ? 
_reflns.limit_h_min                  ? 
_reflns.limit_k_max                  ? 
_reflns.limit_k_min                  ? 
_reflns.limit_l_max                  ? 
_reflns.limit_l_min                  ? 
_reflns.observed_criterion_F_max     ? 
_reflns.observed_criterion_F_min     ? 
_reflns.pdbx_chi_squared             ? 
_reflns.pdbx_scaling_rejects         ? 
_reflns.pdbx_diffrn_id               1 
_reflns.pdbx_ordinal                 1 
# 
loop_
_reflns_shell.d_res_high 
_reflns_shell.d_res_low 
_reflns_shell.percent_possible_all 
_reflns_shell.Rmerge_I_obs 
_reflns_shell.pdbx_Rsym_value 
_reflns_shell.meanI_over_sigI_obs 
_reflns_shell.pdbx_redundancy 
_reflns_shell.percent_possible_obs 
_reflns_shell.number_unique_all 
_reflns_shell.number_measured_all 
_reflns_shell.number_measured_obs 
_reflns_shell.number_unique_obs 
_reflns_shell.pdbx_chi_squared 
_reflns_shell.pdbx_diffrn_id 
_reflns_shell.pdbx_ordinal 
2.000 2.030  93.600 0.285 ? ? 7.000 ? ? ? ? ? ? ? 1  
2.030 2.070  93.500 0.300 ? ? 6.900 ? ? ? ? ? ? ? 2  
2.070 2.110  93.900 0.244 ? ? 6.900 ? ? ? ? ? ? ? 3  
2.110 2.150  94.300 0.211 ? ? 7.100 ? ? ? ? ? ? ? 4  
2.150 2.200  95.500 0.201 ? ? 7.000 ? ? ? ? ? ? ? 5  
2.200 2.250  94.400 0.183 ? ? 7.100 ? ? ? ? ? ? ? 6  
2.250 2.310  94.800 0.160 ? ? 7.100 ? ? ? ? ? ? ? 7  
2.310 2.370  95.200 0.149 ? ? 7.100 ? ? ? ? ? ? ? 8  
2.370 2.440  95.000 0.138 ? ? 7.100 ? ? ? ? ? ? ? 9  
2.440 2.520  96.000 0.130 ? ? 7.100 ? ? ? ? ? ? ? 10 
2.520 2.610  96.600 0.111 ? ? 7.000 ? ? ? ? ? ? ? 11 
2.610 2.710  96.500 0.099 ? ? 7.200 ? ? ? ? ? ? ? 12 
2.710 2.840  96.800 0.091 ? ? 7.100 ? ? ? ? ? ? ? 13 
2.840 2.990  97.200 0.076 ? ? 7.100 ? ? ? ? ? ? ? 14 
2.990 3.170  97.800 0.062 ? ? 7.100 ? ? ? ? ? ? ? 15 
3.170 3.420  97.700 0.049 ? ? 7.000 ? ? ? ? ? ? ? 16 
3.420 3.760  97.800 0.041 ? ? 7.100 ? ? ? ? ? ? ? 17 
3.760 4.310  98.500 0.034 ? ? 7.000 ? ? ? ? ? ? ? 18 
4.310 5.420  98.800 0.033 ? ? 7.000 ? ? ? ? ? ? ? 19 
5.420 30.000 98.100 0.038 ? ? 6.600 ? ? ? ? ? ? ? 20 
# 
_refine.pdbx_refine_id                           'X-RAY DIFFRACTION' 
_refine.entry_id                                 3QME 
_refine.ls_number_reflns_obs                     7478 
_refine.ls_number_reflns_all                     ? 
_refine.pdbx_ls_sigma_I                          ? 
_refine.pdbx_ls_sigma_F                          0.00 
_refine.pdbx_data_cutoff_high_absF               ? 
_refine.pdbx_data_cutoff_low_absF                ? 
_refine.pdbx_data_cutoff_high_rms_absF           ? 
_refine.ls_d_res_low                             25.487 
_refine.ls_d_res_high                            2.002 
_refine.ls_percent_reflns_obs                    94.45 
_refine.ls_R_factor_obs                          0.1733 
_refine.ls_R_factor_all                          ? 
_refine.ls_R_factor_R_work                       0.1690 
_refine.ls_R_factor_R_free                       0.2107 
_refine.ls_R_factor_R_free_error                 ? 
_refine.ls_R_factor_R_free_error_details         ? 
_refine.ls_percent_reflns_R_free                 10.22 
_refine.ls_number_reflns_R_free                  764 
_refine.ls_number_parameters                     ? 
_refine.ls_number_restraints                     ? 
_refine.occupancy_min                            0.420 
_refine.occupancy_max                            1.000 
_refine.correlation_coeff_Fo_to_Fc               ? 
_refine.correlation_coeff_Fo_to_Fc_free          ? 
_refine.B_iso_mean                               ? 
_refine.aniso_B[1][1]                            0.6280 
_refine.aniso_B[2][2]                            1.3055 
_refine.aniso_B[3][3]                            -1.9335 
_refine.aniso_B[1][2]                            -0.0000 
_refine.aniso_B[1][3]                            1.6466 
_refine.aniso_B[2][3]                            0.0000 
_refine.solvent_model_details                    'FLAT BULK SOLVENT MODEL' 
_refine.solvent_model_param_ksol                 0.356 
_refine.solvent_model_param_bsol                 34.140 
_refine.pdbx_solvent_vdw_probe_radii             1.10 
_refine.pdbx_solvent_ion_probe_radii             ? 
_refine.pdbx_solvent_shrinkage_radii             0.83 
_refine.pdbx_ls_cross_valid_method               ? 
_refine.details                                  ? 
_refine.pdbx_starting_model                      3L4A 
_refine.pdbx_method_to_determine_struct          'MOLECULAR REPLACEMENT' 
_refine.pdbx_isotropic_thermal_model             ? 
_refine.pdbx_stereochemistry_target_values       ML 
_refine.pdbx_stereochem_target_val_spec_case     ? 
_refine.pdbx_R_Free_selection_details            ? 
_refine.pdbx_overall_ESU_R_Free                  ? 
_refine.overall_SU_ML                            0.22 
_refine.pdbx_overall_phase_error                 21.02 
_refine.overall_SU_B                             ? 
_refine.overall_SU_R_Cruickshank_DPI             ? 
_refine.pdbx_overall_SU_R_free_Cruickshank_DPI   ? 
_refine.pdbx_overall_SU_R_Blow_DPI               ? 
_refine.pdbx_overall_SU_R_free_Blow_DPI          ? 
_refine.ls_redundancy_reflns_obs                 ? 
_refine.B_iso_min                                ? 
_refine.B_iso_max                                ? 
_refine.overall_SU_R_free                        ? 
_refine.ls_wR_factor_R_free                      ? 
_refine.ls_wR_factor_R_work                      ? 
_refine.overall_FOM_free_R_set                   ? 
_refine.overall_FOM_work_R_set                   ? 
_refine.pdbx_overall_ESU_R                       ? 
_refine.pdbx_diffrn_id                           1 
_refine.pdbx_TLS_residual_ADP_flag               ? 
# 
_refine_hist.pdbx_refine_id                   'X-RAY DIFFRACTION' 
_refine_hist.cycle_id                         LAST 
_refine_hist.pdbx_number_atoms_protein        961 
_refine_hist.pdbx_number_atoms_nucleic_acid   0 
_refine_hist.pdbx_number_atoms_ligand         11 
_refine_hist.number_atoms_solvent             69 
_refine_hist.number_atoms_total               1041 
_refine_hist.d_res_high                       2.002 
_refine_hist.d_res_low                        25.487 
# 
loop_
_refine_ls_restr.type 
_refine_ls_restr.dev_ideal 
_refine_ls_restr.dev_ideal_target 
_refine_ls_restr.weight 
_refine_ls_restr.number 
_refine_ls_restr.pdbx_refine_id 
_refine_ls_restr.pdbx_restraint_function 
f_bond_d           0.007  ? ? 1016 'X-RAY DIFFRACTION' ? 
f_angle_d          0.931  ? ? 1376 'X-RAY DIFFRACTION' ? 
f_dihedral_angle_d 14.452 ? ? 380  'X-RAY DIFFRACTION' ? 
f_chiral_restr     0.073  ? ? 142  'X-RAY DIFFRACTION' ? 
f_plane_restr      0.003  ? ? 189  'X-RAY DIFFRACTION' ? 
# 
loop_
_refine_ls_shell.pdbx_refine_id 
_refine_ls_shell.pdbx_total_number_of_bins_used 
_refine_ls_shell.d_res_high 
_refine_ls_shell.d_res_low 
_refine_ls_shell.number_reflns_R_work 
_refine_ls_shell.R_factor_R_work 
_refine_ls_shell.percent_reflns_obs 
_refine_ls_shell.R_factor_R_free 
_refine_ls_shell.R_factor_R_free_error 
_refine_ls_shell.percent_reflns_R_free 
_refine_ls_shell.number_reflns_R_free 
_refine_ls_shell.number_reflns_all 
_refine_ls_shell.R_factor_all 
_refine_ls_shell.redundancy_reflns_obs 
_refine_ls_shell.number_reflns_obs 
'X-RAY DIFFRACTION' . 2.0021 2.1566  1255 0.1725 89.00 0.2567 . . 146 . . . . 
'X-RAY DIFFRACTION' . 2.1566 2.3735  1307 0.1721 93.00 0.2593 . . 155 . . . . 
'X-RAY DIFFRACTION' . 2.3735 2.7166  1344 0.1729 95.00 0.2477 . . 148 . . . . 
'X-RAY DIFFRACTION' . 2.7166 3.4213  1374 0.1718 97.00 0.1883 . . 155 . . . . 
'X-RAY DIFFRACTION' . 3.4213 25.4887 1434 0.1636 98.00 0.1822 . . 160 . . . . 
# 
_struct.entry_id                  3QME 
_struct.title                     
'Crystal Structure of an Anopheles gambiae Odorant-binding Protein AgamOBP22a with Bound Odorant Cyclohexanone' 
_struct.pdbx_model_details        ? 
_struct.pdbx_CASP_flag            ? 
_struct.pdbx_model_type_details   ? 
# 
_struct_keywords.entry_id        3QME 
_struct_keywords.text            
'six alpha helix, three disulfate bonds, Odorant-binding protein, mosquito, Cyclohexanone, TRANSPORT PROTEIN' 
_struct_keywords.pdbx_keywords   'TRANSPORT PROTEIN' 
# 
loop_
_struct_asym.id 
_struct_asym.pdbx_blank_PDB_chainid_flag 
_struct_asym.pdbx_modified 
_struct_asym.entity_id 
_struct_asym.details 
A N N 1 ? 
B N N 2 ? 
C N N 3 ? 
D N N 3 ? 
E N N 3 ? 
F N N 3 ? 
G N N 4 ? 
# 
_struct_ref.id                         1 
_struct_ref.db_name                    UNP 
_struct_ref.db_code                    Q7PGA3_ANOGA 
_struct_ref.pdbx_db_accession          Q7PGA3 
_struct_ref.entity_id                  1 
_struct_ref.pdbx_seq_one_letter_code   
;ADNNESVIESCSNAVQGAANDELKVHYRANEFPDDPVTHCFVRCIGLELNLYDDKYGVDLQANWENLGNSDDADEEFVAK
HRACLEAKNLETIEDLCERAYSAFQCLREDYEMYQNNNNATSE
;
_struct_ref.pdbx_align_begin           22 
_struct_ref.pdbx_db_isoform            ? 
# 
_struct_ref_seq.align_id                      1 
_struct_ref_seq.ref_id                        1 
_struct_ref_seq.pdbx_PDB_id_code              3QME 
_struct_ref_seq.pdbx_strand_id                A 
_struct_ref_seq.seq_align_beg                 1 
_struct_ref_seq.pdbx_seq_align_beg_ins_code   ? 
_struct_ref_seq.seq_align_end                 123 
_struct_ref_seq.pdbx_seq_align_end_ins_code   ? 
_struct_ref_seq.pdbx_db_accession             Q7PGA3 
_struct_ref_seq.db_align_beg                  22 
_struct_ref_seq.pdbx_db_align_beg_ins_code    ? 
_struct_ref_seq.db_align_end                  144 
_struct_ref_seq.pdbx_db_align_end_ins_code    ? 
_struct_ref_seq.pdbx_auth_seq_align_beg       22 
_struct_ref_seq.pdbx_auth_seq_align_end       144 
# 
loop_
_struct_ref_seq_dif.align_id 
_struct_ref_seq_dif.pdbx_pdb_id_code 
_struct_ref_seq_dif.mon_id 
_struct_ref_seq_dif.pdbx_pdb_strand_id 
_struct_ref_seq_dif.seq_num 
_struct_ref_seq_dif.pdbx_pdb_ins_code 
_struct_ref_seq_dif.pdbx_seq_db_name 
_struct_ref_seq_dif.pdbx_seq_db_accession_code 
_struct_ref_seq_dif.db_mon_id 
_struct_ref_seq_dif.pdbx_seq_db_seq_num 
_struct_ref_seq_dif.details 
_struct_ref_seq_dif.pdbx_auth_seq_num 
_struct_ref_seq_dif.pdbx_ordinal 
1 3QME LEU A 124 ? UNP Q7PGA3 ? ? 'expression tag' 145 1  
1 3QME VAL A 125 ? UNP Q7PGA3 ? ? 'expression tag' 146 2  
1 3QME PRO A 126 ? UNP Q7PGA3 ? ? 'expression tag' 147 3  
1 3QME ARG A 127 ? UNP Q7PGA3 ? ? 'expression tag' 148 4  
1 3QME GLY A 128 ? UNP Q7PGA3 ? ? 'expression tag' 149 5  
1 3QME SER A 129 ? UNP Q7PGA3 ? ? 'expression tag' 150 6  
1 3QME SER A 130 ? UNP Q7PGA3 ? ? 'expression tag' 151 7  
1 3QME GLY A 131 ? UNP Q7PGA3 ? ? 'expression tag' 152 8  
1 3QME GLU A 132 ? UNP Q7PGA3 ? ? 'expression tag' 153 9  
1 3QME LEU A 133 ? UNP Q7PGA3 ? ? 'expression tag' 154 10 
1 3QME TRP A 134 ? UNP Q7PGA3 ? ? 'expression tag' 155 11 
1 3QME SER A 135 ? UNP Q7PGA3 ? ? 'expression tag' 156 12 
1 3QME HIS A 136 ? UNP Q7PGA3 ? ? 'expression tag' 157 13 
1 3QME PRO A 137 ? UNP Q7PGA3 ? ? 'expression tag' 158 14 
1 3QME GLN A 138 ? UNP Q7PGA3 ? ? 'expression tag' 159 15 
1 3QME PHE A 139 ? UNP Q7PGA3 ? ? 'expression tag' 160 16 
1 3QME GLU A 140 ? UNP Q7PGA3 ? ? 'expression tag' 161 17 
1 3QME LYS A 141 ? UNP Q7PGA3 ? ? 'expression tag' 162 18 
# 
_pdbx_struct_assembly.id                   1 
_pdbx_struct_assembly.details              author_defined_assembly 
_pdbx_struct_assembly.method_details       ? 
_pdbx_struct_assembly.oligomeric_details   monomeric 
_pdbx_struct_assembly.oligomeric_count     1 
# 
_pdbx_struct_assembly_gen.assembly_id       1 
_pdbx_struct_assembly_gen.oper_expression   1 
_pdbx_struct_assembly_gen.asym_id_list      A,B,C,D,E,F,G 
# 
_pdbx_struct_oper_list.id                   1 
_pdbx_struct_oper_list.type                 'identity operation' 
_pdbx_struct_oper_list.name                 1_555 
_pdbx_struct_oper_list.symmetry_operation   x,y,z 
_pdbx_struct_oper_list.matrix[1][1]         1.0000000000 
_pdbx_struct_oper_list.matrix[1][2]         0.0000000000 
_pdbx_struct_oper_list.matrix[1][3]         0.0000000000 
_pdbx_struct_oper_list.vector[1]            0.0000000000 
_pdbx_struct_oper_list.matrix[2][1]         0.0000000000 
_pdbx_struct_oper_list.matrix[2][2]         1.0000000000 
_pdbx_struct_oper_list.matrix[2][3]         0.0000000000 
_pdbx_struct_oper_list.vector[2]            0.0000000000 
_pdbx_struct_oper_list.matrix[3][1]         0.0000000000 
_pdbx_struct_oper_list.matrix[3][2]         0.0000000000 
_pdbx_struct_oper_list.matrix[3][3]         1.0000000000 
_pdbx_struct_oper_list.vector[3]            0.0000000000 
# 
_struct_biol.id        1 
_struct_biol.details   ? 
# 
loop_
_struct_conf.conf_type_id 
_struct_conf.id 
_struct_conf.pdbx_PDB_helix_id 
_struct_conf.beg_label_comp_id 
_struct_conf.beg_label_asym_id 
_struct_conf.beg_label_seq_id 
_struct_conf.pdbx_beg_PDB_ins_code 
_struct_conf.end_label_comp_id 
_struct_conf.end_label_asym_id 
_struct_conf.end_label_seq_id 
_struct_conf.pdbx_end_PDB_ins_code 
_struct_conf.beg_auth_comp_id 
_struct_conf.beg_auth_asym_id 
_struct_conf.beg_auth_seq_id 
_struct_conf.end_auth_comp_id 
_struct_conf.end_auth_asym_id 
_struct_conf.end_auth_seq_id 
_struct_conf.pdbx_PDB_helix_class 
_struct_conf.details 
_struct_conf.pdbx_PDB_helix_length 
HELX_P HELX_P1 1 GLU A 5   ? VAL A 15  ? GLU A 26  VAL A 36  1 ? 11 
HELX_P HELX_P2 2 ASN A 20  ? ALA A 29  ? ASN A 41  ALA A 50  1 ? 10 
HELX_P HELX_P3 3 ASP A 35  ? LEU A 49  ? ASP A 56  LEU A 70  1 ? 15 
HELX_P HELX_P4 4 ASP A 59  ? LEU A 67  ? ASP A 80  LEU A 88  1 ? 9  
HELX_P HELX_P5 5 ASP A 74  ? LYS A 88  ? ASP A 95  LYS A 109 1 ? 15 
HELX_P HELX_P6 6 ASN A 89  ? ILE A 93  ? ASN A 110 ILE A 114 5 ? 5  
HELX_P HELX_P7 7 ASP A 95  ? CYS A 106 ? ASP A 116 CYS A 127 1 ? 12 
HELX_P HELX_P8 8 LEU A 107 ? ASN A 116 ? LEU A 128 ASN A 137 1 ? 10 
# 
_struct_conf_type.id          HELX_P 
_struct_conf_type.criteria    ? 
_struct_conf_type.reference   ? 
# 
loop_
_struct_conn.id 
_struct_conn.conn_type_id 
_struct_conn.pdbx_leaving_atom_flag 
_struct_conn.pdbx_PDB_id 
_struct_conn.ptnr1_label_asym_id 
_struct_conn.ptnr1_label_comp_id 
_struct_conn.ptnr1_label_seq_id 
_struct_conn.ptnr1_label_atom_id 
_struct_conn.pdbx_ptnr1_label_alt_id 
_struct_conn.pdbx_ptnr1_PDB_ins_code 
_struct_conn.pdbx_ptnr1_standard_comp_id 
_struct_conn.ptnr1_symmetry 
_struct_conn.ptnr2_label_asym_id 
_struct_conn.ptnr2_label_comp_id 
_struct_conn.ptnr2_label_seq_id 
_struct_conn.ptnr2_label_atom_id 
_struct_conn.pdbx_ptnr2_label_alt_id 
_struct_conn.pdbx_ptnr2_PDB_ins_code 
_struct_conn.ptnr1_auth_asym_id 
_struct_conn.ptnr1_auth_comp_id 
_struct_conn.ptnr1_auth_seq_id 
_struct_conn.ptnr2_auth_asym_id 
_struct_conn.ptnr2_auth_comp_id 
_struct_conn.ptnr2_auth_seq_id 
_struct_conn.ptnr2_symmetry 
_struct_conn.pdbx_ptnr3_label_atom_id 
_struct_conn.pdbx_ptnr3_label_seq_id 
_struct_conn.pdbx_ptnr3_label_comp_id 
_struct_conn.pdbx_ptnr3_label_asym_id 
_struct_conn.pdbx_ptnr3_label_alt_id 
_struct_conn.pdbx_ptnr3_PDB_ins_code 
_struct_conn.details 
_struct_conn.pdbx_dist_value 
_struct_conn.pdbx_value_order 
_struct_conn.pdbx_role 
disulf1 disulf ? ? A CYS 11 SG ? ? ? 1_555 A CYS 44  SG ? ? A CYS 32  A CYS 65  1_555 ? ? ? ? ? ? ? 2.018 ? ? 
disulf2 disulf ? ? A CYS 40 SG ? ? ? 1_555 A CYS 97  SG ? ? A CYS 61  A CYS 118 1_555 ? ? ? ? ? ? ? 2.049 ? ? 
disulf3 disulf ? ? A CYS 84 SG ? ? ? 1_555 A CYS 106 SG ? ? A CYS 105 A CYS 127 1_555 ? ? ? ? ? ? ? 2.029 ? ? 
# 
_struct_conn_type.id          disulf 
_struct_conn_type.criteria    ? 
_struct_conn_type.reference   ? 
# 
loop_
_pdbx_modification_feature.ordinal 
_pdbx_modification_feature.label_comp_id 
_pdbx_modification_feature.label_asym_id 
_pdbx_modification_feature.label_seq_id 
_pdbx_modification_feature.label_alt_id 
_pdbx_modification_feature.modified_residue_label_comp_id 
_pdbx_modification_feature.modified_residue_label_asym_id 
_pdbx_modification_feature.modified_residue_label_seq_id 
_pdbx_modification_feature.modified_residue_label_alt_id 
_pdbx_modification_feature.auth_comp_id 
_pdbx_modification_feature.auth_asym_id 
_pdbx_modification_feature.auth_seq_id 
_pdbx_modification_feature.PDB_ins_code 
_pdbx_modification_feature.symmetry 
_pdbx_modification_feature.modified_residue_auth_comp_id 
_pdbx_modification_feature.modified_residue_auth_asym_id 
_pdbx_modification_feature.modified_residue_auth_seq_id 
_pdbx_modification_feature.modified_residue_PDB_ins_code 
_pdbx_modification_feature.modified_residue_symmetry 
_pdbx_modification_feature.comp_id_linking_atom 
_pdbx_modification_feature.modified_residue_id_linking_atom 
_pdbx_modification_feature.modified_residue_id 
_pdbx_modification_feature.ref_pcm_id 
_pdbx_modification_feature.ref_comp_id 
_pdbx_modification_feature.type 
_pdbx_modification_feature.category 
1 CYS A 11 ? CYS A 44  ? CYS A 32  ? 1_555 CYS A 65  ? 1_555 SG SG . . . None 'Disulfide bridge' 
2 CYS A 40 ? CYS A 97  ? CYS A 61  ? 1_555 CYS A 118 ? 1_555 SG SG . . . None 'Disulfide bridge' 
3 CYS A 84 ? CYS A 106 ? CYS A 105 ? 1_555 CYS A 127 ? 1_555 SG SG . . . None 'Disulfide bridge' 
# 
_struct_sheet.id               A 
_struct_sheet.type             ? 
_struct_sheet.number_strands   2 
_struct_sheet.details          ? 
# 
_struct_sheet_order.sheet_id     A 
_struct_sheet_order.range_id_1   1 
_struct_sheet_order.range_id_2   2 
_struct_sheet_order.offset       ? 
_struct_sheet_order.sense        anti-parallel 
# 
loop_
_struct_sheet_range.sheet_id 
_struct_sheet_range.id 
_struct_sheet_range.beg_label_comp_id 
_struct_sheet_range.beg_label_asym_id 
_struct_sheet_range.beg_label_seq_id 
_struct_sheet_range.pdbx_beg_PDB_ins_code 
_struct_sheet_range.end_label_comp_id 
_struct_sheet_range.end_label_asym_id 
_struct_sheet_range.end_label_seq_id 
_struct_sheet_range.pdbx_end_PDB_ins_code 
_struct_sheet_range.beg_auth_comp_id 
_struct_sheet_range.beg_auth_asym_id 
_struct_sheet_range.beg_auth_seq_id 
_struct_sheet_range.end_auth_comp_id 
_struct_sheet_range.end_auth_asym_id 
_struct_sheet_range.end_auth_seq_id 
A 1 TYR A 52 ? ASP A 53 ? TYR A 73 ASP A 74 
A 2 GLY A 57 ? VAL A 58 ? GLY A 78 VAL A 79 
# 
_pdbx_struct_sheet_hbond.sheet_id                A 
_pdbx_struct_sheet_hbond.range_id_1              1 
_pdbx_struct_sheet_hbond.range_id_2              2 
_pdbx_struct_sheet_hbond.range_1_label_atom_id   N 
_pdbx_struct_sheet_hbond.range_1_label_comp_id   ASP 
_pdbx_struct_sheet_hbond.range_1_label_asym_id   A 
_pdbx_struct_sheet_hbond.range_1_label_seq_id    53 
_pdbx_struct_sheet_hbond.range_1_PDB_ins_code    ? 
_pdbx_struct_sheet_hbond.range_1_auth_atom_id    N 
_pdbx_struct_sheet_hbond.range_1_auth_comp_id    ASP 
_pdbx_struct_sheet_hbond.range_1_auth_asym_id    A 
_pdbx_struct_sheet_hbond.range_1_auth_seq_id     74 
_pdbx_struct_sheet_hbond.range_2_label_atom_id   O 
_pdbx_struct_sheet_hbond.range_2_label_comp_id   GLY 
_pdbx_struct_sheet_hbond.range_2_label_asym_id   A 
_pdbx_struct_sheet_hbond.range_2_label_seq_id    57 
_pdbx_struct_sheet_hbond.range_2_PDB_ins_code    ? 
_pdbx_struct_sheet_hbond.range_2_auth_atom_id    O 
_pdbx_struct_sheet_hbond.range_2_auth_comp_id    GLY 
_pdbx_struct_sheet_hbond.range_2_auth_asym_id    A 
_pdbx_struct_sheet_hbond.range_2_auth_seq_id     78 
# 
loop_
_struct_site.id 
_struct_site.pdbx_evidence_code 
_struct_site.pdbx_auth_asym_id 
_struct_site.pdbx_auth_comp_id 
_struct_site.pdbx_auth_seq_id 
_struct_site.pdbx_auth_ins_code 
_struct_site.pdbx_num_residues 
_struct_site.details 
AC1 Software A CYH 200 ? 8 'BINDING SITE FOR RESIDUE CYH A 200' 
AC2 Software A NH4 201 ? 4 'BINDING SITE FOR RESIDUE NH4 A 201' 
AC3 Software A NH4 202 ? 6 'BINDING SITE FOR RESIDUE NH4 A 202' 
AC4 Software A NH4 203 ? 5 'BINDING SITE FOR RESIDUE NH4 A 203' 
AC5 Software A NH4 204 ? 5 'BINDING SITE FOR RESIDUE NH4 A 204' 
# 
loop_
_struct_site_gen.id 
_struct_site_gen.site_id 
_struct_site_gen.pdbx_num_res 
_struct_site_gen.label_comp_id 
_struct_site_gen.label_asym_id 
_struct_site_gen.label_seq_id 
_struct_site_gen.pdbx_auth_ins_code 
_struct_site_gen.auth_comp_id 
_struct_site_gen.auth_asym_id 
_struct_site_gen.auth_seq_id 
_struct_site_gen.label_atom_id 
_struct_site_gen.label_alt_id 
_struct_site_gen.symmetry 
_struct_site_gen.details 
1  AC1 8 VAL A 42  ? VAL A 63  . ? 1_555 ? 
2  AC1 8 GLY A 46  ? GLY A 67  . ? 1_555 ? 
3  AC1 8 LEU A 51  ? LEU A 72  . ? 1_555 ? 
4  AC1 8 TYR A 52  ? TYR A 73  . ? 1_555 ? 
5  AC1 8 ASN A 63  ? ASN A 84  . ? 1_555 ? 
6  AC1 8 ALA A 100 ? ALA A 121 . ? 1_555 ? 
7  AC1 8 PHE A 104 ? PHE A 125 . ? 1_555 ? 
8  AC1 8 LEU A 107 ? LEU A 128 . ? 1_555 ? 
9  AC2 4 LEU A 23  ? LEU A 44  . ? 3_545 ? 
10 AC2 4 ASP A 74  ? ASP A 95  . ? 1_555 ? 
11 AC2 4 GLU A 75  ? GLU A 96  . ? 1_555 ? 
12 AC2 4 HOH G .   ? HOH A 206 . ? 1_555 ? 
13 AC3 6 LEU A 85  ? LEU A 106 . ? 1_555 ? 
14 AC3 6 GLU A 86  ? GLU A 107 . ? 1_555 ? 
15 AC3 6 ASN A 89  ? ASN A 110 . ? 1_555 ? 
16 AC3 6 LEU A 90  ? LEU A 111 . ? 1_555 ? 
17 AC3 6 HIS A 136 ? HIS A 157 . ? 1_555 ? 
18 AC3 6 HOH G .   ? HOH A 222 . ? 1_555 ? 
19 AC4 5 ASN A 50  ? ASN A 71  . ? 1_555 ? 
20 AC4 5 ASP A 59  ? ASP A 80  . ? 1_555 ? 
21 AC4 5 ALA A 62  ? ALA A 83  . ? 1_555 ? 
22 AC4 5 HOH G .   ? HOH A 220 . ? 1_555 ? 
23 AC4 5 HOH G .   ? HOH A 241 . ? 4_546 ? 
24 AC5 5 ASN A 13  ? ASN A 34  . ? 1_555 ? 
25 AC5 5 ASN A 50  ? ASN A 71  . ? 4_556 ? 
26 AC5 5 GLU A 132 ? GLU A 153 . ? 4_556 ? 
27 AC5 5 HOH G .   ? HOH A 212 . ? 1_555 ? 
28 AC5 5 HOH G .   ? HOH A 241 . ? 1_555 ? 
# 
_pdbx_entry_details.entry_id                   3QME 
_pdbx_entry_details.compound_details           ? 
_pdbx_entry_details.source_details             ? 
_pdbx_entry_details.nonpolymer_details         ? 
_pdbx_entry_details.sequence_details           ? 
_pdbx_entry_details.has_ligand_of_interest     ? 
_pdbx_entry_details.has_protein_modification   Y 
# 
loop_
_pdbx_struct_special_symmetry.id 
_pdbx_struct_special_symmetry.PDB_model_num 
_pdbx_struct_special_symmetry.auth_asym_id 
_pdbx_struct_special_symmetry.auth_comp_id 
_pdbx_struct_special_symmetry.auth_seq_id 
_pdbx_struct_special_symmetry.PDB_ins_code 
_pdbx_struct_special_symmetry.label_asym_id 
_pdbx_struct_special_symmetry.label_comp_id 
_pdbx_struct_special_symmetry.label_seq_id 
1 1 A HOH 246 ? G HOH . 
2 1 A HOH 257 ? G HOH . 
# 
loop_
_pdbx_unobs_or_zero_occ_residues.id 
_pdbx_unobs_or_zero_occ_residues.PDB_model_num 
_pdbx_unobs_or_zero_occ_residues.polymer_flag 
_pdbx_unobs_or_zero_occ_residues.occupancy_flag 
_pdbx_unobs_or_zero_occ_residues.auth_asym_id 
_pdbx_unobs_or_zero_occ_residues.auth_comp_id 
_pdbx_unobs_or_zero_occ_residues.auth_seq_id 
_pdbx_unobs_or_zero_occ_residues.PDB_ins_code 
_pdbx_unobs_or_zero_occ_residues.label_asym_id 
_pdbx_unobs_or_zero_occ_residues.label_comp_id 
_pdbx_unobs_or_zero_occ_residues.label_seq_id 
1  1 Y 1 A ALA 22  ? A ALA 1   
2  1 Y 1 A ASP 23  ? A ASP 2   
3  1 Y 1 A ASN 24  ? A ASN 3   
4  1 Y 1 A ASN 25  ? A ASN 4   
5  1 Y 1 A ASN 139 ? A ASN 118 
6  1 Y 1 A ASN 140 ? A ASN 119 
7  1 Y 1 A ALA 141 ? A ALA 120 
8  1 Y 1 A THR 142 ? A THR 121 
9  1 Y 1 A SER 143 ? A SER 122 
10 1 Y 1 A GLU 144 ? A GLU 123 
11 1 Y 1 A LEU 145 ? A LEU 124 
12 1 Y 1 A VAL 146 ? A VAL 125 
13 1 Y 1 A PRO 147 ? A PRO 126 
14 1 Y 1 A ARG 148 ? A ARG 127 
15 1 Y 1 A GLY 149 ? A GLY 128 
16 1 Y 1 A SER 150 ? A SER 129 
17 1 Y 1 A SER 151 ? A SER 130 
18 1 Y 1 A GLY 152 ? A GLY 131 
19 1 Y 1 A GLN 159 ? A GLN 138 
20 1 Y 1 A PHE 160 ? A PHE 139 
21 1 Y 1 A GLU 161 ? A GLU 140 
22 1 Y 1 A LYS 162 ? A LYS 141 
# 
loop_
_chem_comp_atom.comp_id 
_chem_comp_atom.atom_id 
_chem_comp_atom.type_symbol 
_chem_comp_atom.pdbx_aromatic_flag 
_chem_comp_atom.pdbx_stereo_config 
_chem_comp_atom.pdbx_ordinal 
ALA N    N N N 1   
ALA CA   C N S 2   
ALA C    C N N 3   
ALA O    O N N 4   
ALA CB   C N N 5   
ALA OXT  O N N 6   
ALA H    H N N 7   
ALA H2   H N N 8   
ALA HA   H N N 9   
ALA HB1  H N N 10  
ALA HB2  H N N 11  
ALA HB3  H N N 12  
ALA HXT  H N N 13  
ARG N    N N N 14  
ARG CA   C N S 15  
ARG C    C N N 16  
ARG O    O N N 17  
ARG CB   C N N 18  
ARG CG   C N N 19  
ARG CD   C N N 20  
ARG NE   N N N 21  
ARG CZ   C N N 22  
ARG NH1  N N N 23  
ARG NH2  N N N 24  
ARG OXT  O N N 25  
ARG H    H N N 26  
ARG H2   H N N 27  
ARG HA   H N N 28  
ARG HB2  H N N 29  
ARG HB3  H N N 30  
ARG HG2  H N N 31  
ARG HG3  H N N 32  
ARG HD2  H N N 33  
ARG HD3  H N N 34  
ARG HE   H N N 35  
ARG HH11 H N N 36  
ARG HH12 H N N 37  
ARG HH21 H N N 38  
ARG HH22 H N N 39  
ARG HXT  H N N 40  
ASN N    N N N 41  
ASN CA   C N S 42  
ASN C    C N N 43  
ASN O    O N N 44  
ASN CB   C N N 45  
ASN CG   C N N 46  
ASN OD1  O N N 47  
ASN ND2  N N N 48  
ASN OXT  O N N 49  
ASN H    H N N 50  
ASN H2   H N N 51  
ASN HA   H N N 52  
ASN HB2  H N N 53  
ASN HB3  H N N 54  
ASN HD21 H N N 55  
ASN HD22 H N N 56  
ASN HXT  H N N 57  
ASP N    N N N 58  
ASP CA   C N S 59  
ASP C    C N N 60  
ASP O    O N N 61  
ASP CB   C N N 62  
ASP CG   C N N 63  
ASP OD1  O N N 64  
ASP OD2  O N N 65  
ASP OXT  O N N 66  
ASP H    H N N 67  
ASP H2   H N N 68  
ASP HA   H N N 69  
ASP HB2  H N N 70  
ASP HB3  H N N 71  
ASP HD2  H N N 72  
ASP HXT  H N N 73  
CYH C1   C N N 74  
CYH O1   O N N 75  
CYH C2   C N N 76  
CYH C3   C N N 77  
CYH C4   C N N 78  
CYH C5   C N N 79  
CYH C6   C N N 80  
CYH H21  H N N 81  
CYH H22  H N N 82  
CYH H31  H N N 83  
CYH H32  H N N 84  
CYH H41  H N N 85  
CYH H42  H N N 86  
CYH H51  H N N 87  
CYH H52  H N N 88  
CYH H61  H N N 89  
CYH H62  H N N 90  
CYS N    N N N 91  
CYS CA   C N R 92  
CYS C    C N N 93  
CYS O    O N N 94  
CYS CB   C N N 95  
CYS SG   S N N 96  
CYS OXT  O N N 97  
CYS H    H N N 98  
CYS H2   H N N 99  
CYS HA   H N N 100 
CYS HB2  H N N 101 
CYS HB3  H N N 102 
CYS HG   H N N 103 
CYS HXT  H N N 104 
GLN N    N N N 105 
GLN CA   C N S 106 
GLN C    C N N 107 
GLN O    O N N 108 
GLN CB   C N N 109 
GLN CG   C N N 110 
GLN CD   C N N 111 
GLN OE1  O N N 112 
GLN NE2  N N N 113 
GLN OXT  O N N 114 
GLN H    H N N 115 
GLN H2   H N N 116 
GLN HA   H N N 117 
GLN HB2  H N N 118 
GLN HB3  H N N 119 
GLN HG2  H N N 120 
GLN HG3  H N N 121 
GLN HE21 H N N 122 
GLN HE22 H N N 123 
GLN HXT  H N N 124 
GLU N    N N N 125 
GLU CA   C N S 126 
GLU C    C N N 127 
GLU O    O N N 128 
GLU CB   C N N 129 
GLU CG   C N N 130 
GLU CD   C N N 131 
GLU OE1  O N N 132 
GLU OE2  O N N 133 
GLU OXT  O N N 134 
GLU H    H N N 135 
GLU H2   H N N 136 
GLU HA   H N N 137 
GLU HB2  H N N 138 
GLU HB3  H N N 139 
GLU HG2  H N N 140 
GLU HG3  H N N 141 
GLU HE2  H N N 142 
GLU HXT  H N N 143 
GLY N    N N N 144 
GLY CA   C N N 145 
GLY C    C N N 146 
GLY O    O N N 147 
GLY OXT  O N N 148 
GLY H    H N N 149 
GLY H2   H N N 150 
GLY HA2  H N N 151 
GLY HA3  H N N 152 
GLY HXT  H N N 153 
HIS N    N N N 154 
HIS CA   C N S 155 
HIS C    C N N 156 
HIS O    O N N 157 
HIS CB   C N N 158 
HIS CG   C Y N 159 
HIS ND1  N Y N 160 
HIS CD2  C Y N 161 
HIS CE1  C Y N 162 
HIS NE2  N Y N 163 
HIS OXT  O N N 164 
HIS H    H N N 165 
HIS H2   H N N 166 
HIS HA   H N N 167 
HIS HB2  H N N 168 
HIS HB3  H N N 169 
HIS HD1  H N N 170 
HIS HD2  H N N 171 
HIS HE1  H N N 172 
HIS HE2  H N N 173 
HIS HXT  H N N 174 
HOH O    O N N 175 
HOH H1   H N N 176 
HOH H2   H N N 177 
ILE N    N N N 178 
ILE CA   C N S 179 
ILE C    C N N 180 
ILE O    O N N 181 
ILE CB   C N S 182 
ILE CG1  C N N 183 
ILE CG2  C N N 184 
ILE CD1  C N N 185 
ILE OXT  O N N 186 
ILE H    H N N 187 
ILE H2   H N N 188 
ILE HA   H N N 189 
ILE HB   H N N 190 
ILE HG12 H N N 191 
ILE HG13 H N N 192 
ILE HG21 H N N 193 
ILE HG22 H N N 194 
ILE HG23 H N N 195 
ILE HD11 H N N 196 
ILE HD12 H N N 197 
ILE HD13 H N N 198 
ILE HXT  H N N 199 
LEU N    N N N 200 
LEU CA   C N S 201 
LEU C    C N N 202 
LEU O    O N N 203 
LEU CB   C N N 204 
LEU CG   C N N 205 
LEU CD1  C N N 206 
LEU CD2  C N N 207 
LEU OXT  O N N 208 
LEU H    H N N 209 
LEU H2   H N N 210 
LEU HA   H N N 211 
LEU HB2  H N N 212 
LEU HB3  H N N 213 
LEU HG   H N N 214 
LEU HD11 H N N 215 
LEU HD12 H N N 216 
LEU HD13 H N N 217 
LEU HD21 H N N 218 
LEU HD22 H N N 219 
LEU HD23 H N N 220 
LEU HXT  H N N 221 
LYS N    N N N 222 
LYS CA   C N S 223 
LYS C    C N N 224 
LYS O    O N N 225 
LYS CB   C N N 226 
LYS CG   C N N 227 
LYS CD   C N N 228 
LYS CE   C N N 229 
LYS NZ   N N N 230 
LYS OXT  O N N 231 
LYS H    H N N 232 
LYS H2   H N N 233 
LYS HA   H N N 234 
LYS HB2  H N N 235 
LYS HB3  H N N 236 
LYS HG2  H N N 237 
LYS HG3  H N N 238 
LYS HD2  H N N 239 
LYS HD3  H N N 240 
LYS HE2  H N N 241 
LYS HE3  H N N 242 
LYS HZ1  H N N 243 
LYS HZ2  H N N 244 
LYS HZ3  H N N 245 
LYS HXT  H N N 246 
MET N    N N N 247 
MET CA   C N S 248 
MET C    C N N 249 
MET O    O N N 250 
MET CB   C N N 251 
MET CG   C N N 252 
MET SD   S N N 253 
MET CE   C N N 254 
MET OXT  O N N 255 
MET H    H N N 256 
MET H2   H N N 257 
MET HA   H N N 258 
MET HB2  H N N 259 
MET HB3  H N N 260 
MET HG2  H N N 261 
MET HG3  H N N 262 
MET HE1  H N N 263 
MET HE2  H N N 264 
MET HE3  H N N 265 
MET HXT  H N N 266 
NH4 N    N N N 267 
NH4 HN1  H N N 268 
NH4 HN2  H N N 269 
NH4 HN3  H N N 270 
NH4 HN4  H N N 271 
PHE N    N N N 272 
PHE CA   C N S 273 
PHE C    C N N 274 
PHE O    O N N 275 
PHE CB   C N N 276 
PHE CG   C Y N 277 
PHE CD1  C Y N 278 
PHE CD2  C Y N 279 
PHE CE1  C Y N 280 
PHE CE2  C Y N 281 
PHE CZ   C Y N 282 
PHE OXT  O N N 283 
PHE H    H N N 284 
PHE H2   H N N 285 
PHE HA   H N N 286 
PHE HB2  H N N 287 
PHE HB3  H N N 288 
PHE HD1  H N N 289 
PHE HD2  H N N 290 
PHE HE1  H N N 291 
PHE HE2  H N N 292 
PHE HZ   H N N 293 
PHE HXT  H N N 294 
PRO N    N N N 295 
PRO CA   C N S 296 
PRO C    C N N 297 
PRO O    O N N 298 
PRO CB   C N N 299 
PRO CG   C N N 300 
PRO CD   C N N 301 
PRO OXT  O N N 302 
PRO H    H N N 303 
PRO HA   H N N 304 
PRO HB2  H N N 305 
PRO HB3  H N N 306 
PRO HG2  H N N 307 
PRO HG3  H N N 308 
PRO HD2  H N N 309 
PRO HD3  H N N 310 
PRO HXT  H N N 311 
SER N    N N N 312 
SER CA   C N S 313 
SER C    C N N 314 
SER O    O N N 315 
SER CB   C N N 316 
SER OG   O N N 317 
SER OXT  O N N 318 
SER H    H N N 319 
SER H2   H N N 320 
SER HA   H N N 321 
SER HB2  H N N 322 
SER HB3  H N N 323 
SER HG   H N N 324 
SER HXT  H N N 325 
THR N    N N N 326 
THR CA   C N S 327 
THR C    C N N 328 
THR O    O N N 329 
THR CB   C N R 330 
THR OG1  O N N 331 
THR CG2  C N N 332 
THR OXT  O N N 333 
THR H    H N N 334 
THR H2   H N N 335 
THR HA   H N N 336 
THR HB   H N N 337 
THR HG1  H N N 338 
THR HG21 H N N 339 
THR HG22 H N N 340 
THR HG23 H N N 341 
THR HXT  H N N 342 
TRP N    N N N 343 
TRP CA   C N S 344 
TRP C    C N N 345 
TRP O    O N N 346 
TRP CB   C N N 347 
TRP CG   C Y N 348 
TRP CD1  C Y N 349 
TRP CD2  C Y N 350 
TRP NE1  N Y N 351 
TRP CE2  C Y N 352 
TRP CE3  C Y N 353 
TRP CZ2  C Y N 354 
TRP CZ3  C Y N 355 
TRP CH2  C Y N 356 
TRP OXT  O N N 357 
TRP H    H N N 358 
TRP H2   H N N 359 
TRP HA   H N N 360 
TRP HB2  H N N 361 
TRP HB3  H N N 362 
TRP HD1  H N N 363 
TRP HE1  H N N 364 
TRP HE3  H N N 365 
TRP HZ2  H N N 366 
TRP HZ3  H N N 367 
TRP HH2  H N N 368 
TRP HXT  H N N 369 
TYR N    N N N 370 
TYR CA   C N S 371 
TYR C    C N N 372 
TYR O    O N N 373 
TYR CB   C N N 374 
TYR CG   C Y N 375 
TYR CD1  C Y N 376 
TYR CD2  C Y N 377 
TYR CE1  C Y N 378 
TYR CE2  C Y N 379 
TYR CZ   C Y N 380 
TYR OH   O N N 381 
TYR OXT  O N N 382 
TYR H    H N N 383 
TYR H2   H N N 384 
TYR HA   H N N 385 
TYR HB2  H N N 386 
TYR HB3  H N N 387 
TYR HD1  H N N 388 
TYR HD2  H N N 389 
TYR HE1  H N N 390 
TYR HE2  H N N 391 
TYR HH   H N N 392 
TYR HXT  H N N 393 
VAL N    N N N 394 
VAL CA   C N S 395 
VAL C    C N N 396 
VAL O    O N N 397 
VAL CB   C N N 398 
VAL CG1  C N N 399 
VAL CG2  C N N 400 
VAL OXT  O N N 401 
VAL H    H N N 402 
VAL H2   H N N 403 
VAL HA   H N N 404 
VAL HB   H N N 405 
VAL HG11 H N N 406 
VAL HG12 H N N 407 
VAL HG13 H N N 408 
VAL HG21 H N N 409 
VAL HG22 H N N 410 
VAL HG23 H N N 411 
VAL HXT  H N N 412 
# 
loop_
_chem_comp_bond.comp_id 
_chem_comp_bond.atom_id_1 
_chem_comp_bond.atom_id_2 
_chem_comp_bond.value_order 
_chem_comp_bond.pdbx_aromatic_flag 
_chem_comp_bond.pdbx_stereo_config 
_chem_comp_bond.pdbx_ordinal 
ALA N   CA   sing N N 1   
ALA N   H    sing N N 2   
ALA N   H2   sing N N 3   
ALA CA  C    sing N N 4   
ALA CA  CB   sing N N 5   
ALA CA  HA   sing N N 6   
ALA C   O    doub N N 7   
ALA C   OXT  sing N N 8   
ALA CB  HB1  sing N N 9   
ALA CB  HB2  sing N N 10  
ALA CB  HB3  sing N N 11  
ALA OXT HXT  sing N N 12  
ARG N   CA   sing N N 13  
ARG N   H    sing N N 14  
ARG N   H2   sing N N 15  
ARG CA  C    sing N N 16  
ARG CA  CB   sing N N 17  
ARG CA  HA   sing N N 18  
ARG C   O    doub N N 19  
ARG C   OXT  sing N N 20  
ARG CB  CG   sing N N 21  
ARG CB  HB2  sing N N 22  
ARG CB  HB3  sing N N 23  
ARG CG  CD   sing N N 24  
ARG CG  HG2  sing N N 25  
ARG CG  HG3  sing N N 26  
ARG CD  NE   sing N N 27  
ARG CD  HD2  sing N N 28  
ARG CD  HD3  sing N N 29  
ARG NE  CZ   sing N N 30  
ARG NE  HE   sing N N 31  
ARG CZ  NH1  sing N N 32  
ARG CZ  NH2  doub N N 33  
ARG NH1 HH11 sing N N 34  
ARG NH1 HH12 sing N N 35  
ARG NH2 HH21 sing N N 36  
ARG NH2 HH22 sing N N 37  
ARG OXT HXT  sing N N 38  
ASN N   CA   sing N N 39  
ASN N   H    sing N N 40  
ASN N   H2   sing N N 41  
ASN CA  C    sing N N 42  
ASN CA  CB   sing N N 43  
ASN CA  HA   sing N N 44  
ASN C   O    doub N N 45  
ASN C   OXT  sing N N 46  
ASN CB  CG   sing N N 47  
ASN CB  HB2  sing N N 48  
ASN CB  HB3  sing N N 49  
ASN CG  OD1  doub N N 50  
ASN CG  ND2  sing N N 51  
ASN ND2 HD21 sing N N 52  
ASN ND2 HD22 sing N N 53  
ASN OXT HXT  sing N N 54  
ASP N   CA   sing N N 55  
ASP N   H    sing N N 56  
ASP N   H2   sing N N 57  
ASP CA  C    sing N N 58  
ASP CA  CB   sing N N 59  
ASP CA  HA   sing N N 60  
ASP C   O    doub N N 61  
ASP C   OXT  sing N N 62  
ASP CB  CG   sing N N 63  
ASP CB  HB2  sing N N 64  
ASP CB  HB3  sing N N 65  
ASP CG  OD1  doub N N 66  
ASP CG  OD2  sing N N 67  
ASP OD2 HD2  sing N N 68  
ASP OXT HXT  sing N N 69  
CYH C1  O1   doub N N 70  
CYH C1  C2   sing N N 71  
CYH C1  C6   sing N N 72  
CYH C2  C3   sing N N 73  
CYH C2  H21  sing N N 74  
CYH C2  H22  sing N N 75  
CYH C3  C4   sing N N 76  
CYH C3  H31  sing N N 77  
CYH C3  H32  sing N N 78  
CYH C4  C5   sing N N 79  
CYH C4  H41  sing N N 80  
CYH C4  H42  sing N N 81  
CYH C5  C6   sing N N 82  
CYH C5  H51  sing N N 83  
CYH C5  H52  sing N N 84  
CYH C6  H61  sing N N 85  
CYH C6  H62  sing N N 86  
CYS N   CA   sing N N 87  
CYS N   H    sing N N 88  
CYS N   H2   sing N N 89  
CYS CA  C    sing N N 90  
CYS CA  CB   sing N N 91  
CYS CA  HA   sing N N 92  
CYS C   O    doub N N 93  
CYS C   OXT  sing N N 94  
CYS CB  SG   sing N N 95  
CYS CB  HB2  sing N N 96  
CYS CB  HB3  sing N N 97  
CYS SG  HG   sing N N 98  
CYS OXT HXT  sing N N 99  
GLN N   CA   sing N N 100 
GLN N   H    sing N N 101 
GLN N   H2   sing N N 102 
GLN CA  C    sing N N 103 
GLN CA  CB   sing N N 104 
GLN CA  HA   sing N N 105 
GLN C   O    doub N N 106 
GLN C   OXT  sing N N 107 
GLN CB  CG   sing N N 108 
GLN CB  HB2  sing N N 109 
GLN CB  HB3  sing N N 110 
GLN CG  CD   sing N N 111 
GLN CG  HG2  sing N N 112 
GLN CG  HG3  sing N N 113 
GLN CD  OE1  doub N N 114 
GLN CD  NE2  sing N N 115 
GLN NE2 HE21 sing N N 116 
GLN NE2 HE22 sing N N 117 
GLN OXT HXT  sing N N 118 
GLU N   CA   sing N N 119 
GLU N   H    sing N N 120 
GLU N   H2   sing N N 121 
GLU CA  C    sing N N 122 
GLU CA  CB   sing N N 123 
GLU CA  HA   sing N N 124 
GLU C   O    doub N N 125 
GLU C   OXT  sing N N 126 
GLU CB  CG   sing N N 127 
GLU CB  HB2  sing N N 128 
GLU CB  HB3  sing N N 129 
GLU CG  CD   sing N N 130 
GLU CG  HG2  sing N N 131 
GLU CG  HG3  sing N N 132 
GLU CD  OE1  doub N N 133 
GLU CD  OE2  sing N N 134 
GLU OE2 HE2  sing N N 135 
GLU OXT HXT  sing N N 136 
GLY N   CA   sing N N 137 
GLY N   H    sing N N 138 
GLY N   H2   sing N N 139 
GLY CA  C    sing N N 140 
GLY CA  HA2  sing N N 141 
GLY CA  HA3  sing N N 142 
GLY C   O    doub N N 143 
GLY C   OXT  sing N N 144 
GLY OXT HXT  sing N N 145 
HIS N   CA   sing N N 146 
HIS N   H    sing N N 147 
HIS N   H2   sing N N 148 
HIS CA  C    sing N N 149 
HIS CA  CB   sing N N 150 
HIS CA  HA   sing N N 151 
HIS C   O    doub N N 152 
HIS C   OXT  sing N N 153 
HIS CB  CG   sing N N 154 
HIS CB  HB2  sing N N 155 
HIS CB  HB3  sing N N 156 
HIS CG  ND1  sing Y N 157 
HIS CG  CD2  doub Y N 158 
HIS ND1 CE1  doub Y N 159 
HIS ND1 HD1  sing N N 160 
HIS CD2 NE2  sing Y N 161 
HIS CD2 HD2  sing N N 162 
HIS CE1 NE2  sing Y N 163 
HIS CE1 HE1  sing N N 164 
HIS NE2 HE2  sing N N 165 
HIS OXT HXT  sing N N 166 
HOH O   H1   sing N N 167 
HOH O   H2   sing N N 168 
ILE N   CA   sing N N 169 
ILE N   H    sing N N 170 
ILE N   H2   sing N N 171 
ILE CA  C    sing N N 172 
ILE CA  CB   sing N N 173 
ILE CA  HA   sing N N 174 
ILE C   O    doub N N 175 
ILE C   OXT  sing N N 176 
ILE CB  CG1  sing N N 177 
ILE CB  CG2  sing N N 178 
ILE CB  HB   sing N N 179 
ILE CG1 CD1  sing N N 180 
ILE CG1 HG12 sing N N 181 
ILE CG1 HG13 sing N N 182 
ILE CG2 HG21 sing N N 183 
ILE CG2 HG22 sing N N 184 
ILE CG2 HG23 sing N N 185 
ILE CD1 HD11 sing N N 186 
ILE CD1 HD12 sing N N 187 
ILE CD1 HD13 sing N N 188 
ILE OXT HXT  sing N N 189 
LEU N   CA   sing N N 190 
LEU N   H    sing N N 191 
LEU N   H2   sing N N 192 
LEU CA  C    sing N N 193 
LEU CA  CB   sing N N 194 
LEU CA  HA   sing N N 195 
LEU C   O    doub N N 196 
LEU C   OXT  sing N N 197 
LEU CB  CG   sing N N 198 
LEU CB  HB2  sing N N 199 
LEU CB  HB3  sing N N 200 
LEU CG  CD1  sing N N 201 
LEU CG  CD2  sing N N 202 
LEU CG  HG   sing N N 203 
LEU CD1 HD11 sing N N 204 
LEU CD1 HD12 sing N N 205 
LEU CD1 HD13 sing N N 206 
LEU CD2 HD21 sing N N 207 
LEU CD2 HD22 sing N N 208 
LEU CD2 HD23 sing N N 209 
LEU OXT HXT  sing N N 210 
LYS N   CA   sing N N 211 
LYS N   H    sing N N 212 
LYS N   H2   sing N N 213 
LYS CA  C    sing N N 214 
LYS CA  CB   sing N N 215 
LYS CA  HA   sing N N 216 
LYS C   O    doub N N 217 
LYS C   OXT  sing N N 218 
LYS CB  CG   sing N N 219 
LYS CB  HB2  sing N N 220 
LYS CB  HB3  sing N N 221 
LYS CG  CD   sing N N 222 
LYS CG  HG2  sing N N 223 
LYS CG  HG3  sing N N 224 
LYS CD  CE   sing N N 225 
LYS CD  HD2  sing N N 226 
LYS CD  HD3  sing N N 227 
LYS CE  NZ   sing N N 228 
LYS CE  HE2  sing N N 229 
LYS CE  HE3  sing N N 230 
LYS NZ  HZ1  sing N N 231 
LYS NZ  HZ2  sing N N 232 
LYS NZ  HZ3  sing N N 233 
LYS OXT HXT  sing N N 234 
MET N   CA   sing N N 235 
MET N   H    sing N N 236 
MET N   H2   sing N N 237 
MET CA  C    sing N N 238 
MET CA  CB   sing N N 239 
MET CA  HA   sing N N 240 
MET C   O    doub N N 241 
MET C   OXT  sing N N 242 
MET CB  CG   sing N N 243 
MET CB  HB2  sing N N 244 
MET CB  HB3  sing N N 245 
MET CG  SD   sing N N 246 
MET CG  HG2  sing N N 247 
MET CG  HG3  sing N N 248 
MET SD  CE   sing N N 249 
MET CE  HE1  sing N N 250 
MET CE  HE2  sing N N 251 
MET CE  HE3  sing N N 252 
MET OXT HXT  sing N N 253 
NH4 N   HN1  sing N N 254 
NH4 N   HN2  sing N N 255 
NH4 N   HN3  sing N N 256 
NH4 N   HN4  sing N N 257 
PHE N   CA   sing N N 258 
PHE N   H    sing N N 259 
PHE N   H2   sing N N 260 
PHE CA  C    sing N N 261 
PHE CA  CB   sing N N 262 
PHE CA  HA   sing N N 263 
PHE C   O    doub N N 264 
PHE C   OXT  sing N N 265 
PHE CB  CG   sing N N 266 
PHE CB  HB2  sing N N 267 
PHE CB  HB3  sing N N 268 
PHE CG  CD1  doub Y N 269 
PHE CG  CD2  sing Y N 270 
PHE CD1 CE1  sing Y N 271 
PHE CD1 HD1  sing N N 272 
PHE CD2 CE2  doub Y N 273 
PHE CD2 HD2  sing N N 274 
PHE CE1 CZ   doub Y N 275 
PHE CE1 HE1  sing N N 276 
PHE CE2 CZ   sing Y N 277 
PHE CE2 HE2  sing N N 278 
PHE CZ  HZ   sing N N 279 
PHE OXT HXT  sing N N 280 
PRO N   CA   sing N N 281 
PRO N   CD   sing N N 282 
PRO N   H    sing N N 283 
PRO CA  C    sing N N 284 
PRO CA  CB   sing N N 285 
PRO CA  HA   sing N N 286 
PRO C   O    doub N N 287 
PRO C   OXT  sing N N 288 
PRO CB  CG   sing N N 289 
PRO CB  HB2  sing N N 290 
PRO CB  HB3  sing N N 291 
PRO CG  CD   sing N N 292 
PRO CG  HG2  sing N N 293 
PRO CG  HG3  sing N N 294 
PRO CD  HD2  sing N N 295 
PRO CD  HD3  sing N N 296 
PRO OXT HXT  sing N N 297 
SER N   CA   sing N N 298 
SER N   H    sing N N 299 
SER N   H2   sing N N 300 
SER CA  C    sing N N 301 
SER CA  CB   sing N N 302 
SER CA  HA   sing N N 303 
SER C   O    doub N N 304 
SER C   OXT  sing N N 305 
SER CB  OG   sing N N 306 
SER CB  HB2  sing N N 307 
SER CB  HB3  sing N N 308 
SER OG  HG   sing N N 309 
SER OXT HXT  sing N N 310 
THR N   CA   sing N N 311 
THR N   H    sing N N 312 
THR N   H2   sing N N 313 
THR CA  C    sing N N 314 
THR CA  CB   sing N N 315 
THR CA  HA   sing N N 316 
THR C   O    doub N N 317 
THR C   OXT  sing N N 318 
THR CB  OG1  sing N N 319 
THR CB  CG2  sing N N 320 
THR CB  HB   sing N N 321 
THR OG1 HG1  sing N N 322 
THR CG2 HG21 sing N N 323 
THR CG2 HG22 sing N N 324 
THR CG2 HG23 sing N N 325 
THR OXT HXT  sing N N 326 
TRP N   CA   sing N N 327 
TRP N   H    sing N N 328 
TRP N   H2   sing N N 329 
TRP CA  C    sing N N 330 
TRP CA  CB   sing N N 331 
TRP CA  HA   sing N N 332 
TRP C   O    doub N N 333 
TRP C   OXT  sing N N 334 
TRP CB  CG   sing N N 335 
TRP CB  HB2  sing N N 336 
TRP CB  HB3  sing N N 337 
TRP CG  CD1  doub Y N 338 
TRP CG  CD2  sing Y N 339 
TRP CD1 NE1  sing Y N 340 
TRP CD1 HD1  sing N N 341 
TRP CD2 CE2  doub Y N 342 
TRP CD2 CE3  sing Y N 343 
TRP NE1 CE2  sing Y N 344 
TRP NE1 HE1  sing N N 345 
TRP CE2 CZ2  sing Y N 346 
TRP CE3 CZ3  doub Y N 347 
TRP CE3 HE3  sing N N 348 
TRP CZ2 CH2  doub Y N 349 
TRP CZ2 HZ2  sing N N 350 
TRP CZ3 CH2  sing Y N 351 
TRP CZ3 HZ3  sing N N 352 
TRP CH2 HH2  sing N N 353 
TRP OXT HXT  sing N N 354 
TYR N   CA   sing N N 355 
TYR N   H    sing N N 356 
TYR N   H2   sing N N 357 
TYR CA  C    sing N N 358 
TYR CA  CB   sing N N 359 
TYR CA  HA   sing N N 360 
TYR C   O    doub N N 361 
TYR C   OXT  sing N N 362 
TYR CB  CG   sing N N 363 
TYR CB  HB2  sing N N 364 
TYR CB  HB3  sing N N 365 
TYR CG  CD1  doub Y N 366 
TYR CG  CD2  sing Y N 367 
TYR CD1 CE1  sing Y N 368 
TYR CD1 HD1  sing N N 369 
TYR CD2 CE2  doub Y N 370 
TYR CD2 HD2  sing N N 371 
TYR CE1 CZ   doub Y N 372 
TYR CE1 HE1  sing N N 373 
TYR CE2 CZ   sing Y N 374 
TYR CE2 HE2  sing N N 375 
TYR CZ  OH   sing N N 376 
TYR OH  HH   sing N N 377 
TYR OXT HXT  sing N N 378 
VAL N   CA   sing N N 379 
VAL N   H    sing N N 380 
VAL N   H2   sing N N 381 
VAL CA  C    sing N N 382 
VAL CA  CB   sing N N 383 
VAL CA  HA   sing N N 384 
VAL C   O    doub N N 385 
VAL C   OXT  sing N N 386 
VAL CB  CG1  sing N N 387 
VAL CB  CG2  sing N N 388 
VAL CB  HB   sing N N 389 
VAL CG1 HG11 sing N N 390 
VAL CG1 HG12 sing N N 391 
VAL CG1 HG13 sing N N 392 
VAL CG2 HG21 sing N N 393 
VAL CG2 HG22 sing N N 394 
VAL CG2 HG23 sing N N 395 
VAL OXT HXT  sing N N 396 
# 
_pdbx_initial_refinement_model.id               1 
_pdbx_initial_refinement_model.entity_id_list   ? 
_pdbx_initial_refinement_model.type             'experimental model' 
_pdbx_initial_refinement_model.source_name      PDB 
_pdbx_initial_refinement_model.accession_code   3L4A 
_pdbx_initial_refinement_model.details          ? 
# 
_atom_sites.entry_id                    3QME 
_atom_sites.fract_transf_matrix[1][1]   -0.01037192 
_atom_sites.fract_transf_matrix[1][2]   -0.00633212 
_atom_sites.fract_transf_matrix[1][3]   -0.00709520 
_atom_sites.fract_transf_matrix[2][1]   -0.00194054 
_atom_sites.fract_transf_matrix[2][2]   0.02113996 
_atom_sites.fract_transf_matrix[2][3]   -0.01602965 
_atom_sites.fract_transf_matrix[3][1]   0.01267618 
_atom_sites.fract_transf_matrix[3][2]   -0.01100459 
_atom_sites.fract_transf_matrix[3][3]   -0.01604746 
_atom_sites.fract_transf_vector[1]      0.350448 
_atom_sites.fract_transf_vector[2]      0.864530 
_atom_sites.fract_transf_vector[3]      0.753928 
# 
loop_
_atom_type.symbol 
C 
N 
O 
S 
# 
loop_
_atom_site.group_PDB 
_atom_site.id 
_atom_site.type_symbol 
_atom_site.label_atom_id 
_atom_site.label_alt_id 
_atom_site.label_comp_id 
_atom_site.label_asym_id 
_atom_site.label_entity_id 
_atom_site.label_seq_id 
_atom_site.pdbx_PDB_ins_code 
_atom_site.Cartn_x 
_atom_site.Cartn_y 
_atom_site.Cartn_z 
_atom_site.occupancy 
_atom_site.B_iso_or_equiv 
_atom_site.pdbx_formal_charge 
_atom_site.auth_seq_id 
_atom_site.auth_comp_id 
_atom_site.auth_asym_id 
_atom_site.auth_atom_id 
_atom_site.pdbx_PDB_model_num 
ATOM   1    N N   . GLU A 1 5   ? -5.183  15.304  -1.704  1.00 47.68 ? 26  GLU A N   1 
ATOM   2    C CA  . GLU A 1 5   ? -6.110  14.842  -0.682  1.00 34.05 ? 26  GLU A CA  1 
ATOM   3    C C   . GLU A 1 5   ? -5.507  14.937  0.719   1.00 28.41 ? 26  GLU A C   1 
ATOM   4    O O   . GLU A 1 5   ? -4.289  15.038  0.886   1.00 29.62 ? 26  GLU A O   1 
ATOM   5    C CB  . GLU A 1 5   ? -6.544  13.403  -0.951  1.00 38.01 ? 26  GLU A CB  1 
ATOM   6    C CG  . GLU A 1 5   ? -7.688  12.944  -0.060  1.00 41.52 ? 26  GLU A CG  1 
ATOM   7    C CD  . GLU A 1 5   ? -7.612  11.471  0.289   1.00 47.90 ? 26  GLU A CD  1 
ATOM   8    O OE1 . GLU A 1 5   ? -7.215  10.673  -0.591  1.00 48.32 ? 26  GLU A OE1 1 
ATOM   9    O OE2 . GLU A 1 5   ? -7.945  11.118  1.446   1.00 41.08 ? 26  GLU A OE2 1 
ATOM   10   N N   . SER A 1 6   ? -6.392  14.886  1.711   1.00 36.73 ? 27  SER A N   1 
ATOM   11   C CA  . SER A 1 6   ? -6.054  15.046  3.122   1.00 26.79 ? 27  SER A CA  1 
ATOM   12   C C   . SER A 1 6   ? -4.895  14.157  3.571   1.00 25.79 ? 27  SER A C   1 
ATOM   13   O O   . SER A 1 6   ? -3.950  14.632  4.204   1.00 21.82 ? 27  SER A O   1 
ATOM   14   C CB  . SER A 1 6   ? -7.299  14.766  3.971   1.00 26.50 ? 27  SER A CB  1 
ATOM   15   O OG  . SER A 1 6   ? -7.051  14.977  5.351   1.00 24.34 ? 27  SER A OG  1 
ATOM   16   N N   . VAL A 1 7   ? -4.970  12.868  3.243   1.00 20.95 ? 28  VAL A N   1 
ATOM   17   C CA  . VAL A 1 7   ? -3.963  11.901  3.679   1.00 20.62 ? 28  VAL A CA  1 
ATOM   18   C C   . VAL A 1 7   ? -2.600  12.123  3.015   1.00 19.59 ? 28  VAL A C   1 
ATOM   19   O O   . VAL A 1 7   ? -1.558  11.943  3.657   1.00 21.72 ? 28  VAL A O   1 
ATOM   20   C CB  . VAL A 1 7   ? -4.471  10.443  3.520   1.00 27.71 ? 28  VAL A CB  1 
ATOM   21   C CG1 . VAL A 1 7   ? -3.365  9.454   3.758   1.00 30.26 ? 28  VAL A CG1 1 
ATOM   22   C CG2 . VAL A 1 7   ? -5.618  10.172  4.492   1.00 28.87 ? 28  VAL A CG2 1 
ATOM   23   N N   . ILE A 1 8   ? -2.589  12.551  1.757   1.00 18.22 ? 29  ILE A N   1 
ATOM   24   C CA  . ILE A 1 8   ? -1.319  12.862  1.090   1.00 18.97 ? 29  ILE A CA  1 
ATOM   25   C C   . ILE A 1 8   ? -0.586  13.997  1.808   1.00 24.65 ? 29  ILE A C   1 
ATOM   26   O O   . ILE A 1 8   ? 0.605   13.886  2.134   1.00 20.62 ? 29  ILE A O   1 
ATOM   27   C CB  . ILE A 1 8   ? -1.507  13.278  -0.390  1.00 22.82 ? 29  ILE A CB  1 
ATOM   28   C CG1 . ILE A 1 8   ? -2.169  12.164  -1.200  1.00 30.38 ? 29  ILE A CG1 1 
ATOM   29   C CG2 . ILE A 1 8   ? -0.170  13.687  -1.010  1.00 25.86 ? 29  ILE A CG2 1 
ATOM   30   C CD1 . ILE A 1 8   ? -1.651  10.799  -0.884  1.00 29.98 ? 29  ILE A CD1 1 
ATOM   31   N N   . GLU A 1 9   ? -1.298  15.097  2.053   1.00 21.30 ? 30  GLU A N   1 
ATOM   32   C CA  . GLU A 1 9   ? -0.696  16.233  2.739   1.00 22.89 ? 30  GLU A CA  1 
ATOM   33   C C   . GLU A 1 9   ? -0.186  15.854  4.130   1.00 19.72 ? 30  GLU A C   1 
ATOM   34   O O   . GLU A 1 9   ? 0.934   16.207  4.504   1.00 18.45 ? 30  GLU A O   1 
ATOM   35   C CB  . GLU A 1 9   ? -1.680  17.401  2.813   1.00 27.11 ? 30  GLU A CB  1 
ATOM   36   C CG  . GLU A 1 9   ? -2.140  17.892  1.430   1.00 20.89 ? 30  GLU A CG  1 
ATOM   37   C CD  . GLU A 1 9   ? -0.974  18.252  0.528   1.00 33.07 ? 30  GLU A CD  1 
ATOM   38   O OE1 . GLU A 1 9   ? -0.929  17.751  -0.613  1.00 47.90 ? 30  GLU A OE1 1 
ATOM   39   O OE2 . GLU A 1 9   ? -0.099  19.034  0.960   1.00 37.38 ? 30  GLU A OE2 1 
ATOM   40   N N   . SER A 1 10  ? -0.993  15.114  4.888   1.00 18.66 ? 31  SER A N   1 
ATOM   41   C CA  . SER A 1 10  ? -0.612  14.770  6.260   1.00 18.23 ? 31  SER A CA  1 
ATOM   42   C C   . SER A 1 10  ? 0.594   13.846  6.283   1.00 17.49 ? 31  SER A C   1 
ATOM   43   O O   . SER A 1 10  ? 1.506   14.009  7.097   1.00 15.83 ? 31  SER A O   1 
ATOM   44   C CB  . SER A 1 10  ? -1.784  14.141  7.020   1.00 19.91 ? 31  SER A CB  1 
ATOM   45   O OG  . SER A 1 10  ? -2.820  15.100  7.174   1.00 16.81 ? 31  SER A OG  1 
ATOM   46   N N   . CYS A 1 11  ? 0.590   12.866  5.391   1.00 15.15 ? 32  CYS A N   1 
ATOM   47   C CA  . CYS A 1 11  ? 1.683   11.911  5.340   1.00 18.15 ? 32  CYS A CA  1 
ATOM   48   C C   . CYS A 1 11  ? 2.974   12.569  4.847   1.00 18.57 ? 32  CYS A C   1 
ATOM   49   O O   . CYS A 1 11  ? 4.069   12.191  5.269   1.00 18.22 ? 32  CYS A O   1 
ATOM   50   C CB  . CYS A 1 11  ? 1.303   10.687  4.508   1.00 14.31 ? 32  CYS A CB  1 
ATOM   51   S SG  . CYS A 1 11  ? 0.308   9.501   5.456   1.00 12.84 ? 32  CYS A SG  1 
ATOM   52   N N   . SER A 1 12  ? 2.843   13.572  3.982   1.00 16.63 ? 33  SER A N   1 
ATOM   53   C CA  . SER A 1 12  ? 4.029   14.279  3.499   1.00 21.58 ? 33  SER A CA  1 
ATOM   54   C C   . SER A 1 12  ? 4.645   15.060  4.661   1.00 22.12 ? 33  SER A C   1 
ATOM   55   O O   . SER A 1 12  ? 5.848   15.290  4.695   1.00 17.74 ? 33  SER A O   1 
ATOM   56   C CB  . SER A 1 12  ? 3.713   15.193  2.305   1.00 19.88 ? 33  SER A CB  1 
ATOM   57   O OG  . SER A 1 12  ? 3.015   16.354  2.723   1.00 26.28 ? 33  SER A OG  1 
ATOM   58   N N   . ASN A 1 13  ? 3.809   15.431  5.631   1.00 22.95 ? 34  ASN A N   1 
ATOM   59   C CA  . ASN A 1 13  ? 4.291   16.112  6.833   1.00 20.98 ? 34  ASN A CA  1 
ATOM   60   C C   . ASN A 1 13  ? 4.793   15.146  7.916   1.00 22.57 ? 34  ASN A C   1 
ATOM   61   O O   . ASN A 1 13  ? 5.681   15.475  8.694   1.00 19.61 ? 34  ASN A O   1 
ATOM   62   C CB  . ASN A 1 13  ? 3.210   17.045  7.394   1.00 21.74 ? 34  ASN A CB  1 
ATOM   63   C CG  . ASN A 1 13  ? 3.159   18.392  6.665   1.00 32.71 ? 34  ASN A CG  1 
ATOM   64   O OD1 . ASN A 1 13  ? 4.193   19.047  6.462   1.00 30.10 ? 34  ASN A OD1 1 
ATOM   65   N ND2 . ASN A 1 13  ? 1.956   18.803  6.260   1.00 27.23 ? 34  ASN A ND2 1 
ATOM   66   N N   . ALA A 1 14  ? 4.226   13.951  7.969   1.00 14.58 ? 35  ALA A N   1 
ATOM   67   C CA  . ALA A 1 14  ? 4.605   13.021  9.007   1.00 16.86 ? 35  ALA A CA  1 
ATOM   68   C C   . ALA A 1 14  ? 5.902   12.315  8.633   1.00 19.86 ? 35  ALA A C   1 
ATOM   69   O O   . ALA A 1 14  ? 6.581   11.763  9.487   1.00 24.31 ? 35  ALA A O   1 
ATOM   70   C CB  . ALA A 1 14  ? 3.498   11.998  9.236   1.00 21.65 ? 35  ALA A CB  1 
ATOM   71   N N   . VAL A 1 15  ? 6.230   12.318  7.348   1.00 18.18 ? 36  VAL A N   1 
ATOM   72   C CA  . VAL A 1 15  ? 7.386   11.581  6.866   1.00 17.36 ? 36  VAL A CA  1 
ATOM   73   C C   . VAL A 1 15  ? 8.517   12.546  6.519   1.00 20.61 ? 36  VAL A C   1 
ATOM   74   O O   . VAL A 1 15  ? 8.343   13.440  5.701   1.00 15.72 ? 36  VAL A O   1 
ATOM   75   C CB  . VAL A 1 15  ? 7.017   10.736  5.636   1.00 15.07 ? 36  VAL A CB  1 
ATOM   76   C CG1 . VAL A 1 15  ? 8.254   10.005  5.096   1.00 13.46 ? 36  VAL A CG1 1 
ATOM   77   C CG2 . VAL A 1 15  ? 5.890   9.763   5.995   1.00 14.91 ? 36  VAL A CG2 1 
ATOM   78   N N   . GLN A 1 16  ? 9.664   12.380  7.170   1.00 20.38 ? 37  GLN A N   1 
ATOM   79   C CA  . GLN A 1 16  ? 10.801  13.250  6.918   1.00 20.35 ? 37  GLN A CA  1 
ATOM   80   C C   . GLN A 1 16  ? 11.186  13.197  5.437   1.00 21.33 ? 37  GLN A C   1 
ATOM   81   O O   . GLN A 1 16  ? 11.363  12.117  4.875   1.00 16.95 ? 37  GLN A O   1 
ATOM   82   C CB  . GLN A 1 16  ? 11.992  12.815  7.775   1.00 34.62 ? 37  GLN A CB  1 
ATOM   83   C CG  . GLN A 1 16  ? 13.094  13.854  7.849   1.00 43.85 ? 37  GLN A CG  1 
ATOM   84   C CD  . GLN A 1 16  ? 12.615  15.145  8.497   1.00 61.84 ? 37  GLN A CD  1 
ATOM   85   O OE1 . GLN A 1 16  ? 12.791  16.234  7.947   1.00 63.01 ? 37  GLN A OE1 1 
ATOM   86   N NE2 . GLN A 1 16  ? 11.999  15.026  9.674   1.00 53.52 ? 37  GLN A NE2 1 
ATOM   87   N N   . GLY A 1 17  ? 11.301  14.359  4.805   1.00 15.38 ? 38  GLY A N   1 
ATOM   88   C CA  . GLY A 1 17  ? 11.672  14.418  3.403   1.00 16.97 ? 38  GLY A CA  1 
ATOM   89   C C   . GLY A 1 17  ? 10.507  14.377  2.424   1.00 16.10 ? 38  GLY A C   1 
ATOM   90   O O   . GLY A 1 17  ? 10.667  14.767  1.276   1.00 13.45 ? 38  GLY A O   1 
ATOM   91   N N   . ALA A 1 18  ? 9.333   13.913  2.869   1.00 14.36 ? 39  ALA A N   1 
ATOM   92   C CA  . ALA A 1 18  ? 8.189   13.709  1.963   1.00 15.68 ? 39  ALA A CA  1 
ATOM   93   C C   . ALA A 1 18  ? 7.437   14.985  1.572   1.00 17.64 ? 39  ALA A C   1 
ATOM   94   O O   . ALA A 1 18  ? 6.601   14.970  0.650   1.00 18.62 ? 39  ALA A O   1 
ATOM   95   C CB  . ALA A 1 18  ? 7.205   12.672  2.558   1.00 14.76 ? 39  ALA A CB  1 
ATOM   96   N N   . ALA A 1 19  ? 7.707   16.084  2.275   1.00 19.10 ? 40  ALA A N   1 
ATOM   97   C CA  . ALA A 1 19  ? 7.082   17.360  1.923   1.00 19.92 ? 40  ALA A CA  1 
ATOM   98   C C   . ALA A 1 19  ? 7.906   18.011  0.812   1.00 18.57 ? 40  ALA A C   1 
ATOM   99   O O   . ALA A 1 19  ? 8.384   19.140  0.938   1.00 17.10 ? 40  ALA A O   1 
ATOM   100  C CB  . ALA A 1 19  ? 6.971   18.263  3.148   1.00 20.64 ? 40  ALA A CB  1 
ATOM   101  N N   . ASN A 1 20  ? 8.056   17.259  -0.273  1.00 18.71 ? 41  ASN A N   1 
ATOM   102  C CA  . ASN A 1 20  ? 8.974   17.563  -1.364  1.00 20.65 ? 41  ASN A CA  1 
ATOM   103  C C   . ASN A 1 20  ? 8.150   17.700  -2.628  1.00 22.55 ? 41  ASN A C   1 
ATOM   104  O O   . ASN A 1 20  ? 7.442   16.770  -3.005  1.00 23.31 ? 41  ASN A O   1 
ATOM   105  C CB  . ASN A 1 20  ? 9.975   16.408  -1.513  1.00 19.18 ? 41  ASN A CB  1 
ATOM   106  C CG  . ASN A 1 20  ? 10.987  16.635  -2.613  1.00 19.16 ? 41  ASN A CG  1 
ATOM   107  O OD1 . ASN A 1 20  ? 11.999  17.310  -2.407  1.00 20.69 ? 41  ASN A OD1 1 
ATOM   108  N ND2 . ASN A 1 20  ? 10.744  16.047  -3.781  1.00 16.23 ? 41  ASN A ND2 1 
ATOM   109  N N   . ASP A 1 21  ? 8.224   18.861  -3.271  1.00 23.60 ? 42  ASP A N   1 
ATOM   110  C CA  . ASP A 1 21  ? 7.387   19.155  -4.437  1.00 28.53 ? 42  ASP A CA  1 
ATOM   111  C C   . ASP A 1 21  ? 7.486   18.069  -5.500  1.00 24.18 ? 42  ASP A C   1 
ATOM   112  O O   . ASP A 1 21  ? 6.473   17.597  -6.018  1.00 31.04 ? 42  ASP A O   1 
ATOM   113  C CB  . ASP A 1 21  ? 7.740   20.527  -5.051  1.00 29.18 ? 42  ASP A CB  1 
ATOM   114  C CG  . ASP A 1 21  ? 7.389   21.686  -4.133  1.00 32.48 ? 42  ASP A CG  1 
ATOM   115  O OD1 . ASP A 1 21  ? 6.532   21.496  -3.245  1.00 34.43 ? 42  ASP A OD1 1 
ATOM   116  O OD2 . ASP A 1 21  ? 7.975   22.780  -4.299  1.00 35.58 ? 42  ASP A OD2 1 
ATOM   117  N N   . GLU A 1 22  ? 8.711   17.673  -5.818  1.00 24.51 ? 43  GLU A N   1 
ATOM   118  C CA  . GLU A 1 22  ? 8.932   16.721  -6.889  1.00 27.13 ? 43  GLU A CA  1 
ATOM   119  C C   . GLU A 1 22  ? 8.430   15.314  -6.538  1.00 28.49 ? 43  GLU A C   1 
ATOM   120  O O   . GLU A 1 22  ? 7.913   14.606  -7.397  1.00 25.74 ? 43  GLU A O   1 
ATOM   121  C CB  . GLU A 1 22  ? 10.409  16.690  -7.263  1.00 27.41 ? 43  GLU A CB  1 
ATOM   122  C CG  . GLU A 1 22  ? 10.736  15.794  -8.432  1.00 42.69 ? 43  GLU A CG  1 
ATOM   123  C CD  . GLU A 1 22  ? 12.179  15.938  -8.859  1.00 52.32 ? 43  GLU A CD  1 
ATOM   124  O OE1 . GLU A 1 22  ? 12.772  16.998  -8.558  1.00 42.56 ? 43  GLU A OE1 1 
ATOM   125  O OE2 . GLU A 1 22  ? 12.718  14.993  -9.482  1.00 54.29 ? 43  GLU A OE2 1 
ATOM   126  N N   . LEU A 1 23  ? 8.594   14.901  -5.285  1.00 21.34 ? 44  LEU A N   1 
ATOM   127  C CA  . LEU A 1 23  ? 8.014   13.631  -4.856  1.00 20.20 ? 44  LEU A CA  1 
ATOM   128  C C   . LEU A 1 23  ? 6.488   13.720  -4.874  1.00 20.79 ? 44  LEU A C   1 
ATOM   129  O O   . LEU A 1 23  ? 5.808   12.776  -5.259  1.00 21.99 ? 44  LEU A O   1 
ATOM   130  C CB  . LEU A 1 23  ? 8.480   13.261  -3.448  1.00 17.90 ? 44  LEU A CB  1 
ATOM   131  C CG  . LEU A 1 23  ? 9.943   12.848  -3.271  1.00 19.06 ? 44  LEU A CG  1 
ATOM   132  C CD1 . LEU A 1 23  ? 10.214  12.569  -1.793  1.00 14.06 ? 44  LEU A CD1 1 
ATOM   133  C CD2 . LEU A 1 23  ? 10.256  11.623  -4.133  1.00 18.52 ? 44  LEU A CD2 1 
ATOM   134  N N   . LYS A 1 24  ? 5.956   14.860  -4.447  1.00 21.20 ? 45  LYS A N   1 
ATOM   135  C CA  . LYS A 1 24  ? 4.506   15.012  -4.313  1.00 26.56 ? 45  LYS A CA  1 
ATOM   136  C C   . LYS A 1 24  ? 3.791   15.073  -5.656  1.00 30.71 ? 45  LYS A C   1 
ATOM   137  O O   . LYS A 1 24  ? 2.613   14.709  -5.768  1.00 26.71 ? 45  LYS A O   1 
ATOM   138  C CB  . LYS A 1 24  ? 4.167   16.213  -3.442  1.00 28.47 ? 45  LYS A CB  1 
ATOM   139  C CG  . LYS A 1 24  ? 4.470   15.960  -1.992  1.00 27.23 ? 45  LYS A CG  1 
ATOM   140  C CD  . LYS A 1 24  ? 4.114   17.160  -1.150  1.00 30.06 ? 45  LYS A CD  1 
ATOM   141  C CE  . LYS A 1 24  ? 2.625   17.397  -1.168  1.00 36.68 ? 45  LYS A CE  1 
ATOM   142  N NZ  . LYS A 1 24  ? 2.292   18.572  -0.327  1.00 37.63 ? 45  LYS A NZ  1 
ATOM   143  N N   . VAL A 1 25  ? 4.506   15.522  -6.678  1.00 25.33 ? 46  VAL A N   1 
ATOM   144  C CA  . VAL A 1 25  ? 3.999   15.405  -8.028  1.00 28.64 ? 46  VAL A CA  1 
ATOM   145  C C   . VAL A 1 25  ? 3.781   13.929  -8.392  1.00 27.87 ? 46  VAL A C   1 
ATOM   146  O O   . VAL A 1 25  ? 2.714   13.569  -8.890  1.00 31.38 ? 46  VAL A O   1 
ATOM   147  C CB  . VAL A 1 25  ? 4.917   16.107  -9.050  1.00 36.83 ? 46  VAL A CB  1 
ATOM   148  C CG1 . VAL A 1 25  ? 4.491   15.767  -10.468 1.00 37.72 ? 46  VAL A CG1 1 
ATOM   149  C CG2 . VAL A 1 25  ? 4.897   17.625  -8.822  1.00 29.22 ? 46  VAL A CG2 1 
ATOM   150  N N   . HIS A 1 26  ? 4.781   13.082  -8.144  1.00 29.24 ? 47  HIS A N   1 
ATOM   151  C CA  . HIS A 1 26  ? 4.648   11.636  -8.369  1.00 28.00 ? 47  HIS A CA  1 
ATOM   152  C C   . HIS A 1 26  ? 3.474   11.062  -7.576  1.00 29.82 ? 47  HIS A C   1 
ATOM   153  O O   . HIS A 1 26  ? 2.633   10.331  -8.108  1.00 35.99 ? 47  HIS A O   1 
ATOM   154  C CB  . HIS A 1 26  ? 5.915   10.886  -7.941  1.00 31.57 ? 47  HIS A CB  1 
ATOM   155  C CG  . HIS A 1 26  ? 7.111   11.143  -8.806  1.00 37.31 ? 47  HIS A CG  1 
ATOM   156  N ND1 . HIS A 1 26  ? 7.272   10.568  -10.047 1.00 35.58 ? 47  HIS A ND1 1 
ATOM   157  C CD2 . HIS A 1 26  ? 8.230   11.874  -8.584  1.00 38.18 ? 47  HIS A CD2 1 
ATOM   158  C CE1 . HIS A 1 26  ? 8.427   10.949  -10.563 1.00 41.21 ? 47  HIS A CE1 1 
ATOM   159  N NE2 . HIS A 1 26  ? 9.027   11.743  -9.695  1.00 38.06 ? 47  HIS A NE2 1 
ATOM   160  N N   . TYR A 1 27  ? 3.428   11.387  -6.289  1.00 24.09 ? 48  TYR A N   1 
ATOM   161  C CA  . TYR A 1 27  ? 2.388   10.862  -5.402  1.00 25.66 ? 48  TYR A CA  1 
ATOM   162  C C   . TYR A 1 27  ? 0.947   11.151  -5.854  1.00 34.82 ? 48  TYR A C   1 
ATOM   163  O O   . TYR A 1 27  ? 0.068   10.289  -5.743  1.00 31.92 ? 48  TYR A O   1 
ATOM   164  C CB  . TYR A 1 27  ? 2.601   11.381  -3.983  1.00 25.17 ? 48  TYR A CB  1 
ATOM   165  C CG  . TYR A 1 27  ? 3.961   11.024  -3.398  1.00 21.61 ? 48  TYR A CG  1 
ATOM   166  C CD1 . TYR A 1 27  ? 4.769   10.047  -3.980  1.00 14.90 ? 48  TYR A CD1 1 
ATOM   167  C CD2 . TYR A 1 27  ? 4.424   11.657  -2.260  1.00 19.75 ? 48  TYR A CD2 1 
ATOM   168  C CE1 . TYR A 1 27  ? 6.019   9.722   -3.425  1.00 20.86 ? 48  TYR A CE1 1 
ATOM   169  C CE2 . TYR A 1 27  ? 5.648   11.342  -1.710  1.00 16.84 ? 48  TYR A CE2 1 
ATOM   170  C CZ  . TYR A 1 27  ? 6.448   10.388  -2.291  1.00 11.96 ? 48  TYR A CZ  1 
ATOM   171  O OH  . TYR A 1 27  ? 7.669   10.103  -1.697  1.00 11.35 ? 48  TYR A OH  1 
ATOM   172  N N   . ARG A 1 28  ? 0.699   12.366  -6.337  1.00 35.39 ? 49  ARG A N   1 
ATOM   173  C CA  . ARG A 1 28  ? -0.637  12.735  -6.804  1.00 32.99 ? 49  ARG A CA  1 
ATOM   174  C C   . ARG A 1 28  ? -0.950  12.080  -8.152  1.00 33.11 ? 49  ARG A C   1 
ATOM   175  O O   . ARG A 1 28  ? -2.110  11.980  -8.542  1.00 42.16 ? 49  ARG A O   1 
ATOM   176  C CB  . ARG A 1 28  ? -0.778  14.251  -6.923  1.00 36.96 ? 49  ARG A CB  1 
ATOM   177  C CG  . ARG A 1 28  ? -0.679  15.022  -5.620  1.00 33.85 ? 49  ARG A CG  1 
ATOM   178  C CD  . ARG A 1 28  ? -0.778  16.514  -5.918  1.00 44.46 ? 49  ARG A CD  1 
ATOM   179  N NE  . ARG A 1 28  ? -0.696  17.344  -4.720  1.00 52.64 ? 49  ARG A NE  1 
ATOM   180  C CZ  . ARG A 1 28  ? 0.209   18.305  -4.541  1.00 55.04 ? 49  ARG A CZ  1 
ATOM   181  N NH1 . ARG A 1 28  ? 1.113   18.558  -5.488  1.00 45.11 ? 49  ARG A NH1 1 
ATOM   182  N NH2 . ARG A 1 28  ? 0.206   19.016  -3.417  1.00 51.33 ? 49  ARG A NH2 1 
ATOM   183  N N   . ALA A 1 29  ? 0.095   11.655  -8.860  1.00 30.74 ? 50  ALA A N   1 
ATOM   184  C CA  . ALA A 1 29  ? -0.053  10.883  -10.094 1.00 39.61 ? 50  ALA A CA  1 
ATOM   185  C C   . ALA A 1 29  ? 0.069   9.372   -9.841  1.00 47.07 ? 50  ALA A C   1 
ATOM   186  O O   . ALA A 1 29  ? 0.261   8.584   -10.775 1.00 44.87 ? 50  ALA A O   1 
ATOM   187  C CB  . ALA A 1 29  ? 0.979   11.321  -11.119 1.00 31.76 ? 50  ALA A CB  1 
ATOM   188  N N   . ASN A 1 30  ? -0.026  8.977   -8.577  1.00 36.73 ? 51  ASN A N   1 
ATOM   189  C CA  . ASN A 1 30  ? 0.030   7.568   -8.204  1.00 39.73 ? 51  ASN A CA  1 
ATOM   190  C C   . ASN A 1 30  ? 1.254   6.820   -8.727  1.00 35.77 ? 51  ASN A C   1 
ATOM   191  O O   . ASN A 1 30  ? 1.153   5.680   -9.189  1.00 38.22 ? 51  ASN A O   1 
ATOM   192  C CB  . ASN A 1 30  ? -1.255  6.850   -8.614  1.00 43.00 ? 51  ASN A CB  1 
ATOM   193  C CG  . ASN A 1 30  ? -2.435  7.280   -7.786  1.00 46.22 ? 51  ASN A CG  1 
ATOM   194  O OD1 . ASN A 1 30  ? -3.395  7.850   -8.304  1.00 48.03 ? 51  ASN A OD1 1 
ATOM   195  N ND2 . ASN A 1 30  ? -2.366  7.026   -6.482  1.00 43.56 ? 51  ASN A ND2 1 
ATOM   196  N N   . GLU A 1 31  ? 2.408   7.471   -8.655  1.00 36.00 ? 52  GLU A N   1 
ATOM   197  C CA  . GLU A 1 31  ? 3.668   6.792   -8.908  1.00 35.68 ? 52  GLU A CA  1 
ATOM   198  C C   . GLU A 1 31  ? 4.524   6.874   -7.659  1.00 28.92 ? 52  GLU A C   1 
ATOM   199  O O   . GLU A 1 31  ? 4.631   7.938   -7.034  1.00 24.89 ? 52  GLU A O   1 
ATOM   200  C CB  . GLU A 1 31  ? 4.394   7.394   -10.102 1.00 38.69 ? 52  GLU A CB  1 
ATOM   201  C CG  . GLU A 1 31  ? 4.140   8.870   -10.293 1.00 42.07 ? 52  GLU A CG  1 
ATOM   202  C CD  . GLU A 1 31  ? 4.841   9.424   -11.526 1.00 52.56 ? 52  GLU A CD  1 
ATOM   203  O OE1 . GLU A 1 31  ? 5.348   8.623   -12.351 1.00 55.78 ? 52  GLU A OE1 1 
ATOM   204  O OE2 . GLU A 1 31  ? 4.892   10.665  -11.659 1.00 43.96 ? 52  GLU A OE2 1 
ATOM   205  N N   . PHE A 1 32  ? 5.129   5.750   -7.295  1.00 24.25 ? 53  PHE A N   1 
ATOM   206  C CA  . PHE A 1 32  ? 5.830   5.667   -6.022  1.00 21.86 ? 53  PHE A CA  1 
ATOM   207  C C   . PHE A 1 32  ? 7.195   5.051   -6.198  1.00 20.89 ? 53  PHE A C   1 
ATOM   208  O O   . PHE A 1 32  ? 7.351   3.831   -6.120  1.00 22.17 ? 53  PHE A O   1 
ATOM   209  C CB  . PHE A 1 32  ? 4.990   4.895   -5.003  1.00 20.63 ? 53  PHE A CB  1 
ATOM   210  C CG  . PHE A 1 32  ? 3.596   5.434   -4.851  1.00 23.35 ? 53  PHE A CG  1 
ATOM   211  C CD1 . PHE A 1 32  ? 2.554   4.916   -5.602  1.00 21.89 ? 53  PHE A CD1 1 
ATOM   212  C CD2 . PHE A 1 32  ? 3.329   6.478   -3.978  1.00 23.08 ? 53  PHE A CD2 1 
ATOM   213  C CE1 . PHE A 1 32  ? 1.271   5.419   -5.475  1.00 25.53 ? 53  PHE A CE1 1 
ATOM   214  C CE2 . PHE A 1 32  ? 2.043   6.987   -3.839  1.00 18.28 ? 53  PHE A CE2 1 
ATOM   215  C CZ  . PHE A 1 32  ? 1.013   6.458   -4.587  1.00 29.92 ? 53  PHE A CZ  1 
ATOM   216  N N   . PRO A 1 33  ? 8.198   5.905   -6.448  1.00 19.83 ? 54  PRO A N   1 
ATOM   217  C CA  . PRO A 1 33  ? 9.572   5.484   -6.741  1.00 23.75 ? 54  PRO A CA  1 
ATOM   218  C C   . PRO A 1 33  ? 10.167  4.666   -5.602  1.00 21.32 ? 54  PRO A C   1 
ATOM   219  O O   . PRO A 1 33  ? 9.718   4.785   -4.458  1.00 19.03 ? 54  PRO A O   1 
ATOM   220  C CB  . PRO A 1 33  ? 10.320  6.812   -6.887  1.00 20.82 ? 54  PRO A CB  1 
ATOM   221  C CG  . PRO A 1 33  ? 9.256   7.795   -7.277  1.00 22.93 ? 54  PRO A CG  1 
ATOM   222  C CD  . PRO A 1 33  ? 8.039   7.367   -6.530  1.00 26.05 ? 54  PRO A CD  1 
ATOM   223  N N   . ASP A 1 34  ? 11.165  3.845   -5.916  1.00 16.71 ? 55  ASP A N   1 
ATOM   224  C CA  . ASP A 1 34  ? 11.789  3.000   -4.914  1.00 22.27 ? 55  ASP A CA  1 
ATOM   225  C C   . ASP A 1 34  ? 12.910  3.778   -4.225  1.00 27.45 ? 55  ASP A C   1 
ATOM   226  O O   . ASP A 1 34  ? 14.087  3.613   -4.546  1.00 29.48 ? 55  ASP A O   1 
ATOM   227  C CB  . ASP A 1 34  ? 12.298  1.703   -5.559  1.00 18.63 ? 55  ASP A CB  1 
ATOM   228  C CG  . ASP A 1 34  ? 12.678  0.647   -4.538  1.00 24.94 ? 55  ASP A CG  1 
ATOM   229  O OD1 . ASP A 1 34  ? 12.902  0.999   -3.362  1.00 28.31 ? 55  ASP A OD1 1 
ATOM   230  O OD2 . ASP A 1 34  ? 12.769  -0.541  -4.920  1.00 34.09 ? 55  ASP A OD2 1 
ATOM   231  N N   . ASP A 1 35  ? 12.521  4.641   -3.288  1.00 20.81 ? 56  ASP A N   1 
ATOM   232  C CA  . ASP A 1 35  ? 13.461  5.446   -2.514  1.00 17.40 ? 56  ASP A CA  1 
ATOM   233  C C   . ASP A 1 35  ? 12.999  5.448   -1.062  1.00 19.40 ? 56  ASP A C   1 
ATOM   234  O O   . ASP A 1 35  ? 11.815  5.250   -0.808  1.00 16.42 ? 56  ASP A O   1 
ATOM   235  C CB  . ASP A 1 35  ? 13.535  6.868   -3.079  1.00 20.34 ? 56  ASP A CB  1 
ATOM   236  C CG  . ASP A 1 35  ? 12.306  7.691   -2.756  1.00 17.59 ? 56  ASP A CG  1 
ATOM   237  O OD1 . ASP A 1 35  ? 11.446  7.865   -3.649  1.00 14.89 ? 56  ASP A OD1 1 
ATOM   238  O OD2 . ASP A 1 35  ? 12.219  8.167   -1.605  1.00 12.50 ? 56  ASP A OD2 1 
ATOM   239  N N   . PRO A 1 36  ? 13.926  5.642   -0.102  1.00 15.90 ? 57  PRO A N   1 
ATOM   240  C CA  . PRO A 1 36  ? 13.544  5.502   1.309   1.00 17.62 ? 57  PRO A CA  1 
ATOM   241  C C   . PRO A 1 36  ? 12.443  6.468   1.759   1.00 16.09 ? 57  PRO A C   1 
ATOM   242  O O   . PRO A 1 36  ? 11.627  6.103   2.611   1.00 14.65 ? 57  PRO A O   1 
ATOM   243  C CB  . PRO A 1 36  ? 14.855  5.768   2.066   1.00 19.30 ? 57  PRO A CB  1 
ATOM   244  C CG  . PRO A 1 36  ? 15.932  5.493   1.061   1.00 24.97 ? 57  PRO A CG  1 
ATOM   245  C CD  . PRO A 1 36  ? 15.363  5.932   -0.255  1.00 18.37 ? 57  PRO A CD  1 
ATOM   246  N N   . VAL A 1 37  ? 12.402  7.670   1.198   1.00 15.25 ? 58  VAL A N   1 
ATOM   247  C CA  . VAL A 1 37  ? 11.360  8.608   1.593   1.00 14.74 ? 58  VAL A CA  1 
ATOM   248  C C   . VAL A 1 37  ? 10.011  8.065   1.150   1.00 17.22 ? 58  VAL A C   1 
ATOM   249  O O   . VAL A 1 37  ? 9.066   7.984   1.936   1.00 14.12 ? 58  VAL A O   1 
ATOM   250  C CB  . VAL A 1 37  ? 11.594  10.031  1.013   1.00 17.27 ? 58  VAL A CB  1 
ATOM   251  C CG1 . VAL A 1 37  ? 10.378  10.939  1.269   1.00 12.31 ? 58  VAL A CG1 1 
ATOM   252  C CG2 . VAL A 1 37  ? 12.861  10.631  1.615   1.00 14.71 ? 58  VAL A CG2 1 
ATOM   253  N N   . THR A 1 38  ? 9.927   7.671   -0.111  1.00 11.54 ? 59  THR A N   1 
ATOM   254  C CA  . THR A 1 38  ? 8.674   7.161   -0.652  1.00 14.22 ? 59  THR A CA  1 
ATOM   255  C C   . THR A 1 38  ? 8.247   5.896   0.080   1.00 12.59 ? 59  THR A C   1 
ATOM   256  O O   . THR A 1 38  ? 7.065   5.697   0.342   1.00 12.29 ? 59  THR A O   1 
ATOM   257  C CB  . THR A 1 38  ? 8.779   6.944   -2.174  1.00 16.06 ? 59  THR A CB  1 
ATOM   258  O OG1 . THR A 1 38  ? 8.981   8.217   -2.810  1.00 14.19 ? 59  THR A OG1 1 
ATOM   259  C CG2 . THR A 1 38  ? 7.512   6.279   -2.732  1.00 9.74  ? 59  THR A CG2 1 
ATOM   260  N N   . HIS A 1 39  ? 9.207   5.050   0.437   1.00 10.21 ? 60  HIS A N   1 
ATOM   261  C CA  . HIS A 1 39  ? 8.882   3.882   1.252   1.00 16.74 ? 60  HIS A CA  1 
ATOM   262  C C   . HIS A 1 39  ? 8.057   4.268   2.471   1.00 12.82 ? 60  HIS A C   1 
ATOM   263  O O   . HIS A 1 39  ? 7.026   3.649   2.770   1.00 11.65 ? 60  HIS A O   1 
ATOM   264  C CB  . HIS A 1 39  ? 10.144  3.185   1.754   1.00 14.30 ? 60  HIS A CB  1 
ATOM   265  C CG  . HIS A 1 39  ? 10.964  2.555   0.677   1.00 15.47 ? 60  HIS A CG  1 
ATOM   266  N ND1 . HIS A 1 39  ? 12.197  1.989   0.922   1.00 21.04 ? 60  HIS A ND1 1 
ATOM   267  C CD2 . HIS A 1 39  ? 10.729  2.387   -0.645  1.00 16.44 ? 60  HIS A CD2 1 
ATOM   268  C CE1 . HIS A 1 39  ? 12.693  1.510   -0.204  1.00 17.21 ? 60  HIS A CE1 1 
ATOM   269  N NE2 . HIS A 1 39  ? 11.822  1.736   -1.170  1.00 17.62 ? 60  HIS A NE2 1 
ATOM   270  N N   . CYS A 1 40  ? 8.534   5.257   3.211   1.00 13.05 ? 61  CYS A N   1 
ATOM   271  C CA  . CYS A 1 40  ? 7.848   5.674   4.435   1.00 14.82 ? 61  CYS A CA  1 
ATOM   272  C C   . CYS A 1 40  ? 6.539   6.381   4.107   1.00 12.40 ? 61  CYS A C   1 
ATOM   273  O O   . CYS A 1 40  ? 5.558   6.269   4.833   1.00 14.69 ? 61  CYS A O   1 
ATOM   274  C CB  . CYS A 1 40  ? 8.756   6.547   5.327   1.00 11.63 ? 61  CYS A CB  1 
ATOM   275  S SG  . CYS A 1 40  ? 10.118  5.648   6.081   1.00 16.14 ? 61  CYS A SG  1 
ATOM   276  N N   . PHE A 1 41  ? 6.514   7.100   3.000   1.00 12.20 ? 62  PHE A N   1 
ATOM   277  C CA  . PHE A 1 41  ? 5.283   7.774   2.600   1.00 14.40 ? 62  PHE A CA  1 
ATOM   278  C C   . PHE A 1 41  ? 4.198   6.727   2.333   1.00 16.98 ? 62  PHE A C   1 
ATOM   279  O O   . PHE A 1 41  ? 3.074   6.830   2.832   1.00 12.11 ? 62  PHE A O   1 
ATOM   280  C CB  . PHE A 1 41  ? 5.536   8.627   1.361   1.00 13.92 ? 62  PHE A CB  1 
ATOM   281  C CG  . PHE A 1 41  ? 4.310   9.339   0.850   1.00 14.08 ? 62  PHE A CG  1 
ATOM   282  C CD1 . PHE A 1 41  ? 3.835   10.473  1.482   1.00 16.69 ? 62  PHE A CD1 1 
ATOM   283  C CD2 . PHE A 1 41  ? 3.652   8.880   -0.273  1.00 13.18 ? 62  PHE A CD2 1 
ATOM   284  C CE1 . PHE A 1 41  ? 2.716   11.132  1.002   1.00 16.79 ? 62  PHE A CE1 1 
ATOM   285  C CE2 . PHE A 1 41  ? 2.525   9.531   -0.757  1.00 19.47 ? 62  PHE A CE2 1 
ATOM   286  C CZ  . PHE A 1 41  ? 2.062   10.656  -0.119  1.00 16.76 ? 62  PHE A CZ  1 
ATOM   287  N N   . VAL A 1 42  ? 4.558   5.717   1.546   1.00 14.18 ? 63  VAL A N   1 
ATOM   288  C CA  . VAL A 1 42  ? 3.653   4.627   1.217   1.00 12.28 ? 63  VAL A CA  1 
ATOM   289  C C   . VAL A 1 42  ? 3.163   3.926   2.473   1.00 11.17 ? 63  VAL A C   1 
ATOM   290  O O   . VAL A 1 42  ? 1.981   3.651   2.599   1.00 15.84 ? 63  VAL A O   1 
ATOM   291  C CB  . VAL A 1 42  ? 4.316   3.630   0.279   1.00 12.70 ? 63  VAL A CB  1 
ATOM   292  C CG1 . VAL A 1 42  ? 3.518   2.300   0.231   1.00 11.72 ? 63  VAL A CG1 1 
ATOM   293  C CG2 . VAL A 1 42  ? 4.473   4.268   -1.110  1.00 9.12  ? 63  VAL A CG2 1 
ATOM   294  N N   . ARG A 1 43  ? 4.067   3.650   3.410   1.00 11.24 ? 64  ARG A N   1 
ATOM   295  C CA  . ARG A 1 43  ? 3.646   3.086   4.687   1.00 11.58 ? 64  ARG A CA  1 
ATOM   296  C C   . ARG A 1 43  ? 2.625   3.981   5.392   1.00 12.79 ? 64  ARG A C   1 
ATOM   297  O O   . ARG A 1 43  ? 1.630   3.501   5.928   1.00 11.50 ? 64  ARG A O   1 
ATOM   298  C CB  . ARG A 1 43  ? 4.842   2.857   5.609   1.00 10.88 ? 64  ARG A CB  1 
ATOM   299  C CG  . ARG A 1 43  ? 4.417   2.530   7.031   1.00 12.02 ? 64  ARG A CG  1 
ATOM   300  C CD  . ARG A 1 43  ? 5.608   2.128   7.894   1.00 16.23 ? 64  ARG A CD  1 
ATOM   301  N NE  . ARG A 1 43  ? 5.185   1.839   9.264   1.00 21.23 ? 64  ARG A NE  1 
ATOM   302  C CZ  . ARG A 1 43  ? 5.191   2.737   10.248  1.00 23.60 ? 64  ARG A CZ  1 
ATOM   303  N NH1 . ARG A 1 43  ? 5.608   3.975   10.019  1.00 23.77 ? 64  ARG A NH1 1 
ATOM   304  N NH2 . ARG A 1 43  ? 4.794   2.399   11.462  1.00 21.15 ? 64  ARG A NH2 1 
ATOM   305  N N   . CYS A 1 44  ? 2.888   5.282   5.406   1.00 9.94  ? 65  CYS A N   1 
ATOM   306  C CA  . CYS A 1 44  ? 2.018   6.242   6.094   1.00 11.75 ? 65  CYS A CA  1 
ATOM   307  C C   . CYS A 1 44  ? 0.587   6.265   5.538   1.00 13.37 ? 65  CYS A C   1 
ATOM   308  O O   . CYS A 1 44  ? -0.395  6.266   6.297   1.00 15.04 ? 65  CYS A O   1 
ATOM   309  C CB  . CYS A 1 44  ? 2.630   7.646   6.036   1.00 12.72 ? 65  CYS A CB  1 
ATOM   310  S SG  . CYS A 1 44  ? 1.627   8.896   6.859   1.00 13.08 ? 65  CYS A SG  1 
ATOM   311  N N   . ILE A 1 45  ? 0.482   6.293   4.213   1.00 14.44 ? 66  ILE A N   1 
ATOM   312  C CA  . ILE A 1 45  ? -0.801  6.253   3.510   1.00 16.12 ? 66  ILE A CA  1 
ATOM   313  C C   . ILE A 1 45  ? -1.539  4.944   3.802   1.00 14.58 ? 66  ILE A C   1 
ATOM   314  O O   . ILE A 1 45  ? -2.734  4.939   4.111   1.00 13.95 ? 66  ILE A O   1 
ATOM   315  C CB  . ILE A 1 45  ? -0.592  6.360   1.969   1.00 18.80 ? 66  ILE A CB  1 
ATOM   316  C CG1 . ILE A 1 45  ? 0.058   7.696   1.592   1.00 18.06 ? 66  ILE A CG1 1 
ATOM   317  C CG2 . ILE A 1 45  ? -1.908  6.178   1.224   1.00 22.11 ? 66  ILE A CG2 1 
ATOM   318  C CD1 . ILE A 1 45  ? -0.686  8.887   2.061   1.00 21.15 ? 66  ILE A CD1 1 
ATOM   319  N N   . GLY A 1 46  ? -0.831  3.822   3.696   1.00 10.54 ? 67  GLY A N   1 
ATOM   320  C CA  . GLY A 1 46  ? -1.458  2.543   3.994   1.00 14.93 ? 67  GLY A CA  1 
ATOM   321  C C   . GLY A 1 46  ? -1.979  2.484   5.422   1.00 14.96 ? 67  GLY A C   1 
ATOM   322  O O   . GLY A 1 46  ? -3.058  1.939   5.694   1.00 14.05 ? 67  GLY A O   1 
ATOM   323  N N   . LEU A 1 47  ? -1.216  3.052   6.346   1.00 13.81 ? 68  LEU A N   1 
ATOM   324  C CA  . LEU A 1 47  ? -1.628  3.088   7.749   1.00 16.22 ? 68  LEU A CA  1 
ATOM   325  C C   . LEU A 1 47  ? -2.851  3.993   7.944   1.00 17.25 ? 68  LEU A C   1 
ATOM   326  O O   . LEU A 1 47  ? -3.846  3.595   8.563   1.00 17.18 ? 68  LEU A O   1 
ATOM   327  C CB  . LEU A 1 47  ? -0.461  3.552   8.639   1.00 13.06 ? 68  LEU A CB  1 
ATOM   328  C CG  . LEU A 1 47  ? 0.672   2.548   8.847   1.00 15.54 ? 68  LEU A CG  1 
ATOM   329  C CD1 . LEU A 1 47  ? 1.741   3.149   9.755   1.00 17.70 ? 68  LEU A CD1 1 
ATOM   330  C CD2 . LEU A 1 47  ? 0.127   1.248   9.418   1.00 18.17 ? 68  LEU A CD2 1 
ATOM   331  N N   . GLU A 1 48  ? -2.787  5.195   7.380   1.00 18.20 ? 69  GLU A N   1 
ATOM   332  C CA  . GLU A 1 48  ? -3.856  6.190   7.528   1.00 13.11 ? 69  GLU A CA  1 
ATOM   333  C C   . GLU A 1 48  ? -5.176  5.758   6.912   1.00 19.59 ? 69  GLU A C   1 
ATOM   334  O O   . GLU A 1 48  ? -6.240  6.027   7.469   1.00 20.80 ? 69  GLU A O   1 
ATOM   335  C CB  . GLU A 1 48  ? -3.438  7.528   6.911   1.00 18.59 ? 69  GLU A CB  1 
ATOM   336  C CG  . GLU A 1 48  ? -2.452  8.316   7.749   1.00 26.64 ? 69  GLU A CG  1 
ATOM   337  C CD  . GLU A 1 48  ? -3.037  8.772   9.084   1.00 35.90 ? 69  GLU A CD  1 
ATOM   338  O OE1 . GLU A 1 48  ? -4.273  8.964   9.182   1.00 30.82 ? 69  GLU A OE1 1 
ATOM   339  O OE2 . GLU A 1 48  ? -2.249  8.932   10.038  1.00 43.84 ? 69  GLU A OE2 1 
ATOM   340  N N   . LEU A 1 49  ? -5.109  5.100   5.758   1.00 15.37 ? 70  LEU A N   1 
ATOM   341  C CA  . LEU A 1 49  ? -6.314  4.611   5.097   1.00 15.19 ? 70  LEU A CA  1 
ATOM   342  C C   . LEU A 1 49  ? -6.712  3.217   5.559   1.00 19.99 ? 70  LEU A C   1 
ATOM   343  O O   . LEU A 1 49  ? -7.636  2.617   5.006   1.00 15.45 ? 70  LEU A O   1 
ATOM   344  C CB  . LEU A 1 49  ? -6.143  4.616   3.584   1.00 12.44 ? 70  LEU A CB  1 
ATOM   345  C CG  . LEU A 1 49  ? -5.918  6.009   2.988   1.00 20.21 ? 70  LEU A CG  1 
ATOM   346  C CD1 . LEU A 1 49  ? -5.551  5.925   1.526   1.00 18.67 ? 70  LEU A CD1 1 
ATOM   347  C CD2 . LEU A 1 49  ? -7.157  6.873   3.196   1.00 25.83 ? 70  LEU A CD2 1 
ATOM   348  N N   . ASN A 1 50  ? -6.011  2.714   6.570   1.00 18.64 ? 71  ASN A N   1 
ATOM   349  C CA  A ASN A 1 50  ? -6.211  1.369   7.111   0.53 17.60 ? 71  ASN A CA  1 
ATOM   350  C CA  B ASN A 1 50  ? -6.289  1.383   7.097   0.47 17.63 ? 71  ASN A CA  1 
ATOM   351  C C   . ASN A 1 50  ? -6.183  0.286   6.039   1.00 19.60 ? 71  ASN A C   1 
ATOM   352  O O   . ASN A 1 50  ? -6.913  -0.704  6.108   1.00 17.50 ? 71  ASN A O   1 
ATOM   353  C CB  A ASN A 1 50  ? -7.485  1.273   7.962   0.53 21.08 ? 71  ASN A CB  1 
ATOM   354  C CB  B ASN A 1 50  ? -7.688  1.331   7.721   0.47 20.89 ? 71  ASN A CB  1 
ATOM   355  C CG  A ASN A 1 50  ? -7.355  0.246   9.081   0.53 22.47 ? 71  ASN A CG  1 
ATOM   356  C CG  B ASN A 1 50  ? -7.899  2.395   8.774   0.47 22.23 ? 71  ASN A CG  1 
ATOM   357  O OD1 A ASN A 1 50  ? -6.247  -0.190  9.409   0.53 22.50 ? 71  ASN A OD1 1 
ATOM   358  O OD1 B ASN A 1 50  ? -7.310  2.342   9.851   0.47 22.64 ? 71  ASN A OD1 1 
ATOM   359  N ND2 A ASN A 1 50  ? -8.481  -0.139  9.674   0.53 21.88 ? 71  ASN A ND2 1 
ATOM   360  N ND2 B ASN A 1 50  ? -8.750  3.364   8.473   0.47 25.81 ? 71  ASN A ND2 1 
ATOM   361  N N   . LEU A 1 51  ? -5.310  0.477   5.057   1.00 13.17 ? 72  LEU A N   1 
ATOM   362  C CA  . LEU A 1 51  ? -5.096  -0.510  4.007   1.00 15.04 ? 72  LEU A CA  1 
ATOM   363  C C   . LEU A 1 51  ? -3.984  -1.465  4.403   1.00 14.78 ? 72  LEU A C   1 
ATOM   364  O O   . LEU A 1 51  ? -3.770  -2.492  3.759   1.00 15.70 ? 72  LEU A O   1 
ATOM   365  C CB  . LEU A 1 51  ? -4.674  0.185   2.713   1.00 14.36 ? 72  LEU A CB  1 
ATOM   366  C CG  . LEU A 1 51  ? -5.678  1.146   2.104   1.00 16.32 ? 72  LEU A CG  1 
ATOM   367  C CD1 . LEU A 1 51  ? -5.062  1.831   0.882   1.00 16.86 ? 72  LEU A CD1 1 
ATOM   368  C CD2 . LEU A 1 51  ? -6.937  0.393   1.743   1.00 14.82 ? 72  LEU A CD2 1 
ATOM   369  N N   . TYR A 1 52  ? -3.264  -1.114  5.457   1.00 12.63 ? 73  TYR A N   1 
ATOM   370  C CA  . TYR A 1 52  ? -2.026  -1.816  5.796   1.00 16.23 ? 73  TYR A CA  1 
ATOM   371  C C   . TYR A 1 52  ? -1.759  -1.635  7.265   1.00 13.16 ? 73  TYR A C   1 
ATOM   372  O O   . TYR A 1 52  ? -2.221  -0.668  7.869   1.00 14.98 ? 73  TYR A O   1 
ATOM   373  C CB  . TYR A 1 52  ? -0.826  -1.288  4.975   1.00 14.74 ? 73  TYR A CB  1 
ATOM   374  C CG  . TYR A 1 52  ? 0.515   -1.906  5.369   1.00 14.88 ? 73  TYR A CG  1 
ATOM   375  C CD1 . TYR A 1 52  ? 0.927   -3.125  4.833   1.00 13.25 ? 73  TYR A CD1 1 
ATOM   376  C CD2 . TYR A 1 52  ? 1.363   -1.270  6.275   1.00 14.18 ? 73  TYR A CD2 1 
ATOM   377  C CE1 . TYR A 1 52  ? 2.145   -3.705  5.200   1.00 14.30 ? 73  TYR A CE1 1 
ATOM   378  C CE2 . TYR A 1 52  ? 2.592   -1.837  6.642   1.00 13.27 ? 73  TYR A CE2 1 
ATOM   379  C CZ  . TYR A 1 52  ? 2.973   -3.048  6.102   1.00 8.43  ? 73  TYR A CZ  1 
ATOM   380  O OH  . TYR A 1 52  ? 4.174   -3.604  6.466   1.00 10.02 ? 73  TYR A OH  1 
ATOM   381  N N   . ASP A 1 53  ? -0.978  -2.556  7.813   1.00 18.51 ? 74  ASP A N   1 
ATOM   382  C CA  . ASP A 1 53  ? -0.642  -2.603  9.225   1.00 18.55 ? 74  ASP A CA  1 
ATOM   383  C C   . ASP A 1 53  ? 0.736   -3.264  9.349   1.00 14.63 ? 74  ASP A C   1 
ATOM   384  O O   . ASP A 1 53  ? 0.967   -4.271  8.696   1.00 13.70 ? 74  ASP A O   1 
ATOM   385  C CB  . ASP A 1 53  ? -1.682  -3.482  9.914   1.00 22.84 ? 74  ASP A CB  1 
ATOM   386  C CG  . ASP A 1 53  ? -1.501  -3.524  11.391  1.00 19.24 ? 74  ASP A CG  1 
ATOM   387  O OD1 . ASP A 1 53  ? -2.164  -2.709  12.048  1.00 26.73 ? 74  ASP A OD1 1 
ATOM   388  O OD2 . ASP A 1 53  ? -0.686  -4.341  11.890  1.00 13.27 ? 74  ASP A OD2 1 
ATOM   389  N N   . ASP A 1 54  ? 1.650   -2.718  10.155  1.00 14.98 ? 75  ASP A N   1 
ATOM   390  C CA  . ASP A 1 54  ? 2.996   -3.310  10.287  1.00 14.31 ? 75  ASP A CA  1 
ATOM   391  C C   . ASP A 1 54  ? 2.976   -4.778  10.741  1.00 21.11 ? 75  ASP A C   1 
ATOM   392  O O   . ASP A 1 54  ? 3.861   -5.564  10.388  1.00 18.74 ? 75  ASP A O   1 
ATOM   393  C CB  . ASP A 1 54  ? 3.874   -2.525  11.274  1.00 18.46 ? 75  ASP A CB  1 
ATOM   394  C CG  . ASP A 1 54  ? 4.116   -1.086  10.844  1.00 23.32 ? 75  ASP A CG  1 
ATOM   395  O OD1 . ASP A 1 54  ? 4.429   -0.844  9.663   1.00 19.87 ? 75  ASP A OD1 1 
ATOM   396  O OD2 . ASP A 1 54  ? 3.993   -0.191  11.700  1.00 22.48 ? 75  ASP A OD2 1 
ATOM   397  N N   . LYS A 1 55  ? 1.987   -5.137  11.553  1.00 18.31 ? 76  LYS A N   1 
ATOM   398  C CA  . LYS A 1 55  ? 1.918   -6.484  12.100  1.00 15.80 ? 76  LYS A CA  1 
ATOM   399  C C   . LYS A 1 55  ? 1.042   -7.410  11.256  1.00 17.21 ? 76  LYS A C   1 
ATOM   400  O O   . LYS A 1 55  ? 1.431   -8.531  10.956  1.00 17.37 ? 76  LYS A O   1 
ATOM   401  C CB  . LYS A 1 55  ? 1.405   -6.459  13.537  1.00 15.24 ? 76  LYS A CB  1 
ATOM   402  C CG  . LYS A 1 55  ? 1.236   -7.856  14.133  1.00 21.15 ? 76  LYS A CG  1 
ATOM   403  C CD  . LYS A 1 55  ? 0.851   -7.820  15.599  1.00 21.34 ? 76  LYS A CD  1 
ATOM   404  C CE  . LYS A 1 55  ? 0.965   -9.217  16.208  1.00 36.79 ? 76  LYS A CE  1 
ATOM   405  N NZ  . LYS A 1 55  ? 0.798   -9.205  17.686  1.00 37.76 ? 76  LYS A NZ  1 
ATOM   406  N N   . TYR A 1 56  ? -0.141  -6.935  10.874  1.00 13.92 ? 77  TYR A N   1 
ATOM   407  C CA  . TYR A 1 56  ? -1.123  -7.779  10.216  1.00 17.53 ? 77  TYR A CA  1 
ATOM   408  C C   . TYR A 1 56  ? -1.046  -7.696  8.694   1.00 23.51 ? 77  TYR A C   1 
ATOM   409  O O   . TYR A 1 56  ? -1.781  -8.393  7.989   1.00 22.13 ? 77  TYR A O   1 
ATOM   410  C CB  . TYR A 1 56  ? -2.536  -7.469  10.747  1.00 19.92 ? 77  TYR A CB  1 
ATOM   411  C CG  . TYR A 1 56  ? -2.632  -7.720  12.239  1.00 22.93 ? 77  TYR A CG  1 
ATOM   412  C CD1 . TYR A 1 56  ? -2.528  -9.008  12.746  1.00 29.41 ? 77  TYR A CD1 1 
ATOM   413  C CD2 . TYR A 1 56  ? -2.777  -6.670  13.145  1.00 21.60 ? 77  TYR A CD2 1 
ATOM   414  C CE1 . TYR A 1 56  ? -2.588  -9.249  14.111  1.00 27.01 ? 77  TYR A CE1 1 
ATOM   415  C CE2 . TYR A 1 56  ? -2.836  -6.902  14.514  1.00 18.02 ? 77  TYR A CE2 1 
ATOM   416  C CZ  . TYR A 1 56  ? -2.741  -8.198  14.986  1.00 21.46 ? 77  TYR A CZ  1 
ATOM   417  O OH  . TYR A 1 56  ? -2.800  -8.454  16.336  1.00 28.48 ? 77  TYR A OH  1 
ATOM   418  N N   . GLY A 1 57  ? -0.142  -6.852  8.198   1.00 21.12 ? 78  GLY A N   1 
ATOM   419  C CA  . GLY A 1 57  ? 0.102   -6.740  6.768   1.00 17.66 ? 78  GLY A CA  1 
ATOM   420  C C   . GLY A 1 57  ? -0.996  -6.022  6.008   1.00 17.04 ? 78  GLY A C   1 
ATOM   421  O O   . GLY A 1 57  ? -1.528  -5.020  6.462   1.00 14.83 ? 78  GLY A O   1 
ATOM   422  N N   . VAL A 1 58  ? -1.341  -6.546  4.840   1.00 18.80 ? 79  VAL A N   1 
ATOM   423  C CA  . VAL A 1 58  ? -2.283  -5.885  3.950   1.00 18.11 ? 79  VAL A CA  1 
ATOM   424  C C   . VAL A 1 58  ? -3.726  -6.319  4.192   1.00 24.03 ? 79  VAL A C   1 
ATOM   425  O O   . VAL A 1 58  ? -4.021  -7.511  4.174   1.00 20.44 ? 79  VAL A O   1 
ATOM   426  C CB  . VAL A 1 58  ? -1.918  -6.179  2.468   1.00 19.15 ? 79  VAL A CB  1 
ATOM   427  C CG1 . VAL A 1 58  ? -2.996  -5.648  1.521   1.00 14.28 ? 79  VAL A CG1 1 
ATOM   428  C CG2 . VAL A 1 58  ? -0.532  -5.600  2.121   1.00 13.21 ? 79  VAL A CG2 1 
ATOM   429  N N   . ASP A 1 59  ? -4.633  -5.362  4.404   1.00 20.01 ? 80  ASP A N   1 
ATOM   430  C CA  . ASP A 1 59  ? -6.059  -5.703  4.450   1.00 20.71 ? 80  ASP A CA  1 
ATOM   431  C C   . ASP A 1 59  ? -6.579  -5.816  3.028   1.00 19.78 ? 80  ASP A C   1 
ATOM   432  O O   . ASP A 1 59  ? -6.818  -4.822  2.337   1.00 15.82 ? 80  ASP A O   1 
ATOM   433  C CB  . ASP A 1 59  ? -6.896  -4.721  5.293   1.00 22.19 ? 80  ASP A CB  1 
ATOM   434  C CG  . ASP A 1 59  ? -8.400  -5.021  5.228   1.00 22.22 ? 80  ASP A CG  1 
ATOM   435  O OD1 . ASP A 1 59  ? -8.788  -6.019  4.601   1.00 20.29 ? 80  ASP A OD1 1 
ATOM   436  O OD2 . ASP A 1 59  ? -9.205  -4.263  5.804   1.00 27.81 ? 80  ASP A OD2 1 
ATOM   437  N N   . LEU A 1 60  ? -6.754  -7.055  2.595   1.00 16.19 ? 81  LEU A N   1 
ATOM   438  C CA  . LEU A 1 60  ? -7.019  -7.321  1.201   1.00 16.74 ? 81  LEU A CA  1 
ATOM   439  C C   . LEU A 1 60  ? -8.428  -6.908  0.832   1.00 14.39 ? 81  LEU A C   1 
ATOM   440  O O   . LEU A 1 60  ? -8.678  -6.490  -0.291  1.00 16.82 ? 81  LEU A O   1 
ATOM   441  C CB  . LEU A 1 60  ? -6.777  -8.798  0.891   1.00 17.96 ? 81  LEU A CB  1 
ATOM   442  C CG  . LEU A 1 60  ? -5.307  -9.202  0.896   1.00 14.11 ? 81  LEU A CG  1 
ATOM   443  C CD1 . LEU A 1 60  ? -5.149  -10.715 0.771   1.00 17.80 ? 81  LEU A CD1 1 
ATOM   444  C CD2 . LEU A 1 60  ? -4.602  -8.481  -0.234  1.00 14.42 ? 81  LEU A CD2 1 
ATOM   445  N N   . GLN A 1 61  ? -9.353  -7.032  1.778   1.00 13.80 ? 82  GLN A N   1 
ATOM   446  C CA  . GLN A 1 61  ? -10.720 -6.582  1.535   1.00 12.84 ? 82  GLN A CA  1 
ATOM   447  C C   . GLN A 1 61  ? -10.769 -5.046  1.426   1.00 17.01 ? 82  GLN A C   1 
ATOM   448  O O   . GLN A 1 61  ? -11.436 -4.487  0.551   1.00 15.07 ? 82  GLN A O   1 
ATOM   449  C CB  . GLN A 1 61  ? -11.649 -7.070  2.650   1.00 18.76 ? 82  GLN A CB  1 
ATOM   450  C CG  . GLN A 1 61  ? -13.078 -6.549  2.542   1.00 14.45 ? 82  GLN A CG  1 
ATOM   451  C CD  . GLN A 1 61  ? -13.780 -7.006  1.269   1.00 15.63 ? 82  GLN A CD  1 
ATOM   452  O OE1 . GLN A 1 61  ? -13.561 -8.121  0.778   1.00 16.67 ? 82  GLN A OE1 1 
ATOM   453  N NE2 . GLN A 1 61  ? -14.618 -6.146  0.727   1.00 13.18 ? 82  GLN A NE2 1 
ATOM   454  N N   . ALA A 1 62  ? -10.063 -4.363  2.317   1.00 15.45 ? 83  ALA A N   1 
ATOM   455  C CA  . ALA A 1 62  ? -10.055 -2.906  2.273   1.00 19.85 ? 83  ALA A CA  1 
ATOM   456  C C   . ALA A 1 62  ? -9.411  -2.383  0.980   1.00 15.70 ? 83  ALA A C   1 
ATOM   457  O O   . ALA A 1 62  ? -9.791  -1.330  0.482   1.00 15.67 ? 83  ALA A O   1 
ATOM   458  C CB  . ALA A 1 62  ? -9.373  -2.335  3.500   1.00 16.83 ? 83  ALA A CB  1 
ATOM   459  N N   . ASN A 1 63  ? -8.454  -3.122  0.424   1.00 13.73 ? 84  ASN A N   1 
ATOM   460  C CA  . ASN A 1 63  ? -7.817  -2.693  -0.821  1.00 15.69 ? 84  ASN A CA  1 
ATOM   461  C C   . ASN A 1 63  ? -8.725  -2.967  -2.014  1.00 14.31 ? 84  ASN A C   1 
ATOM   462  O O   . ASN A 1 63  ? -8.828  -2.159  -2.936  1.00 13.92 ? 84  ASN A O   1 
ATOM   463  C CB  . ASN A 1 63  ? -6.428  -3.330  -0.993  1.00 13.20 ? 84  ASN A CB  1 
ATOM   464  C CG  . ASN A 1 63  ? -5.345  -2.586  -0.225  1.00 15.31 ? 84  ASN A CG  1 
ATOM   465  O OD1 . ASN A 1 63  ? -4.734  -1.657  -0.753  1.00 14.28 ? 84  ASN A OD1 1 
ATOM   466  N ND2 . ASN A 1 63  ? -5.104  -2.985  1.028   1.00 14.50 ? 84  ASN A ND2 1 
ATOM   467  N N   . TRP A 1 64  ? -9.398  -4.110  -1.981  1.00 14.38 ? 85  TRP A N   1 
ATOM   468  C CA  . TRP A 1 64  ? -10.419 -4.430  -2.969  1.00 11.84 ? 85  TRP A CA  1 
ATOM   469  C C   . TRP A 1 64  ? -11.393 -3.258  -3.105  1.00 12.55 ? 85  TRP A C   1 
ATOM   470  O O   . TRP A 1 64  ? -11.714 -2.798  -4.213  1.00 14.43 ? 85  TRP A O   1 
ATOM   471  C CB  . TRP A 1 64  ? -11.150 -5.710  -2.522  1.00 16.25 ? 85  TRP A CB  1 
ATOM   472  C CG  . TRP A 1 64  ? -12.286 -6.135  -3.394  1.00 11.49 ? 85  TRP A CG  1 
ATOM   473  C CD1 . TRP A 1 64  ? -13.623 -6.012  -3.118  1.00 14.05 ? 85  TRP A CD1 1 
ATOM   474  C CD2 . TRP A 1 64  ? -12.201 -6.770  -4.678  1.00 12.96 ? 85  TRP A CD2 1 
ATOM   475  N NE1 . TRP A 1 64  ? -14.371 -6.511  -4.159  1.00 14.54 ? 85  TRP A NE1 1 
ATOM   476  C CE2 . TRP A 1 64  ? -13.523 -6.975  -5.132  1.00 15.53 ? 85  TRP A CE2 1 
ATOM   477  C CE3 . TRP A 1 64  ? -11.134 -7.165  -5.500  1.00 14.02 ? 85  TRP A CE3 1 
ATOM   478  C CZ2 . TRP A 1 64  ? -13.809 -7.583  -6.352  1.00 15.44 ? 85  TRP A CZ2 1 
ATOM   479  C CZ3 . TRP A 1 64  ? -11.419 -7.756  -6.726  1.00 16.43 ? 85  TRP A CZ3 1 
ATOM   480  C CH2 . TRP A 1 64  ? -12.750 -7.964  -7.139  1.00 15.38 ? 85  TRP A CH2 1 
ATOM   481  N N   . GLU A 1 65  ? -11.839 -2.763  -1.963  1.00 10.87 ? 86  GLU A N   1 
ATOM   482  C CA  . GLU A 1 65  ? -12.804 -1.675  -1.930  1.00 21.42 ? 86  GLU A CA  1 
ATOM   483  C C   . GLU A 1 65  ? -12.161 -0.360  -2.392  1.00 22.03 ? 86  GLU A C   1 
ATOM   484  O O   . GLU A 1 65  ? -12.823 0.508   -2.962  1.00 19.68 ? 86  GLU A O   1 
ATOM   485  C CB  . GLU A 1 65  ? -13.407 -1.558  -0.524  1.00 16.93 ? 86  GLU A CB  1 
ATOM   486  C CG  . GLU A 1 65  ? -14.316 -2.751  -0.179  1.00 20.87 ? 86  GLU A CG  1 
ATOM   487  C CD  . GLU A 1 65  ? -14.800 -2.739  1.260   1.00 27.44 ? 86  GLU A CD  1 
ATOM   488  O OE1 . GLU A 1 65  ? -14.553 -1.754  1.976   1.00 24.92 ? 86  GLU A OE1 1 
ATOM   489  O OE2 . GLU A 1 65  ? -15.429 -3.722  1.681   1.00 21.66 ? 86  GLU A OE2 1 
ATOM   490  N N   . ASN A 1 66  ? -10.862 -0.232  -2.161  1.00 15.62 ? 87  ASN A N   1 
ATOM   491  C CA  . ASN A 1 66  ? -10.132 0.961   -2.591  1.00 20.10 ? 87  ASN A CA  1 
ATOM   492  C C   . ASN A 1 66  ? -9.843  0.911   -4.095  1.00 23.55 ? 87  ASN A C   1 
ATOM   493  O O   . ASN A 1 66  ? -9.357  1.882   -4.671  1.00 24.01 ? 87  ASN A O   1 
ATOM   494  C CB  . ASN A 1 66  ? -8.836  1.121   -1.782  1.00 13.65 ? 87  ASN A CB  1 
ATOM   495  C CG  . ASN A 1 66  ? -8.252  2.541   -1.860  1.00 20.03 ? 87  ASN A CG  1 
ATOM   496  O OD1 . ASN A 1 66  ? -8.987  3.512   -1.985  1.00 23.43 ? 87  ASN A OD1 1 
ATOM   497  N ND2 . ASN A 1 66  ? -6.924  2.651   -1.798  1.00 17.75 ? 87  ASN A ND2 1 
ATOM   498  N N   . LEU A 1 67  ? -10.161 -0.223  -4.721  1.00 18.33 ? 88  LEU A N   1 
ATOM   499  C CA  . LEU A 1 67  ? -10.007 -0.395  -6.164  1.00 22.53 ? 88  LEU A CA  1 
ATOM   500  C C   . LEU A 1 67  ? -11.351 -0.230  -6.883  1.00 26.64 ? 88  LEU A C   1 
ATOM   501  O O   . LEU A 1 67  ? -11.543 -0.727  -7.993  1.00 25.30 ? 88  LEU A O   1 
ATOM   502  C CB  . LEU A 1 67  ? -9.387  -1.770  -6.486  1.00 15.99 ? 88  LEU A CB  1 
ATOM   503  C CG  . LEU A 1 67  ? -7.917  -1.952  -6.065  1.00 24.44 ? 88  LEU A CG  1 
ATOM   504  C CD1 . LEU A 1 67  ? -7.501  -3.433  -6.035  1.00 18.91 ? 88  LEU A CD1 1 
ATOM   505  C CD2 . LEU A 1 67  ? -7.011  -1.157  -6.988  1.00 23.95 ? 88  LEU A CD2 1 
ATOM   506  N N   . GLY A 1 68  ? -12.284 0.461   -6.240  1.00 23.64 ? 89  GLY A N   1 
ATOM   507  C CA  . GLY A 1 68  ? -13.571 0.734   -6.854  1.00 19.40 ? 89  GLY A CA  1 
ATOM   508  C C   . GLY A 1 68  ? -14.552 -0.423  -6.778  1.00 27.51 ? 89  GLY A C   1 
ATOM   509  O O   . GLY A 1 68  ? -15.329 -0.646  -7.707  1.00 31.53 ? 89  GLY A O   1 
ATOM   510  N N   . ASN A 1 69  ? -14.507 -1.166  -5.678  1.00 20.55 ? 90  ASN A N   1 
ATOM   511  C CA  . ASN A 1 69  ? -15.440 -2.270  -5.443  1.00 26.85 ? 90  ASN A CA  1 
ATOM   512  C C   . ASN A 1 69  ? -16.187 -2.060  -4.147  1.00 19.82 ? 90  ASN A C   1 
ATOM   513  O O   . ASN A 1 69  ? -15.646 -1.481  -3.205  1.00 17.10 ? 90  ASN A O   1 
ATOM   514  C CB  . ASN A 1 69  ? -14.694 -3.605  -5.361  1.00 18.57 ? 90  ASN A CB  1 
ATOM   515  C CG  . ASN A 1 69  ? -13.982 -3.934  -6.642  1.00 21.00 ? 90  ASN A CG  1 
ATOM   516  O OD1 . ASN A 1 69  ? -12.750 -3.946  -6.704  1.00 20.03 ? 90  ASN A OD1 1 
ATOM   517  N ND2 . ASN A 1 69  ? -14.751 -4.182  -7.680  1.00 17.59 ? 90  ASN A ND2 1 
ATOM   518  N N   . SER A 1 70  ? -17.424 -2.542  -4.086  1.00 22.38 ? 91  SER A N   1 
ATOM   519  C CA  . SER A 1 70  ? -18.177 -2.462  -2.839  1.00 23.30 ? 91  SER A CA  1 
ATOM   520  C C   . SER A 1 70  ? -18.639 -3.832  -2.322  1.00 26.25 ? 91  SER A C   1 
ATOM   521  O O   . SER A 1 70  ? -19.335 -3.910  -1.310  1.00 29.38 ? 91  SER A O   1 
ATOM   522  C CB  . SER A 1 70  ? -19.347 -1.481  -2.969  1.00 26.74 ? 91  SER A CB  1 
ATOM   523  O OG  . SER A 1 70  ? -20.118 -1.762  -4.123  1.00 46.55 ? 91  SER A OG  1 
ATOM   524  N N   . ASP A 1 71  ? -18.212 -4.901  -2.994  1.00 23.11 ? 92  ASP A N   1 
ATOM   525  C CA  . ASP A 1 71  ? -18.606 -6.267  -2.640  1.00 20.85 ? 92  ASP A CA  1 
ATOM   526  C C   . ASP A 1 71  ? -17.469 -7.015  -1.947  1.00 22.47 ? 92  ASP A C   1 
ATOM   527  O O   . ASP A 1 71  ? -16.386 -6.459  -1.764  1.00 17.64 ? 92  ASP A O   1 
ATOM   528  C CB  . ASP A 1 71  ? -19.110 -7.037  -3.881  1.00 21.04 ? 92  ASP A CB  1 
ATOM   529  C CG  . ASP A 1 71  ? -18.067 -7.134  -4.986  1.00 19.34 ? 92  ASP A CG  1 
ATOM   530  O OD1 . ASP A 1 71  ? -17.054 -6.415  -4.912  1.00 21.93 ? 92  ASP A OD1 1 
ATOM   531  O OD2 . ASP A 1 71  ? -18.258 -7.924  -5.937  1.00 19.50 ? 92  ASP A OD2 1 
ATOM   532  N N   . ASP A 1 72  ? -17.735 -8.252  -1.529  1.00 15.90 ? 93  ASP A N   1 
ATOM   533  C CA  . ASP A 1 72  ? -16.696 -9.137  -1.011  1.00 14.63 ? 93  ASP A CA  1 
ATOM   534  C C   . ASP A 1 72  ? -15.639 -9.337  -2.092  1.00 11.32 ? 93  ASP A C   1 
ATOM   535  O O   . ASP A 1 72  ? -15.968 -9.458  -3.261  1.00 13.32 ? 93  ASP A O   1 
ATOM   536  C CB  . ASP A 1 72  ? -17.276 -10.510 -0.673  1.00 18.08 ? 93  ASP A CB  1 
ATOM   537  C CG  . ASP A 1 72  ? -18.071 -10.525 0.627   1.00 21.63 ? 93  ASP A CG  1 
ATOM   538  O OD1 . ASP A 1 72  ? -18.049 -9.524  1.369   1.00 21.16 ? 93  ASP A OD1 1 
ATOM   539  O OD2 . ASP A 1 72  ? -18.701 -11.567 0.918   1.00 19.63 ? 93  ASP A OD2 1 
ATOM   540  N N   . ALA A 1 73  ? -14.376 -9.400  -1.701  1.00 14.34 ? 94  ALA A N   1 
ATOM   541  C CA  . ALA A 1 73  ? -13.293 -9.585  -2.675  1.00 16.44 ? 94  ALA A CA  1 
ATOM   542  C C   . ALA A 1 73  ? -13.406 -10.918 -3.417  1.00 13.89 ? 94  ALA A C   1 
ATOM   543  O O   . ALA A 1 73  ? -13.681 -11.943 -2.790  1.00 15.85 ? 94  ALA A O   1 
ATOM   544  C CB  . ALA A 1 73  ? -11.956 -9.496  -1.972  1.00 13.19 ? 94  ALA A CB  1 
ATOM   545  N N   . ASP A 1 74  ? -13.216 -10.903 -4.743  1.00 13.98 ? 95  ASP A N   1 
ATOM   546  C CA  . ASP A 1 74  ? -13.037 -12.150 -5.514  1.00 13.42 ? 95  ASP A CA  1 
ATOM   547  C C   . ASP A 1 74  ? -12.070 -13.085 -4.780  1.00 16.85 ? 95  ASP A C   1 
ATOM   548  O O   . ASP A 1 74  ? -11.040 -12.636 -4.266  1.00 12.61 ? 95  ASP A O   1 
ATOM   549  C CB  . ASP A 1 74  ? -12.426 -11.862 -6.884  1.00 13.46 ? 95  ASP A CB  1 
ATOM   550  C CG  . ASP A 1 74  ? -13.419 -11.293 -7.885  1.00 22.84 ? 95  ASP A CG  1 
ATOM   551  O OD1 . ASP A 1 74  ? -14.598 -11.038 -7.539  1.00 26.60 ? 95  ASP A OD1 1 
ATOM   552  O OD2 . ASP A 1 74  ? -12.990 -11.087 -9.043  1.00 21.23 ? 95  ASP A OD2 1 
ATOM   553  N N   . GLU A 1 75  ? -12.371 -14.382 -4.751  1.00 12.61 ? 96  GLU A N   1 
ATOM   554  C CA  A GLU A 1 75  ? -11.499 -15.361 -4.104  0.41 12.51 ? 96  GLU A CA  1 
ATOM   555  C CA  B GLU A 1 75  ? -11.492 -15.336 -4.083  0.59 12.44 ? 96  GLU A CA  1 
ATOM   556  C C   . GLU A 1 75  ? -10.104 -15.330 -4.713  1.00 12.06 ? 96  GLU A C   1 
ATOM   557  O O   . GLU A 1 75  ? -9.103  -15.500 -4.019  1.00 13.86 ? 96  GLU A O   1 
ATOM   558  C CB  A GLU A 1 75  ? -12.069 -16.779 -4.255  0.41 14.23 ? 96  GLU A CB  1 
ATOM   559  C CB  B GLU A 1 75  ? -12.078 -16.753 -4.135  0.59 14.23 ? 96  GLU A CB  1 
ATOM   560  C CG  A GLU A 1 75  ? -13.476 -16.967 -3.713  0.41 17.35 ? 96  GLU A CG  1 
ATOM   561  C CG  B GLU A 1 75  ? -11.223 -17.811 -3.451  0.59 15.31 ? 96  GLU A CG  1 
ATOM   562  C CD  A GLU A 1 75  ? -14.124 -18.256 -4.199  0.41 14.73 ? 96  GLU A CD  1 
ATOM   563  C CD  B GLU A 1 75  ? -11.653 -19.226 -3.814  0.59 18.20 ? 96  GLU A CD  1 
ATOM   564  O OE1 A GLU A 1 75  ? -13.791 -19.328 -3.654  0.41 18.88 ? 96  GLU A OE1 1 
ATOM   565  O OE1 B GLU A 1 75  ? -12.643 -19.361 -4.552  0.59 15.80 ? 96  GLU A OE1 1 
ATOM   566  O OE2 A GLU A 1 75  ? -14.954 -18.199 -5.126  0.41 10.77 ? 96  GLU A OE2 1 
ATOM   567  O OE2 B GLU A 1 75  ? -10.998 -20.195 -3.374  0.59 19.57 ? 96  GLU A OE2 1 
ATOM   568  N N   . GLU A 1 76  ? -10.045 -15.140 -6.027  1.00 13.11 ? 97  GLU A N   1 
ATOM   569  C CA  . GLU A 1 76  ? -8.753  -15.238 -6.708  1.00 18.44 ? 97  GLU A CA  1 
ATOM   570  C C   . GLU A 1 76  ? -7.873  -14.003 -6.478  1.00 18.95 ? 97  GLU A C   1 
ATOM   571  O O   . GLU A 1 76  ? -6.648  -14.100 -6.493  1.00 11.71 ? 97  GLU A O   1 
ATOM   572  C CB  . GLU A 1 76  ? -8.905  -15.596 -8.193  1.00 20.13 ? 97  GLU A CB  1 
ATOM   573  C CG  . GLU A 1 76  ? -9.665  -14.604 -9.051  1.00 16.36 ? 97  GLU A CG  1 
ATOM   574  C CD  . GLU A 1 76  ? -11.147 -14.941 -9.162  1.00 30.01 ? 97  GLU A CD  1 
ATOM   575  O OE1 . GLU A 1 76  ? -11.713 -14.701 -10.245 1.00 33.56 ? 97  GLU A OE1 1 
ATOM   576  O OE2 . GLU A 1 76  ? -11.747 -15.429 -8.163  1.00 26.86 ? 97  GLU A OE2 1 
ATOM   577  N N   . PHE A 1 77  ? -8.515  -12.862 -6.232  1.00 13.59 ? 98  PHE A N   1 
ATOM   578  C CA  . PHE A 1 77  ? -7.829  -11.647 -5.786  1.00 15.56 ? 98  PHE A CA  1 
ATOM   579  C C   . PHE A 1 77  ? -7.176  -11.906 -4.429  1.00 15.95 ? 98  PHE A C   1 
ATOM   580  O O   . PHE A 1 77  ? -5.981  -11.651 -4.238  1.00 14.60 ? 98  PHE A O   1 
ATOM   581  C CB  . PHE A 1 77  ? -8.833  -10.484 -5.690  1.00 12.42 ? 98  PHE A CB  1 
ATOM   582  C CG  . PHE A 1 77  ? -8.239  -9.187  -5.185  1.00 14.99 ? 98  PHE A CG  1 
ATOM   583  C CD1 . PHE A 1 77  ? -8.229  -8.892  -3.828  1.00 11.41 ? 98  PHE A CD1 1 
ATOM   584  C CD2 . PHE A 1 77  ? -7.717  -8.249  -6.073  1.00 16.25 ? 98  PHE A CD2 1 
ATOM   585  C CE1 . PHE A 1 77  ? -7.693  -7.684  -3.363  1.00 11.84 ? 98  PHE A CE1 1 
ATOM   586  C CE2 . PHE A 1 77  ? -7.181  -7.050  -5.617  1.00 16.60 ? 98  PHE A CE2 1 
ATOM   587  C CZ  . PHE A 1 77  ? -7.164  -6.767  -4.262  1.00 9.86  ? 98  PHE A CZ  1 
ATOM   588  N N   . VAL A 1 78  ? -7.959  -12.427 -3.485  1.00 9.72  ? 99  VAL A N   1 
ATOM   589  C CA  . VAL A 1 78  ? -7.434  -12.732 -2.159  1.00 12.50 ? 99  VAL A CA  1 
ATOM   590  C C   . VAL A 1 78  ? -6.303  -13.768 -2.241  1.00 13.93 ? 99  VAL A C   1 
ATOM   591  O O   . VAL A 1 78  ? -5.239  -13.572 -1.669  1.00 15.69 ? 99  VAL A O   1 
ATOM   592  C CB  . VAL A 1 78  ? -8.535  -13.253 -1.187  1.00 15.95 ? 99  VAL A CB  1 
ATOM   593  C CG1 . VAL A 1 78  ? -7.924  -13.637 0.142   1.00 14.68 ? 99  VAL A CG1 1 
ATOM   594  C CG2 . VAL A 1 78  ? -9.637  -12.210 -0.978  1.00 13.08 ? 99  VAL A CG2 1 
ATOM   595  N N   . ALA A 1 79  ? -6.554  -14.876 -2.941  1.00 14.68 ? 100 ALA A N   1 
ATOM   596  C CA  . ALA A 1 79  ? -5.561  -15.944 -3.108  1.00 13.04 ? 100 ALA A CA  1 
ATOM   597  C C   . ALA A 1 79  ? -4.253  -15.427 -3.699  1.00 11.23 ? 100 ALA A C   1 
ATOM   598  O O   . ALA A 1 79  ? -3.172  -15.682 -3.177  1.00 13.57 ? 100 ALA A O   1 
ATOM   599  C CB  . ALA A 1 79  ? -6.128  -17.063 -4.024  1.00 13.00 ? 100 ALA A CB  1 
ATOM   600  N N   . LYS A 1 80  ? -4.346  -14.730 -4.820  1.00 11.70 ? 101 LYS A N   1 
ATOM   601  C CA  . LYS A 1 80  ? -3.142  -14.294 -5.500  1.00 12.34 ? 101 LYS A CA  1 
ATOM   602  C C   . LYS A 1 80  ? -2.326  -13.327 -4.631  1.00 14.78 ? 101 LYS A C   1 
ATOM   603  O O   . LYS A 1 80  ? -1.106  -13.449 -4.539  1.00 13.98 ? 101 LYS A O   1 
ATOM   604  C CB  . LYS A 1 80  ? -3.463  -13.701 -6.873  1.00 12.18 ? 101 LYS A CB  1 
ATOM   605  C CG  . LYS A 1 80  ? -4.060  -12.329 -6.876  1.00 21.42 ? 101 LYS A CG  1 
ATOM   606  C CD  . LYS A 1 80  ? -4.388  -11.896 -8.305  1.00 24.52 ? 101 LYS A CD  1 
ATOM   607  C CE  . LYS A 1 80  ? -3.215  -12.103 -9.248  1.00 26.46 ? 101 LYS A CE  1 
ATOM   608  N NZ  . LYS A 1 80  ? -3.564  -11.865 -10.694 1.00 32.87 ? 101 LYS A NZ  1 
ATOM   609  N N   . HIS A 1 81  ? -2.996  -12.390 -3.971  1.00 15.29 ? 102 HIS A N   1 
ATOM   610  C CA  . HIS A 1 81  ? -2.282  -11.423 -3.133  1.00 14.37 ? 102 HIS A CA  1 
ATOM   611  C C   . HIS A 1 81  ? -1.718  -12.006 -1.853  1.00 14.87 ? 102 HIS A C   1 
ATOM   612  O O   . HIS A 1 81  ? -0.587  -11.693 -1.501  1.00 17.39 ? 102 HIS A O   1 
ATOM   613  C CB  . HIS A 1 81  ? -3.123  -10.167 -2.891  1.00 12.46 ? 102 HIS A CB  1 
ATOM   614  C CG  . HIS A 1 81  ? -3.251  -9.330  -4.115  1.00 15.92 ? 102 HIS A CG  1 
ATOM   615  N ND1 . HIS A 1 81  ? -2.154  -8.780  -4.742  1.00 22.79 ? 102 HIS A ND1 1 
ATOM   616  C CD2 . HIS A 1 81  ? -4.320  -9.025  -4.885  1.00 18.04 ? 102 HIS A CD2 1 
ATOM   617  C CE1 . HIS A 1 81  ? -2.550  -8.126  -5.819  1.00 19.41 ? 102 HIS A CE1 1 
ATOM   618  N NE2 . HIS A 1 81  ? -3.858  -8.261  -5.932  1.00 21.59 ? 102 HIS A NE2 1 
ATOM   619  N N   . ARG A 1 82  ? -2.476  -12.859 -1.161  1.00 13.88 ? 103 ARG A N   1 
ATOM   620  C CA  . ARG A 1 82  ? -1.906  -13.600 -0.032  1.00 15.53 ? 103 ARG A CA  1 
ATOM   621  C C   . ARG A 1 82  ? -0.628  -14.350 -0.427  1.00 19.95 ? 103 ARG A C   1 
ATOM   622  O O   . ARG A 1 82  ? 0.358   -14.355 0.317   1.00 17.09 ? 103 ARG A O   1 
ATOM   623  C CB  . ARG A 1 82  ? -2.902  -14.617 0.542   1.00 16.27 ? 103 ARG A CB  1 
ATOM   624  C CG  . ARG A 1 82  ? -3.849  -14.073 1.607   1.00 24.93 ? 103 ARG A CG  1 
ATOM   625  C CD  . ARG A 1 82  ? -4.655  -15.218 2.259   1.00 31.33 ? 103 ARG A CD  1 
ATOM   626  N NE  . ARG A 1 82  ? -5.971  -14.761 2.718   1.00 42.84 ? 103 ARG A NE  1 
ATOM   627  C CZ  . ARG A 1 82  ? -6.206  -14.221 3.912   1.00 39.50 ? 103 ARG A CZ  1 
ATOM   628  N NH1 . ARG A 1 82  ? -5.210  -14.076 4.779   1.00 41.07 ? 103 ARG A NH1 1 
ATOM   629  N NH2 . ARG A 1 82  ? -7.435  -13.832 4.240   1.00 42.42 ? 103 ARG A NH2 1 
ATOM   630  N N   . ALA A 1 83  ? -0.655  -15.016 -1.578  1.00 14.93 ? 104 ALA A N   1 
ATOM   631  C CA  . ALA A 1 83  ? 0.533   -15.738 -2.056  1.00 13.58 ? 104 ALA A CA  1 
ATOM   632  C C   . ALA A 1 83  ? 1.684   -14.789 -2.419  1.00 14.11 ? 104 ALA A C   1 
ATOM   633  O O   . ALA A 1 83  ? 2.842   -15.028 -2.046  1.00 13.59 ? 104 ALA A O   1 
ATOM   634  C CB  . ALA A 1 83  ? 0.180   -16.645 -3.245  1.00 13.24 ? 104 ALA A CB  1 
ATOM   635  N N   . CYS A 1 84  ? 1.376   -13.721 -3.144  1.00 12.06 ? 105 CYS A N   1 
ATOM   636  C CA  . CYS A 1 84  ? 2.396   -12.710 -3.430  1.00 15.65 ? 105 CYS A CA  1 
ATOM   637  C C   . CYS A 1 84  ? 3.077   -12.216 -2.137  1.00 17.71 ? 105 CYS A C   1 
ATOM   638  O O   . CYS A 1 84  ? 4.309   -12.211 -2.020  1.00 13.51 ? 105 CYS A O   1 
ATOM   639  C CB  . CYS A 1 84  ? 1.776   -11.521 -4.168  1.00 12.55 ? 105 CYS A CB  1 
ATOM   640  S SG  . CYS A 1 84  ? 2.948   -10.209 -4.690  1.00 13.17 ? 105 CYS A SG  1 
ATOM   641  N N   . LEU A 1 85  ? 2.255   -11.780 -1.189  1.00 12.69 ? 106 LEU A N   1 
ATOM   642  C CA  . LEU A 1 85  ? 2.722   -11.230 0.076   1.00 15.78 ? 106 LEU A CA  1 
ATOM   643  C C   . LEU A 1 85  ? 3.541   -12.220 0.886   1.00 18.46 ? 106 LEU A C   1 
ATOM   644  O O   . LEU A 1 85  ? 4.523   -11.846 1.518   1.00 19.26 ? 106 LEU A O   1 
ATOM   645  C CB  . LEU A 1 85  ? 1.529   -10.716 0.898   1.00 13.27 ? 106 LEU A CB  1 
ATOM   646  C CG  . LEU A 1 85  ? 0.828   -9.502  0.266   1.00 16.73 ? 106 LEU A CG  1 
ATOM   647  C CD1 . LEU A 1 85  ? -0.566  -9.284  0.860   1.00 15.92 ? 106 LEU A CD1 1 
ATOM   648  C CD2 . LEU A 1 85  ? 1.680   -8.233  0.401   1.00 12.18 ? 106 LEU A CD2 1 
ATOM   649  N N   . GLU A 1 86  ? 3.140   -13.483 0.891   1.00 13.23 ? 107 GLU A N   1 
ATOM   650  C CA  . GLU A 1 86  ? 3.895   -14.483 1.649   1.00 17.82 ? 107 GLU A CA  1 
ATOM   651  C C   . GLU A 1 86  ? 5.246   -14.748 1.013   1.00 18.90 ? 107 GLU A C   1 
ATOM   652  O O   . GLU A 1 86  ? 6.214   -15.063 1.714   1.00 19.57 ? 107 GLU A O   1 
ATOM   653  C CB  . GLU A 1 86  ? 3.106   -15.796 1.797   1.00 26.47 ? 107 GLU A CB  1 
ATOM   654  C CG  . GLU A 1 86  ? 1.949   -15.700 2.791   1.00 34.05 ? 107 GLU A CG  1 
ATOM   655  C CD  . GLU A 1 86  ? 0.957   -16.854 2.670   1.00 44.80 ? 107 GLU A CD  1 
ATOM   656  O OE1 . GLU A 1 86  ? 1.299   -17.872 2.025   1.00 43.77 ? 107 GLU A OE1 1 
ATOM   657  O OE2 . GLU A 1 86  ? -0.169  -16.739 3.216   1.00 45.66 ? 107 GLU A OE2 1 
ATOM   658  N N   . ALA A 1 87  ? 5.313   -14.621 -0.315  1.00 12.57 ? 108 ALA A N   1 
ATOM   659  C CA  . ALA A 1 87  ? 6.569   -14.806 -1.044  1.00 17.72 ? 108 ALA A CA  1 
ATOM   660  C C   . ALA A 1 87  ? 7.573   -13.688 -0.747  1.00 22.79 ? 108 ALA A C   1 
ATOM   661  O O   . ALA A 1 87  ? 8.758   -13.821 -1.038  1.00 24.16 ? 108 ALA A O   1 
ATOM   662  C CB  . ALA A 1 87  ? 6.317   -14.886 -2.539  1.00 20.37 ? 108 ALA A CB  1 
ATOM   663  N N   . LYS A 1 88  ? 7.093   -12.581 -0.186  1.00 22.55 ? 109 LYS A N   1 
ATOM   664  C CA  . LYS A 1 88  ? 7.971   -11.451 0.120   1.00 18.41 ? 109 LYS A CA  1 
ATOM   665  C C   . LYS A 1 88  ? 8.577   -11.540 1.519   1.00 21.34 ? 109 LYS A C   1 
ATOM   666  O O   . LYS A 1 88  ? 9.410   -10.711 1.897   1.00 21.23 ? 109 LYS A O   1 
ATOM   667  C CB  . LYS A 1 88  ? 7.228   -10.132 -0.071  1.00 16.85 ? 109 LYS A CB  1 
ATOM   668  C CG  . LYS A 1 88  ? 7.100   -9.765  -1.546  1.00 26.03 ? 109 LYS A CG  1 
ATOM   669  C CD  . LYS A 1 88  ? 6.154   -8.628  -1.755  1.00 23.05 ? 109 LYS A CD  1 
ATOM   670  C CE  . LYS A 1 88  ? 6.290   -8.072  -3.171  1.00 21.14 ? 109 LYS A CE  1 
ATOM   671  N NZ  . LYS A 1 88  ? 7.692   -7.742  -3.506  1.00 24.48 ? 109 LYS A NZ  1 
ATOM   672  N N   . ASN A 1 89  ? 8.163   -12.547 2.282   1.00 17.86 ? 110 ASN A N   1 
ATOM   673  C CA  . ASN A 1 89  ? 8.690   -12.743 3.635   1.00 20.10 ? 110 ASN A CA  1 
ATOM   674  C C   . ASN A 1 89  ? 8.817   -11.433 4.411   1.00 17.55 ? 110 ASN A C   1 
ATOM   675  O O   . ASN A 1 89  ? 9.870   -11.091 4.946   1.00 18.02 ? 110 ASN A O   1 
ATOM   676  C CB  . ASN A 1 89  ? 10.013  -13.505 3.585   1.00 24.10 ? 110 ASN A CB  1 
ATOM   677  C CG  . ASN A 1 89  ? 9.813   -14.960 3.200   1.00 38.10 ? 110 ASN A CG  1 
ATOM   678  O OD1 . ASN A 1 89  ? 9.285   -15.752 3.987   1.00 45.77 ? 110 ASN A OD1 1 
ATOM   679  N ND2 . ASN A 1 89  ? 10.207  -15.313 1.980   1.00 34.50 ? 110 ASN A ND2 1 
ATOM   680  N N   . LEU A 1 90  ? 7.712   -10.707 4.451   1.00 18.41 ? 111 LEU A N   1 
ATOM   681  C CA  . LEU A 1 90  ? 7.653   -9.379  5.030   1.00 13.47 ? 111 LEU A CA  1 
ATOM   682  C C   . LEU A 1 90  ? 8.149   -9.343  6.466   1.00 15.96 ? 111 LEU A C   1 
ATOM   683  O O   . LEU A 1 90  ? 8.735   -8.356  6.896   1.00 19.55 ? 111 LEU A O   1 
ATOM   684  C CB  . LEU A 1 90  ? 6.214   -8.870  4.972   1.00 10.36 ? 111 LEU A CB  1 
ATOM   685  C CG  . LEU A 1 90  ? 5.626   -8.756  3.560   1.00 12.47 ? 111 LEU A CG  1 
ATOM   686  C CD1 . LEU A 1 90  ? 4.156   -8.378  3.621   1.00 14.34 ? 111 LEU A CD1 1 
ATOM   687  C CD2 . LEU A 1 90  ? 6.404   -7.744  2.746   1.00 13.59 ? 111 LEU A CD2 1 
ATOM   688  N N   . GLU A 1 91  ? 7.896   -10.412 7.204   1.00 12.17 ? 112 GLU A N   1 
ATOM   689  C CA  . GLU A 1 91  ? 8.294   -10.494 8.607   1.00 21.25 ? 112 GLU A CA  1 
ATOM   690  C C   . GLU A 1 91  ? 9.798   -10.424 8.802   1.00 24.85 ? 112 GLU A C   1 
ATOM   691  O O   . GLU A 1 91  ? 10.266  -10.128 9.899   1.00 22.64 ? 112 GLU A O   1 
ATOM   692  C CB  . GLU A 1 91  ? 7.763   -11.775 9.258   1.00 25.96 ? 112 GLU A CB  1 
ATOM   693  C CG  . GLU A 1 91  ? 6.443   -11.598 9.962   1.00 40.60 ? 112 GLU A CG  1 
ATOM   694  C CD  . GLU A 1 91  ? 5.265   -11.623 9.009   1.00 48.94 ? 112 GLU A CD  1 
ATOM   695  O OE1 . GLU A 1 91  ? 5.313   -12.397 8.023   1.00 52.93 ? 112 GLU A OE1 1 
ATOM   696  O OE2 . GLU A 1 91  ? 4.292   -10.871 9.247   1.00 61.70 ? 112 GLU A OE2 1 
ATOM   697  N N   . THR A 1 92  ? 10.557  -10.702 7.745   1.00 19.99 ? 113 THR A N   1 
ATOM   698  C CA  . THR A 1 92  ? 12.017  -10.685 7.835   1.00 22.73 ? 113 THR A CA  1 
ATOM   699  C C   . THR A 1 92  ? 12.609  -9.345  7.393   1.00 22.32 ? 113 THR A C   1 
ATOM   700  O O   . THR A 1 92  ? 13.830  -9.145  7.439   1.00 20.23 ? 113 THR A O   1 
ATOM   701  C CB  . THR A 1 92  ? 12.676  -11.841 7.023   1.00 25.13 ? 113 THR A CB  1 
ATOM   702  O OG1 . THR A 1 92  ? 12.581  -11.575 5.618   1.00 23.90 ? 113 THR A OG1 1 
ATOM   703  C CG2 . THR A 1 92  ? 12.013  -13.172 7.343   1.00 28.06 ? 113 THR A CG2 1 
ATOM   704  N N   . ILE A 1 93  ? 11.743  -8.427  6.976   1.00 19.39 ? 114 ILE A N   1 
ATOM   705  C CA  . ILE A 1 93  ? 12.187  -7.102  6.563   1.00 16.19 ? 114 ILE A CA  1 
ATOM   706  C C   . ILE A 1 93  ? 12.165  -6.171  7.775   1.00 23.75 ? 114 ILE A C   1 
ATOM   707  O O   . ILE A 1 93  ? 11.104  -5.832  8.316   1.00 15.67 ? 114 ILE A O   1 
ATOM   708  C CB  . ILE A 1 93  ? 11.336  -6.547  5.401   1.00 17.35 ? 114 ILE A CB  1 
ATOM   709  C CG1 . ILE A 1 93  ? 11.418  -7.500  4.200   1.00 15.50 ? 114 ILE A CG1 1 
ATOM   710  C CG2 . ILE A 1 93  ? 11.853  -5.184  4.964   1.00 21.71 ? 114 ILE A CG2 1 
ATOM   711  C CD1 . ILE A 1 93  ? 10.585  -7.056  3.024   1.00 21.51 ? 114 ILE A CD1 1 
ATOM   712  N N   . GLU A 1 94  ? 13.354  -5.782  8.218   1.00 22.94 ? 115 GLU A N   1 
ATOM   713  C CA  . GLU A 1 94  ? 13.493  -5.091  9.497   1.00 26.84 ? 115 GLU A CA  1 
ATOM   714  C C   . GLU A 1 94  ? 12.999  -3.646  9.446   1.00 20.06 ? 115 GLU A C   1 
ATOM   715  O O   . GLU A 1 94  ? 12.376  -3.160  10.387  1.00 24.35 ? 115 GLU A O   1 
ATOM   716  C CB  . GLU A 1 94  ? 14.947  -5.161  9.972   1.00 29.42 ? 115 GLU A CB  1 
ATOM   717  C CG  . GLU A 1 94  ? 15.087  -5.354  11.478  1.00 57.31 ? 115 GLU A CG  1 
ATOM   718  C CD  . GLU A 1 94  ? 16.352  -6.117  11.862  1.00 71.88 ? 115 GLU A CD  1 
ATOM   719  O OE1 . GLU A 1 94  ? 16.878  -6.882  11.018  1.00 59.36 ? 115 GLU A OE1 1 
ATOM   720  O OE2 . GLU A 1 94  ? 16.817  -5.948  13.011  1.00 66.03 ? 115 GLU A OE2 1 
ATOM   721  N N   . ASP A 1 95  ? 13.271  -2.968  8.339   1.00 26.19 ? 116 ASP A N   1 
ATOM   722  C CA  . ASP A 1 95  ? 12.815  -1.592  8.137   1.00 23.17 ? 116 ASP A CA  1 
ATOM   723  C C   . ASP A 1 95  ? 11.311  -1.594  7.870   1.00 19.62 ? 116 ASP A C   1 
ATOM   724  O O   . ASP A 1 95  ? 10.852  -2.203  6.896   1.00 13.63 ? 116 ASP A O   1 
ATOM   725  C CB  . ASP A 1 95  ? 13.581  -0.987  6.958   1.00 23.54 ? 116 ASP A CB  1 
ATOM   726  C CG  . ASP A 1 95  ? 13.226  0.459   6.697   1.00 25.02 ? 116 ASP A CG  1 
ATOM   727  O OD1 . ASP A 1 95  ? 14.158  1.238   6.435   1.00 33.96 ? 116 ASP A OD1 1 
ATOM   728  O OD2 . ASP A 1 95  ? 12.035  0.822   6.725   1.00 20.00 ? 116 ASP A OD2 1 
ATOM   729  N N   . LEU A 1 96  ? 10.550  -0.921  8.731   1.00 14.89 ? 117 LEU A N   1 
ATOM   730  C CA  . LEU A 1 96  ? 9.086   -0.920  8.629   1.00 18.16 ? 117 LEU A CA  1 
ATOM   731  C C   . LEU A 1 96  ? 8.576   -0.246  7.351   1.00 18.07 ? 117 LEU A C   1 
ATOM   732  O O   . LEU A 1 96  ? 7.549   -0.649  6.797   1.00 14.02 ? 117 LEU A O   1 
ATOM   733  C CB  . LEU A 1 96  ? 8.449   -0.259  9.850   1.00 19.12 ? 117 LEU A CB  1 
ATOM   734  C CG  . LEU A 1 96  ? 8.715   -0.934  11.199  1.00 19.31 ? 117 LEU A CG  1 
ATOM   735  C CD1 . LEU A 1 96  ? 8.119   -0.093  12.305  1.00 20.92 ? 117 LEU A CD1 1 
ATOM   736  C CD2 . LEU A 1 96  ? 8.183   -2.361  11.227  1.00 17.27 ? 117 LEU A CD2 1 
ATOM   737  N N   . CYS A 1 97  ? 9.278   0.789   6.896   1.00 17.87 ? 118 CYS A N   1 
ATOM   738  C CA  . CYS A 1 97  ? 8.903   1.462   5.653   1.00 14.23 ? 118 CYS A CA  1 
ATOM   739  C C   . CYS A 1 97  ? 9.156   0.574   4.435   1.00 13.93 ? 118 CYS A C   1 
ATOM   740  O O   . CYS A 1 97  ? 8.306   0.454   3.551   1.00 12.47 ? 118 CYS A O   1 
ATOM   741  C CB  . CYS A 1 97  ? 9.649   2.785   5.513   1.00 12.39 ? 118 CYS A CB  1 
ATOM   742  S SG  . CYS A 1 97  ? 9.294   3.937   6.850   1.00 16.06 ? 118 CYS A SG  1 
ATOM   743  N N   . GLU A 1 98  ? 10.337  -0.029  4.382   1.00 14.04 ? 119 GLU A N   1 
ATOM   744  C CA  . GLU A 1 98  ? 10.683  -0.932  3.296   1.00 12.35 ? 119 GLU A CA  1 
ATOM   745  C C   . GLU A 1 98  ? 9.728   -2.128  3.250   1.00 14.11 ? 119 GLU A C   1 
ATOM   746  O O   . GLU A 1 98  ? 9.290   -2.549  2.173   1.00 14.01 ? 119 GLU A O   1 
ATOM   747  C CB  . GLU A 1 98  ? 12.132  -1.411  3.459   1.00 17.30 ? 119 GLU A CB  1 
ATOM   748  C CG  . GLU A 1 98  ? 12.620  -2.304  2.330   1.00 20.60 ? 119 GLU A CG  1 
ATOM   749  C CD  . GLU A 1 98  ? 14.024  -2.835  2.582   1.00 33.07 ? 119 GLU A CD  1 
ATOM   750  O OE1 . GLU A 1 98  ? 14.526  -3.594  1.726   1.00 40.97 ? 119 GLU A OE1 1 
ATOM   751  O OE2 . GLU A 1 98  ? 14.620  -2.497  3.634   1.00 30.26 ? 119 GLU A OE2 1 
ATOM   752  N N   . ARG A 1 99  ? 9.391   -2.660  4.422   1.00 14.62 ? 120 ARG A N   1 
ATOM   753  C CA  . ARG A 1 99  ? 8.427   -3.758  4.513   1.00 14.59 ? 120 ARG A CA  1 
ATOM   754  C C   . ARG A 1 99  ? 7.091   -3.359  3.897   1.00 13.32 ? 120 ARG A C   1 
ATOM   755  O O   . ARG A 1 99  ? 6.511   -4.108  3.109   1.00 12.11 ? 120 ARG A O   1 
ATOM   756  C CB  . ARG A 1 99  ? 8.222   -4.164  5.966   1.00 13.49 ? 120 ARG A CB  1 
ATOM   757  C CG  . ARG A 1 99  ? 7.362   -5.394  6.140   1.00 12.06 ? 120 ARG A CG  1 
ATOM   758  C CD  . ARG A 1 99  ? 6.937   -5.534  7.600   1.00 20.39 ? 120 ARG A CD  1 
ATOM   759  N NE  . ARG A 1 99  ? 8.096   -5.740  8.467   1.00 15.81 ? 120 ARG A NE  1 
ATOM   760  C CZ  . ARG A 1 99  ? 8.025   -5.818  9.793   1.00 20.81 ? 120 ARG A CZ  1 
ATOM   761  N NH1 . ARG A 1 99  ? 6.855   -5.697  10.413  1.00 19.80 ? 120 ARG A NH1 1 
ATOM   762  N NH2 . ARG A 1 99  ? 9.128   -6.014  10.501  1.00 20.12 ? 120 ARG A NH2 1 
ATOM   763  N N   . ALA A 1 100 ? 6.598   -2.179  4.267   1.00 12.26 ? 121 ALA A N   1 
ATOM   764  C CA  . ALA A 1 100 ? 5.314   -1.687  3.759   1.00 11.28 ? 121 ALA A CA  1 
ATOM   765  C C   . ALA A 1 100 ? 5.347   -1.480  2.253   1.00 10.59 ? 121 ALA A C   1 
ATOM   766  O O   . ALA A 1 100 ? 4.396   -1.807  1.548   1.00 12.04 ? 121 ALA A O   1 
ATOM   767  C CB  . ALA A 1 100 ? 4.918   -0.372  4.467   1.00 10.00 ? 121 ALA A CB  1 
ATOM   768  N N   . TYR A 1 101 ? 6.433   -0.896  1.761   1.00 11.27 ? 122 TYR A N   1 
ATOM   769  C CA  . TYR A 1 101 ? 6.572   -0.654  0.329   1.00 12.65 ? 122 TYR A CA  1 
ATOM   770  C C   . TYR A 1 101 ? 6.657   -1.970  -0.440  1.00 12.87 ? 122 TYR A C   1 
ATOM   771  O O   . TYR A 1 101 ? 6.040   -2.128  -1.502  1.00 10.88 ? 122 TYR A O   1 
ATOM   772  C CB  . TYR A 1 101 ? 7.812   0.197   0.070   1.00 12.93 ? 122 TYR A CB  1 
ATOM   773  C CG  . TYR A 1 101 ? 8.007   0.591   -1.366  1.00 13.54 ? 122 TYR A CG  1 
ATOM   774  C CD1 . TYR A 1 101 ? 8.838   -0.140  -2.195  1.00 14.72 ? 122 TYR A CD1 1 
ATOM   775  C CD2 . TYR A 1 101 ? 7.373   1.721   -1.889  1.00 15.75 ? 122 TYR A CD2 1 
ATOM   776  C CE1 . TYR A 1 101 ? 9.042   0.242   -3.526  1.00 17.02 ? 122 TYR A CE1 1 
ATOM   777  C CE2 . TYR A 1 101 ? 7.555   2.098   -3.204  1.00 14.60 ? 122 TYR A CE2 1 
ATOM   778  C CZ  . TYR A 1 101 ? 8.393   1.363   -4.017  1.00 20.94 ? 122 TYR A CZ  1 
ATOM   779  O OH  . TYR A 1 101 ? 8.579   1.743   -5.325  1.00 20.03 ? 122 TYR A OH  1 
ATOM   780  N N   . SER A 1 102 ? 7.419   -2.917  0.100   1.00 11.19 ? 123 SER A N   1 
ATOM   781  C CA  . SER A 1 102 ? 7.486   -4.253  -0.480  1.00 13.87 ? 123 SER A CA  1 
ATOM   782  C C   . SER A 1 102 ? 6.103   -4.900  -0.550  1.00 16.66 ? 123 SER A C   1 
ATOM   783  O O   . SER A 1 102 ? 5.739   -5.494  -1.566  1.00 13.01 ? 123 SER A O   1 
ATOM   784  C CB  . SER A 1 102 ? 8.447   -5.145  0.309   1.00 13.30 ? 123 SER A CB  1 
ATOM   785  O OG  . SER A 1 102 ? 8.510   -6.429  -0.286  1.00 24.64 ? 123 SER A OG  1 
ATOM   786  N N   . ALA A 1 103 ? 5.338   -4.786  0.531   1.00 11.55 ? 124 ALA A N   1 
ATOM   787  C CA  . ALA A 1 103 ? 3.969   -5.299  0.556   1.00 11.73 ? 124 ALA A CA  1 
ATOM   788  C C   . ALA A 1 103 ? 3.140   -4.679  -0.560  1.00 12.17 ? 124 ALA A C   1 
ATOM   789  O O   . ALA A 1 103 ? 2.510   -5.392  -1.343  1.00 16.40 ? 124 ALA A O   1 
ATOM   790  C CB  . ALA A 1 103 ? 3.328   -5.012  1.908   1.00 11.04 ? 124 ALA A CB  1 
ATOM   791  N N   . PHE A 1 104 ? 3.145   -3.344  -0.619  1.00 12.55 ? 125 PHE A N   1 
ATOM   792  C CA  . PHE A 1 104 ? 2.442   -2.579  -1.650  1.00 14.62 ? 125 PHE A CA  1 
ATOM   793  C C   . PHE A 1 104 ? 2.758   -3.042  -3.074  1.00 15.54 ? 125 PHE A C   1 
ATOM   794  O O   . PHE A 1 104 ? 1.895   -2.985  -3.951  1.00 16.97 ? 125 PHE A O   1 
ATOM   795  C CB  . PHE A 1 104 ? 2.776   -1.084  -1.525  1.00 15.35 ? 125 PHE A CB  1 
ATOM   796  C CG  . PHE A 1 104 ? 2.209   -0.236  -2.648  1.00 22.23 ? 125 PHE A CG  1 
ATOM   797  C CD1 . PHE A 1 104 ? 3.042   0.296   -3.631  1.00 19.43 ? 125 PHE A CD1 1 
ATOM   798  C CD2 . PHE A 1 104 ? 0.843   0.000   -2.736  1.00 31.81 ? 125 PHE A CD2 1 
ATOM   799  C CE1 . PHE A 1 104 ? 2.523   1.049   -4.675  1.00 27.06 ? 125 PHE A CE1 1 
ATOM   800  C CE2 . PHE A 1 104 ? 0.311   0.758   -3.777  1.00 32.69 ? 125 PHE A CE2 1 
ATOM   801  C CZ  . PHE A 1 104 ? 1.155   1.285   -4.747  1.00 31.30 ? 125 PHE A CZ  1 
ATOM   802  N N   A GLN A 1 105 ? 3.989   -3.491  -3.307  0.54 10.84 ? 126 GLN A N   1 
ATOM   803  N N   B GLN A 1 105 ? 3.990   -3.488  -3.309  0.46 10.87 ? 126 GLN A N   1 
ATOM   804  C CA  . GLN A 1 105 ? 4.381   -3.889  -4.662  1.00 12.32 ? 126 GLN A CA  1 
ATOM   805  C C   . GLN A 1 105 ? 3.489   -5.016  -5.200  1.00 17.10 ? 126 GLN A C   1 
ATOM   806  O O   . GLN A 1 105 ? 3.311   -5.171  -6.406  1.00 10.89 ? 126 GLN A O   1 
ATOM   807  C CB  . GLN A 1 105 ? 5.857   -4.289  -4.713  1.00 15.56 ? 126 GLN A CB  1 
ATOM   808  C CG  A GLN A 1 105 ? 6.866   -3.185  -4.424  0.54 15.50 ? 126 GLN A CG  1 
ATOM   809  C CG  B GLN A 1 105 ? 6.799   -3.084  -4.570  0.46 15.47 ? 126 GLN A CG  1 
ATOM   810  C CD  A GLN A 1 105 ? 8.297   -3.683  -4.567  0.54 18.45 ? 126 GLN A CD  1 
ATOM   811  C CD  B GLN A 1 105 ? 6.444   -1.935  -5.511  0.46 18.63 ? 126 GLN A CD  1 
ATOM   812  O OE1 A GLN A 1 105 ? 8.628   -4.794  -4.144  0.54 17.24 ? 126 GLN A OE1 1 
ATOM   813  O OE1 B GLN A 1 105 ? 6.130   -2.146  -6.685  0.46 19.28 ? 126 GLN A OE1 1 
ATOM   814  N NE2 A GLN A 1 105 ? 9.145   -2.872  -5.182  0.54 19.24 ? 126 GLN A NE2 1 
ATOM   815  N NE2 B GLN A 1 105 ? 6.486   -0.710  -4.991  0.46 19.27 ? 126 GLN A NE2 1 
ATOM   816  N N   . CYS A 1 106 ? 2.930   -5.812  -4.299  1.00 11.85 ? 127 CYS A N   1 
ATOM   817  C CA  . CYS A 1 106 ? 2.043   -6.894  -4.721  1.00 16.97 ? 127 CYS A CA  1 
ATOM   818  C C   . CYS A 1 106 ? 0.781   -6.358  -5.383  1.00 18.37 ? 127 CYS A C   1 
ATOM   819  O O   . CYS A 1 106 ? 0.213   -7.015  -6.252  1.00 19.90 ? 127 CYS A O   1 
ATOM   820  C CB  . CYS A 1 106 ? 1.660   -7.769  -3.528  1.00 9.76  ? 127 CYS A CB  1 
ATOM   821  S SG  . CYS A 1 106 ? 2.944   -8.969  -3.083  1.00 12.40 ? 127 CYS A SG  1 
ATOM   822  N N   . LEU A 1 107 ? 0.355   -5.165  -4.968  1.00 12.85 ? 128 LEU A N   1 
ATOM   823  C CA  . LEU A 1 107 ? -0.916  -4.580  -5.427  1.00 13.84 ? 128 LEU A CA  1 
ATOM   824  C C   . LEU A 1 107 ? -0.757  -3.528  -6.531  1.00 23.11 ? 128 LEU A C   1 
ATOM   825  O O   . LEU A 1 107 ? -1.741  -2.965  -7.014  1.00 19.30 ? 128 LEU A O   1 
ATOM   826  C CB  . LEU A 1 107 ? -1.656  -3.960  -4.236  1.00 15.72 ? 128 LEU A CB  1 
ATOM   827  C CG  . LEU A 1 107 ? -2.213  -4.927  -3.187  1.00 21.42 ? 128 LEU A CG  1 
ATOM   828  C CD1 . LEU A 1 107 ? -2.196  -4.282  -1.820  1.00 31.02 ? 128 LEU A CD1 1 
ATOM   829  C CD2 . LEU A 1 107 ? -3.620  -5.350  -3.562  1.00 20.77 ? 128 LEU A CD2 1 
ATOM   830  N N   . ARG A 1 108 ? 0.483   -3.263  -6.931  1.00 24.92 ? 129 ARG A N   1 
ATOM   831  C CA  . ARG A 1 108 ? 0.758   -2.280  -7.975  1.00 25.62 ? 129 ARG A CA  1 
ATOM   832  C C   . ARG A 1 108 ? -0.011  -2.571  -9.270  1.00 22.25 ? 129 ARG A C   1 
ATOM   833  O O   . ARG A 1 108 ? -0.647  -1.677  -9.826  1.00 28.98 ? 129 ARG A O   1 
ATOM   834  C CB  A ARG A 1 108 ? 2.257   -2.264  -8.286  0.52 29.90 ? 129 ARG A CB  1 
ATOM   835  C CB  B ARG A 1 108 ? 2.257   -2.164  -8.248  0.48 29.91 ? 129 ARG A CB  1 
ATOM   836  C CG  A ARG A 1 108 ? 2.959   -0.927  -8.064  0.52 33.23 ? 129 ARG A CG  1 
ATOM   837  C CG  B ARG A 1 108 ? 2.648   -0.856  -8.932  0.48 32.90 ? 129 ARG A CG  1 
ATOM   838  C CD  A ARG A 1 108 ? 4.307   -0.898  -8.804  0.52 31.30 ? 129 ARG A CD  1 
ATOM   839  C CD  B ARG A 1 108 ? 3.681   -0.091  -8.107  0.48 32.30 ? 129 ARG A CD  1 
ATOM   840  N NE  A ARG A 1 108 ? 4.130   -0.700  -10.240 0.52 33.24 ? 129 ARG A NE  1 
ATOM   841  N NE  B ARG A 1 108 ? 3.979   1.216   -8.682  0.48 34.09 ? 129 ARG A NE  1 
ATOM   842  C CZ  A ARG A 1 108 ? 5.077   -0.891  -11.151 0.52 33.99 ? 129 ARG A CZ  1 
ATOM   843  C CZ  B ARG A 1 108 ? 4.930   2.030   -8.238  0.48 28.21 ? 129 ARG A CZ  1 
ATOM   844  N NH1 A ARG A 1 108 ? 6.284   -1.306  -10.785 0.52 32.00 ? 129 ARG A NH1 1 
ATOM   845  N NH1 B ARG A 1 108 ? 5.124   3.201   -8.826  0.48 27.65 ? 129 ARG A NH1 1 
ATOM   846  N NH2 A ARG A 1 108 ? 4.815   -0.676  -12.432 0.52 40.32 ? 129 ARG A NH2 1 
ATOM   847  N NH2 B ARG A 1 108 ? 5.685   1.671   -7.208  0.48 26.25 ? 129 ARG A NH2 1 
ATOM   848  N N   . GLU A 1 109 ? 0.056   -3.807  -9.757  1.00 25.30 ? 130 GLU A N   1 
ATOM   849  C CA  . GLU A 1 109 ? -0.675  -4.185  -10.966 1.00 24.09 ? 130 GLU A CA  1 
ATOM   850  C C   . GLU A 1 109 ? -2.139  -3.790  -10.861 1.00 31.38 ? 130 GLU A C   1 
ATOM   851  O O   . GLU A 1 109 ? -2.720  -3.267  -11.813 1.00 28.19 ? 130 GLU A O   1 
ATOM   852  C CB  . GLU A 1 109 ? -0.628  -5.696  -11.214 1.00 34.56 ? 130 GLU A CB  1 
ATOM   853  C CG  . GLU A 1 109 ? 0.621   -6.206  -11.881 1.00 40.16 ? 130 GLU A CG  1 
ATOM   854  C CD  . GLU A 1 109 ? 1.717   -6.468  -10.880 1.00 37.70 ? 130 GLU A CD  1 
ATOM   855  O OE1 . GLU A 1 109 ? 2.823   -6.869  -11.307 1.00 36.51 ? 130 GLU A OE1 1 
ATOM   856  O OE2 . GLU A 1 109 ? 1.461   -6.260  -9.668  1.00 28.81 ? 130 GLU A OE2 1 
ATOM   857  N N   . ASP A 1 110 ? -2.741  -4.077  -9.712  1.00 25.47 ? 131 ASP A N   1 
ATOM   858  C CA  . ASP A 1 110 ? -4.165  -3.843  -9.532  1.00 24.41 ? 131 ASP A CA  1 
ATOM   859  C C   . ASP A 1 110 ? -4.474  -2.358  -9.566  1.00 22.57 ? 131 ASP A C   1 
ATOM   860  O O   . ASP A 1 110 ? -5.368  -1.928  -10.290 1.00 25.72 ? 131 ASP A O   1 
ATOM   861  C CB  . ASP A 1 110 ? -4.643  -4.458  -8.223  1.00 19.04 ? 131 ASP A CB  1 
ATOM   862  C CG  . ASP A 1 110 ? -4.306  -5.924  -8.132  1.00 26.41 ? 131 ASP A CG  1 
ATOM   863  O OD1 . ASP A 1 110 ? -5.130  -6.754  -8.570  1.00 18.93 ? 131 ASP A OD1 1 
ATOM   864  O OD2 . ASP A 1 110 ? -3.191  -6.247  -7.664  1.00 27.53 ? 131 ASP A OD2 1 
ATOM   865  N N   . TYR A 1 111 ? -3.739  -1.579  -8.779  1.00 22.26 ? 132 TYR A N   1 
ATOM   866  C CA  . TYR A 1 111 ? -3.949  -0.138  -8.725  1.00 24.83 ? 132 TYR A CA  1 
ATOM   867  C C   . TYR A 1 111 ? -3.780  0.512   -10.100 1.00 31.18 ? 132 TYR A C   1 
ATOM   868  O O   . TYR A 1 111 ? -4.564  1.383   -10.478 1.00 29.98 ? 132 TYR A O   1 
ATOM   869  C CB  . TYR A 1 111 ? -3.066  0.528   -7.647  1.00 26.31 ? 132 TYR A CB  1 
ATOM   870  C CG  . TYR A 1 111 ? -3.707  0.435   -6.271  1.00 24.86 ? 132 TYR A CG  1 
ATOM   871  C CD1 . TYR A 1 111 ? -4.845  1.173   -5.972  1.00 21.96 ? 132 TYR A CD1 1 
ATOM   872  C CD2 . TYR A 1 111 ? -3.208  -0.424  -5.293  1.00 25.00 ? 132 TYR A CD2 1 
ATOM   873  C CE1 . TYR A 1 111 ? -5.469  1.071   -4.738  1.00 21.06 ? 132 TYR A CE1 1 
ATOM   874  C CE2 . TYR A 1 111 ? -3.825  -0.529  -4.044  1.00 17.54 ? 132 TYR A CE2 1 
ATOM   875  C CZ  . TYR A 1 111 ? -4.955  0.220   -3.778  1.00 19.39 ? 132 TYR A CZ  1 
ATOM   876  O OH  . TYR A 1 111 ? -5.580  0.126   -2.551  1.00 17.01 ? 132 TYR A OH  1 
ATOM   877  N N   . GLU A 1 112 ? -2.780  0.071   -10.857 1.00 29.86 ? 133 GLU A N   1 
ATOM   878  C CA  . GLU A 1 112 ? -2.538  0.634   -12.185 1.00 33.08 ? 133 GLU A CA  1 
ATOM   879  C C   . GLU A 1 112 ? -3.689  0.364   -13.162 1.00 32.05 ? 133 GLU A C   1 
ATOM   880  O O   . GLU A 1 112 ? -4.172  1.281   -13.827 1.00 37.72 ? 133 GLU A O   1 
ATOM   881  C CB  . GLU A 1 112 ? -1.192  0.161   -12.749 1.00 35.79 ? 133 GLU A CB  1 
ATOM   882  C CG  . GLU A 1 112 ? -0.008  0.742   -11.988 1.00 38.25 ? 133 GLU A CG  1 
ATOM   883  C CD  . GLU A 1 112 ? 1.303   0.608   -12.733 1.00 47.48 ? 133 GLU A CD  1 
ATOM   884  O OE1 . GLU A 1 112 ? 1.275   0.221   -13.923 1.00 40.09 ? 133 GLU A OE1 1 
ATOM   885  O OE2 . GLU A 1 112 ? 2.356   0.894   -12.121 1.00 41.96 ? 133 GLU A OE2 1 
ATOM   886  N N   . MET A 1 113 ? -4.135  -0.884  -13.235 1.00 32.69 ? 134 MET A N   1 
ATOM   887  C CA  . MET A 1 113 ? -5.289  -1.232  -14.060 1.00 32.07 ? 134 MET A CA  1 
ATOM   888  C C   . MET A 1 113 ? -6.505  -0.369  -13.703 1.00 36.99 ? 134 MET A C   1 
ATOM   889  O O   . MET A 1 113 ? -7.224  0.095   -14.590 1.00 42.17 ? 134 MET A O   1 
ATOM   890  C CB  . MET A 1 113 ? -5.635  -2.715  -13.911 1.00 28.45 ? 134 MET A CB  1 
ATOM   891  C CG  . MET A 1 113 ? -6.645  -3.212  -14.945 1.00 43.20 ? 134 MET A CG  1 
ATOM   892  S SD  . MET A 1 113 ? -7.039  -4.971  -14.820 1.00 50.32 ? 134 MET A SD  1 
ATOM   893  C CE  . MET A 1 113 ? -8.049  -4.996  -13.343 1.00 36.21 ? 134 MET A CE  1 
ATOM   894  N N   . TYR A 1 114 ? -6.729  -0.165  -12.403 1.00 27.35 ? 135 TYR A N   1 
ATOM   895  C CA  . TYR A 1 114 ? -7.834  0.663   -11.916 1.00 30.26 ? 135 TYR A CA  1 
ATOM   896  C C   . TYR A 1 114 ? -7.650  2.134   -12.292 1.00 38.48 ? 135 TYR A C   1 
ATOM   897  O O   . TYR A 1 114 ? -8.588  2.799   -12.728 1.00 33.50 ? 135 TYR A O   1 
ATOM   898  C CB  . TYR A 1 114 ? -7.972  0.518   -10.398 1.00 27.07 ? 135 TYR A CB  1 
ATOM   899  C CG  . TYR A 1 114 ? -8.966  1.462   -9.747  1.00 32.03 ? 135 TYR A CG  1 
ATOM   900  C CD1 . TYR A 1 114 ? -10.316 1.427   -10.086 1.00 37.10 ? 135 TYR A CD1 1 
ATOM   901  C CD2 . TYR A 1 114 ? -8.562  2.362   -8.768  1.00 28.50 ? 135 TYR A CD2 1 
ATOM   902  C CE1 . TYR A 1 114 ? -11.234 2.279   -9.479  1.00 31.93 ? 135 TYR A CE1 1 
ATOM   903  C CE2 . TYR A 1 114 ? -9.477  3.219   -8.151  1.00 31.43 ? 135 TYR A CE2 1 
ATOM   904  C CZ  . TYR A 1 114 ? -10.809 3.171   -8.516  1.00 27.90 ? 135 TYR A CZ  1 
ATOM   905  O OH  . TYR A 1 114 ? -11.723 4.015   -7.915  1.00 39.62 ? 135 TYR A OH  1 
ATOM   906  N N   . GLN A 1 115 ? -6.430  2.632   -12.121 1.00 33.82 ? 136 GLN A N   1 
ATOM   907  C CA  . GLN A 1 115 ? -6.113  4.019   -12.450 1.00 44.36 ? 136 GLN A CA  1 
ATOM   908  C C   . GLN A 1 115 ? -6.133  4.284   -13.962 1.00 52.88 ? 136 GLN A C   1 
ATOM   909  O O   . GLN A 1 115 ? -6.284  5.430   -14.392 1.00 55.14 ? 136 GLN A O   1 
ATOM   910  C CB  . GLN A 1 115 ? -4.759  4.406   -11.853 1.00 36.93 ? 136 GLN A CB  1 
ATOM   911  C CG  . GLN A 1 115 ? -4.748  4.410   -10.328 1.00 45.44 ? 136 GLN A CG  1 
ATOM   912  C CD  . GLN A 1 115 ? -3.356  4.202   -9.747  1.00 50.95 ? 136 GLN A CD  1 
ATOM   913  O OE1 . GLN A 1 115 ? -2.365  4.118   -10.481 1.00 44.91 ? 136 GLN A OE1 1 
ATOM   914  N NE2 . GLN A 1 115 ? -3.278  4.112   -8.424  1.00 40.93 ? 136 GLN A NE2 1 
ATOM   915  N N   . ASN A 1 116 ? -5.981  3.231   -14.764 1.00 37.92 ? 137 ASN A N   1 
ATOM   916  C CA  . ASN A 1 116 ? -6.096  3.358   -16.218 1.00 47.75 ? 137 ASN A CA  1 
ATOM   917  C C   . ASN A 1 116 ? -7.530  3.216   -16.723 1.00 54.75 ? 137 ASN A C   1 
ATOM   918  O O   . ASN A 1 116 ? -7.811  3.459   -17.898 1.00 61.80 ? 137 ASN A O   1 
ATOM   919  C CB  . ASN A 1 116 ? -5.191  2.350   -16.925 1.00 50.81 ? 137 ASN A CB  1 
ATOM   920  C CG  . ASN A 1 116 ? -3.723  2.681   -16.766 1.00 54.43 ? 137 ASN A CG  1 
ATOM   921  O OD1 . ASN A 1 116 ? -3.353  3.843   -16.587 1.00 55.24 ? 137 ASN A OD1 1 
ATOM   922  N ND2 . ASN A 1 116 ? -2.875  1.660   -16.824 1.00 53.75 ? 137 ASN A ND2 1 
ATOM   923  N N   . ASN A 1 117 ? -8.431  2.826   -15.825 1.00 49.89 ? 138 ASN A N   1 
ATOM   924  C CA  . ASN A 1 117 ? -9.837  2.608   -16.167 1.00 60.68 ? 138 ASN A CA  1 
ATOM   925  C C   . ASN A 1 117 ? -10.022 1.536   -17.239 1.00 65.64 ? 138 ASN A C   1 
ATOM   926  O O   . ASN A 1 117 ? -9.855  0.342   -16.972 1.00 66.13 ? 138 ASN A O   1 
ATOM   927  C CB  . ASN A 1 117 ? -10.513 3.921   -16.581 1.00 52.34 ? 138 ASN A CB  1 
ATOM   928  C CG  . ASN A 1 117 ? -10.704 4.872   -15.409 1.00 68.28 ? 138 ASN A CG  1 
ATOM   929  O OD1 . ASN A 1 117 ? -11.114 4.458   -14.320 1.00 64.38 ? 138 ASN A OD1 1 
ATOM   930  N ND2 . ASN A 1 117 ? -10.398 6.152   -15.622 1.00 65.71 ? 138 ASN A ND2 1 
ATOM   931  N N   . GLU A 1 132 ? -12.977 -7.657  6.737   1.00 40.93 ? 153 GLU A N   1 
ATOM   932  C CA  . GLU A 1 132 ? -11.550 -7.422  6.532   1.00 42.29 ? 153 GLU A CA  1 
ATOM   933  C C   . GLU A 1 132 ? -10.782 -8.713  6.271   1.00 40.30 ? 153 GLU A C   1 
ATOM   934  O O   . GLU A 1 132 ? -11.060 -9.754  6.881   1.00 40.98 ? 153 GLU A O   1 
ATOM   935  C CB  . GLU A 1 132 ? -10.939 -6.661  7.712   1.00 44.85 ? 153 GLU A CB  1 
ATOM   936  C CG  . GLU A 1 132 ? -11.577 -6.964  9.056   1.00 51.63 ? 153 GLU A CG  1 
ATOM   937  C CD  . GLU A 1 132 ? -11.665 -5.729  9.940   1.00 62.45 ? 153 GLU A CD  1 
ATOM   938  O OE1 . GLU A 1 132 ? -12.536 -4.863  9.679   1.00 46.19 ? 153 GLU A OE1 1 
ATOM   939  O OE2 . GLU A 1 132 ? -10.854 -5.618  10.887  1.00 66.66 ? 153 GLU A OE2 1 
ATOM   940  N N   . LEU A 1 133 ? -9.821  -8.636  5.350   1.00 30.32 ? 154 LEU A N   1 
ATOM   941  C CA  . LEU A 1 133 ? -9.040  -9.801  4.956   1.00 31.59 ? 154 LEU A CA  1 
ATOM   942  C C   . LEU A 1 133 ? -7.544  -9.532  5.083   1.00 29.63 ? 154 LEU A C   1 
ATOM   943  O O   . LEU A 1 133 ? -6.823  -9.429  4.093   1.00 23.24 ? 154 LEU A O   1 
ATOM   944  C CB  . LEU A 1 133 ? -9.427  -10.271 3.548   1.00 23.84 ? 154 LEU A CB  1 
ATOM   945  C CG  . LEU A 1 133 ? -10.810 -10.939 3.493   1.00 34.85 ? 154 LEU A CG  1 
ATOM   946  C CD1 . LEU A 1 133 ? -11.439 -10.937 2.083   1.00 31.74 ? 154 LEU A CD1 1 
ATOM   947  C CD2 . LEU A 1 133 ? -10.755 -12.356 4.075   1.00 39.01 ? 154 LEU A CD2 1 
ATOM   948  N N   . TRP A 1 134 ? -7.085  -9.415  6.322   1.00 32.89 ? 155 TRP A N   1 
ATOM   949  C CA  . TRP A 1 134 ? -5.665  -9.215  6.583   1.00 32.46 ? 155 TRP A CA  1 
ATOM   950  C C   . TRP A 1 134 ? -4.894  -10.440 6.085   1.00 39.54 ? 155 TRP A C   1 
ATOM   951  O O   . TRP A 1 134 ? -5.270  -11.588 6.361   1.00 30.09 ? 155 TRP A O   1 
ATOM   952  C CB  . TRP A 1 134 ? -5.428  -8.941  8.072   1.00 23.08 ? 155 TRP A CB  1 
ATOM   953  C CG  . TRP A 1 134 ? -6.128  -7.677  8.556   1.00 25.35 ? 155 TRP A CG  1 
ATOM   954  C CD1 . TRP A 1 134 ? -7.331  -7.594  9.229   1.00 31.61 ? 155 TRP A CD1 1 
ATOM   955  C CD2 . TRP A 1 134 ? -5.676  -6.324  8.383   1.00 22.48 ? 155 TRP A CD2 1 
ATOM   956  N NE1 . TRP A 1 134 ? -7.640  -6.272  9.487   1.00 32.35 ? 155 TRP A NE1 1 
ATOM   957  C CE2 . TRP A 1 134 ? -6.645  -5.475  8.978   1.00 29.53 ? 155 TRP A CE2 1 
ATOM   958  C CE3 . TRP A 1 134 ? -4.547  -5.747  7.780   1.00 24.26 ? 155 TRP A CE3 1 
ATOM   959  C CZ2 . TRP A 1 134 ? -6.518  -4.077  8.981   1.00 27.37 ? 155 TRP A CZ2 1 
ATOM   960  C CZ3 . TRP A 1 134 ? -4.417  -4.358  7.794   1.00 23.36 ? 155 TRP A CZ3 1 
ATOM   961  C CH2 . TRP A 1 134 ? -5.406  -3.540  8.382   1.00 23.85 ? 155 TRP A CH2 1 
ATOM   962  N N   . SER A 1 135 ? -3.838  -10.188 5.316   1.00 32.57 ? 156 SER A N   1 
ATOM   963  C CA  . SER A 1 135 ? -3.055  -11.259 4.707   1.00 36.12 ? 156 SER A CA  1 
ATOM   964  C C   . SER A 1 135 ? -2.186  -11.975 5.741   1.00 41.04 ? 156 SER A C   1 
ATOM   965  O O   . SER A 1 135 ? -1.792  -13.133 5.550   1.00 41.89 ? 156 SER A O   1 
ATOM   966  C CB  . SER A 1 135 ? -2.173  -10.692 3.595   1.00 28.24 ? 156 SER A CB  1 
ATOM   967  O OG  . SER A 1 135 ? -1.407  -9.596  4.080   1.00 29.54 ? 156 SER A OG  1 
ATOM   968  N N   . HIS A 1 136 ? -1.887  -11.275 6.833   1.00 35.17 ? 157 HIS A N   1 
ATOM   969  C CA  . HIS A 1 136 ? -1.029  -11.814 7.879   1.00 34.03 ? 157 HIS A CA  1 
ATOM   970  C C   . HIS A 1 136 ? -1.755  -11.841 9.235   1.00 37.97 ? 157 HIS A C   1 
ATOM   971  O O   . HIS A 1 136 ? -1.395  -11.096 10.144  1.00 33.98 ? 157 HIS A O   1 
ATOM   972  C CB  . HIS A 1 136 ? 0.272   -10.997 7.989   1.00 30.63 ? 157 HIS A CB  1 
ATOM   973  C CG  . HIS A 1 136 ? 1.186   -11.112 6.798   1.00 39.23 ? 157 HIS A CG  1 
ATOM   974  N ND1 . HIS A 1 136 ? 0.873   -10.595 5.557   1.00 33.68 ? 157 HIS A ND1 1 
ATOM   975  C CD2 . HIS A 1 136 ? 2.424   -11.655 6.676   1.00 37.22 ? 157 HIS A CD2 1 
ATOM   976  C CE1 . HIS A 1 136 ? 1.869   -10.831 4.720   1.00 33.52 ? 157 HIS A CE1 1 
ATOM   977  N NE2 . HIS A 1 136 ? 2.822   -11.472 5.374   1.00 34.00 ? 157 HIS A NE2 1 
ATOM   978  N N   . PRO A 1 137 ? -2.792  -12.693 9.370   1.00 49.60 ? 158 PRO A N   1 
ATOM   979  C CA  . PRO A 1 137 ? -3.486  -12.871 10.654  1.00 48.64 ? 158 PRO A CA  1 
ATOM   980  C C   . PRO A 1 137 ? -2.587  -13.560 11.679  1.00 44.63 ? 158 PRO A C   1 
ATOM   981  O O   . PRO A 1 137 ? -2.365  -12.982 12.746  1.00 57.19 ? 158 PRO A O   1 
ATOM   982  C CB  . PRO A 1 137 ? -4.654  -13.799 10.306  1.00 49.95 ? 158 PRO A CB  1 
ATOM   983  C CG  . PRO A 1 137 ? -4.777  -13.752 8.830   1.00 48.08 ? 158 PRO A CG  1 
ATOM   984  C CD  . PRO A 1 137 ? -3.407  -13.496 8.300   1.00 39.14 ? 158 PRO A CD  1 
HETATM 985  C C1  . CYH B 2 .   ? 0.652   -0.196  1.745   1.00 22.64 ? 200 CYH A C1  1 
HETATM 986  O O1  . CYH B 2 .   ? 1.376   0.145   2.672   1.00 33.89 ? 200 CYH A O1  1 
HETATM 987  C C2  . CYH B 2 .   ? 0.864   -1.554  1.123   1.00 22.80 ? 200 CYH A C2  1 
HETATM 988  C C3  . CYH B 2 .   ? -0.440  -2.152  0.607   1.00 24.55 ? 200 CYH A C3  1 
HETATM 989  C C4  . CYH B 2 .   ? -1.253  -1.154  -0.195  1.00 19.32 ? 200 CYH A C4  1 
HETATM 990  C C5  . CYH B 2 .   ? -1.623  0.062   0.639   1.00 23.57 ? 200 CYH A C5  1 
HETATM 991  C C6  . CYH B 2 .   ? -0.414  0.758   1.250   1.00 27.06 ? 200 CYH A C6  1 
HETATM 992  N N   . NH4 C 3 .   ? -14.949 -15.297 -5.351  1.00 19.27 ? 201 NH4 A N   1 
HETATM 993  N N   . NH4 D 3 .   ? 5.307   -12.279 4.055   1.00 11.53 ? 202 NH4 A N   1 
HETATM 994  N N   . NH4 E 3 .   ? -9.306  -1.813  7.049   1.00 17.16 ? 203 NH4 A N   1 
HETATM 995  N N   . NH4 F 3 .   ? 6.961   18.726  6.859   1.00 22.34 ? 204 NH4 A N   1 
HETATM 996  O O   . HOH G 4 .   ? 5.670   -2.300  7.917   1.00 13.27 ? 205 HOH A O   1 
HETATM 997  O O   . HOH G 4 .   ? -15.757 -13.982 -3.108  1.00 11.06 ? 206 HOH A O   1 
HETATM 998  O O   . HOH G 4 .   ? 5.782   5.871   7.568   1.00 15.87 ? 207 HOH A O   1 
HETATM 999  O O   . HOH G 4 .   ? -7.659  -3.338  -10.645 1.00 30.93 ? 208 HOH A O   1 
HETATM 1000 O O   . HOH G 4 .   ? 12.865  14.560  -5.161  1.00 27.30 ? 209 HOH A O   1 
HETATM 1001 O O   . HOH G 4 .   ? -13.869 -12.510 0.092   1.00 19.95 ? 210 HOH A O   1 
HETATM 1002 O O   . HOH G 4 .   ? 1.008   -0.966  12.215  1.00 21.58 ? 211 HOH A O   1 
HETATM 1003 O O   . HOH G 4 .   ? 8.265   16.406  5.944   1.00 18.99 ? 212 HOH A O   1 
HETATM 1004 O O   . HOH G 4 .   ? 11.721  9.306   5.623   1.00 27.49 ? 213 HOH A O   1 
HETATM 1005 O O   . HOH G 4 .   ? -16.993 -5.551  -7.555  1.00 27.72 ? 214 HOH A O   1 
HETATM 1006 O O   . HOH G 4 .   ? 14.134  -10.539 3.596   1.00 29.55 ? 215 HOH A O   1 
HETATM 1007 O O   . HOH G 4 .   ? -21.624 -3.741  -0.207  1.00 26.29 ? 216 HOH A O   1 
HETATM 1008 O O   . HOH G 4 .   ? 3.824   -17.584 -1.355  1.00 21.35 ? 217 HOH A O   1 
HETATM 1009 O O   . HOH G 4 .   ? 0.697   14.662  -10.048 1.00 31.20 ? 218 HOH A O   1 
HETATM 1010 O O   . HOH G 4 .   ? 15.775  -6.522  6.507   1.00 30.22 ? 219 HOH A O   1 
HETATM 1011 O O   . HOH G 4 .   ? -11.340 -0.169  6.085   1.00 28.50 ? 220 HOH A O   1 
HETATM 1012 O O   . HOH G 4 .   ? -5.333  13.887  7.370   1.00 23.10 ? 221 HOH A O   1 
HETATM 1013 O O   . HOH G 4 .   ? 5.996   -14.723 5.151   1.00 29.46 ? 222 HOH A O   1 
HETATM 1014 O O   . HOH G 4 .   ? 8.346   7.165   8.762   1.00 34.99 ? 223 HOH A O   1 
HETATM 1015 O O   . HOH G 4 .   ? -14.075 -13.974 -10.269 1.00 35.76 ? 224 HOH A O   1 
HETATM 1016 O O   . HOH G 4 .   ? 12.987  4.260   4.726   1.00 29.27 ? 225 HOH A O   1 
HETATM 1017 O O   . HOH G 4 .   ? -8.167  6.191   -1.881  1.00 38.45 ? 226 HOH A O   1 
HETATM 1018 O O   . HOH G 4 .   ? 11.862  0.502   11.020  1.00 28.67 ? 227 HOH A O   1 
HETATM 1019 O O   . HOH G 4 .   ? 3.419   19.151  1.977   1.00 31.92 ? 228 HOH A O   1 
HETATM 1020 O O   . HOH G 4 .   ? -2.733  19.932  -1.145  1.00 42.48 ? 229 HOH A O   1 
HETATM 1021 O O   . HOH G 4 .   ? -17.244 -9.210  -8.026  1.00 33.72 ? 230 HOH A O   1 
HETATM 1022 O O   . HOH G 4 .   ? 10.258  9.681   8.611   1.00 33.42 ? 231 HOH A O   1 
HETATM 1023 O O   . HOH G 4 .   ? -1.985  -8.077  -9.119  1.00 33.12 ? 232 HOH A O   1 
HETATM 1024 O O   . HOH G 4 .   ? 5.142   5.401   12.670  1.00 28.41 ? 233 HOH A O   1 
HETATM 1025 O O   . HOH G 4 .   ? 15.073  -3.880  5.979   1.00 25.40 ? 234 HOH A O   1 
HETATM 1026 O O   . HOH G 4 .   ? -10.623 0.908   1.725   1.00 25.06 ? 235 HOH A O   1 
HETATM 1027 O O   . HOH G 4 .   ? -11.010 -4.650  -9.213  1.00 29.93 ? 236 HOH A O   1 
HETATM 1028 O O   . HOH G 4 .   ? -7.669  -11.332 -9.370  1.00 20.42 ? 237 HOH A O   1 
HETATM 1029 O O   . HOH G 4 .   ? -10.380 -10.443 -9.746  1.00 29.94 ? 238 HOH A O   1 
HETATM 1030 O O   . HOH G 4 .   ? -15.989 -4.283  4.421   1.00 30.20 ? 239 HOH A O   1 
HETATM 1031 O O   . HOH G 4 .   ? -2.601  16.294  -2.378  1.00 39.57 ? 240 HOH A O   1 
HETATM 1032 O O   . HOH G 4 .   ? 7.459   21.093  6.609   1.00 32.57 ? 241 HOH A O   1 
HETATM 1033 O O   . HOH G 4 .   ? 11.568  -1.311  -7.167  1.00 34.73 ? 242 HOH A O   1 
HETATM 1034 O O   . HOH G 4 .   ? -19.456 -7.133  1.652   1.00 22.75 ? 243 HOH A O   1 
HETATM 1035 O O   . HOH G 4 .   ? -14.643 -10.601 2.027   1.00 31.39 ? 244 HOH A O   1 
HETATM 1036 O O   . HOH G 4 .   ? -5.671  -9.674  -9.433  1.00 20.38 ? 245 HOH A O   1 
HETATM 1037 O O   . HOH G 4 .   ? -2.437  -1.268  -16.390 0.50 42.93 ? 246 HOH A O   1 
HETATM 1038 O O   . HOH G 4 .   ? 13.150  3.781   7.158   1.00 28.69 ? 247 HOH A O   1 
HETATM 1039 O O   . HOH G 4 .   ? -10.470 -2.284  -10.162 1.00 31.61 ? 248 HOH A O   1 
HETATM 1040 O O   . HOH G 4 .   ? 6.760   -7.607  -6.506  1.00 32.20 ? 249 HOH A O   1 
HETATM 1041 O O   . HOH G 4 .   ? -6.496  4.569   10.192  1.00 32.02 ? 250 HOH A O   1 
HETATM 1042 O O   . HOH G 4 .   ? -18.616 -3.599  -6.727  1.00 30.61 ? 251 HOH A O   1 
HETATM 1043 O O   . HOH G 4 .   ? 10.658  -6.610  -4.345  1.00 39.75 ? 252 HOH A O   1 
HETATM 1044 O O   . HOH G 4 .   ? 13.451  2.123   3.294   1.00 27.98 ? 253 HOH A O   1 
HETATM 1045 O O   . HOH G 4 .   ? -9.984  3.794   11.146  1.00 34.69 ? 254 HOH A O   1 
HETATM 1046 O O   . HOH G 4 .   ? -9.518  -7.767  -10.138 1.00 33.52 ? 255 HOH A O   1 
HETATM 1047 O O   . HOH G 4 .   ? 4.110   19.535  -5.741  1.00 30.58 ? 256 HOH A O   1 
HETATM 1048 O O   . HOH G 4 .   ? -2.246  -3.369  -14.797 0.50 30.47 ? 257 HOH A O   1 
HETATM 1049 O O   . HOH G 4 .   ? -18.200 -4.932  1.583   1.00 31.99 ? 258 HOH A O   1 
HETATM 1050 O O   . HOH G 4 .   ? -3.767  0.914   10.017  1.00 32.65 ? 259 HOH A O   1 
HETATM 1051 O O   . HOH G 4 .   ? 4.455   -8.184  9.102   1.00 26.90 ? 260 HOH A O   1 
HETATM 1052 O O   . HOH G 4 .   ? 0.422   7.581   9.688   1.00 40.03 ? 261 HOH A O   1 
HETATM 1053 O O   . HOH G 4 .   ? -6.594  -11.478 -12.035 1.00 29.57 ? 262 HOH A O   1 
HETATM 1054 O O   . HOH G 4 .   ? -18.660 0.107   -6.279  1.00 40.87 ? 263 HOH A O   1 
HETATM 1055 O O   . HOH G 4 .   ? 3.724   -6.880  7.005   1.00 29.68 ? 264 HOH A O   1 
HETATM 1056 O O   . HOH G 4 .   ? 3.430   7.451   9.298   1.00 34.35 ? 265 HOH A O   1 
HETATM 1057 O O   . HOH G 4 .   ? -12.712 2.946   -4.888  1.00 36.08 ? 266 HOH A O   1 
HETATM 1058 O O   . HOH G 4 .   ? 6.830   -5.148  13.420  1.00 36.48 ? 267 HOH A O   1 
HETATM 1059 O O   . HOH G 4 .   ? -0.970  11.226  8.094   1.00 31.93 ? 268 HOH A O   1 
HETATM 1060 O O   . HOH G 4 .   ? -3.008  -17.956 -1.374  1.00 20.46 ? 269 HOH A O   1 
HETATM 1061 O O   . HOH G 4 .   ? 8.320   15.303  -10.454 1.00 41.41 ? 270 HOH A O   1 
HETATM 1062 O O   . HOH G 4 .   ? -15.867 1.327   -2.572  1.00 32.33 ? 271 HOH A O   1 
HETATM 1063 O O   . HOH G 4 .   ? -10.090 5.793   8.087   1.00 37.37 ? 272 HOH A O   1 
HETATM 1064 O O   . HOH G 4 .   ? -8.672  -10.820 8.556   1.00 34.84 ? 273 HOH A O   1 
# 
